data_8Y3O
#
_entry.id   8Y3O
#
_cell.length_a   1.00
_cell.length_b   1.00
_cell.length_c   1.00
_cell.angle_alpha   90.00
_cell.angle_beta   90.00
_cell.angle_gamma   90.00
#
_symmetry.space_group_name_H-M   'P 1'
#
loop_
_entity.id
_entity.type
_entity.pdbx_description
1 polymer B646L
2 polymer 'Light chain of B1'
3 polymer 'Heavy chain of B1'
#
loop_
_entity_poly.entity_id
_entity_poly.type
_entity_poly.pdbx_seq_one_letter_code
_entity_poly.pdbx_strand_id
1 'polypeptide(L)'
;MHHHHHHHHHHGSDYKDHDGDYKDHDIDYKDDDDKELENLYFQGAGSMASGGAFCLIANDGKADKIILAQDLLNSRISNI
KNVNKSYGKPDPEPTLSQIEETHLVHFNAHFKPYVPVGFEYNKVRPHTGTPTLGNKLTFGIPQYGDFFHDMVGHHILGAC
HSSWQDAPIQGTSQMGAHGQLQTFPRNGYDWDNQTPLEGAVYTLVDPFGRPIVPGTKNAYRNLVYYCEYPGERLYENVRF
DVNGNSLDEYSSDVTTLVRKFCIPGDKMTGYKHLVGQEVSVEGTSGPLLCNIHDLHKPHQSKPILTDENDTQRTCSHTNP
KFLSQHFPENSHNIQTAGKQDITPITDATYLDIRRNVHYSCNGPQTPKYYQPPLALWIKLRFWFNENVNLAIPSVSIPFG
ERFITIKLASQKDLVNEFPGLFVRQSRFIAGRPSRRNIRFKPWFIPGVINEISLTNNELYINNLFVTPEIHNLFVKRVRF
SLIRVHKTQVTHTNNNHHDEKLMSALKWPIEYMFIGLKPTWNISDQNPHQHRDWHKFGHVVNAIMQPTHHAEISFQDRDT
ALPDACSSISDISPVTYPITLPIIKNISVTAHGINLIDKFPSKFCSSYIPFHYGGNAIKTPDDPGAMMITFALKPREEYQ
PSGHINVSRAREFYISWDTDYVGSITTADLVVSASAINFLLLQNGSAVLRYST
;
C,A,B
2 'polypeptide(L)'
;DIVLTQTPRSLSVSPGEPASISCRSSQSLEEYGKNWLSWYQQKPGQSPRLLIYQATNRASWVPERFSGSGSGTDFTLKIS
RVEAEDVGVYYCFQDLQPPNGFGAGTKLELK
;
D,E,F
3 'polypeptide(L)'
;EVKLVESGGGLVQPGGSLKLSCVGSGSTFSSDAVSWVRQAPGKGLEWLAGIDGDGGGGSTYYADSVKGRFTISRDNSQKT
AYLQMNSLRTDDTARYYCAECPMVLLAKCSMEFWGPGVEVVVS
;
H,G,I
#
# COMPACT_ATOMS: atom_id res chain seq x y z
N GLY A 118 9.15 -43.25 -29.29
CA GLY A 118 7.93 -42.72 -28.70
C GLY A 118 7.83 -42.99 -27.20
N PHE A 119 6.82 -42.41 -26.57
CA PHE A 119 6.61 -42.59 -25.14
C PHE A 119 5.14 -42.36 -24.81
N GLU A 120 4.70 -43.00 -23.73
CA GLU A 120 3.34 -42.86 -23.23
C GLU A 120 3.38 -42.79 -21.71
N TYR A 121 2.21 -42.68 -21.08
CA TYR A 121 2.13 -42.57 -19.64
C TYR A 121 1.20 -43.64 -19.08
N ASN A 122 1.51 -44.10 -17.87
CA ASN A 122 0.68 -45.09 -17.20
C ASN A 122 0.55 -44.73 -15.73
N LYS A 123 -0.45 -45.33 -15.09
CA LYS A 123 -0.81 -45.05 -13.71
C LYS A 123 -0.44 -46.24 -12.84
N VAL A 124 -0.09 -45.97 -11.59
CA VAL A 124 0.20 -47.00 -10.61
C VAL A 124 -0.70 -46.79 -9.40
N ARG A 125 -1.51 -47.80 -9.10
CA ARG A 125 -2.37 -47.74 -7.93
C ARG A 125 -1.55 -48.00 -6.67
N PRO A 126 -1.94 -47.40 -5.54
CA PRO A 126 -1.19 -47.63 -4.29
C PRO A 126 -1.40 -49.04 -3.77
N HIS A 127 -0.28 -49.72 -3.48
CA HIS A 127 -0.32 -51.09 -2.99
C HIS A 127 -0.69 -51.16 -1.51
N THR A 128 -0.60 -50.05 -0.77
CA THR A 128 -0.90 -50.07 0.65
C THR A 128 -2.40 -50.26 0.89
N GLY A 129 -3.23 -49.48 0.19
CA GLY A 129 -4.66 -49.54 0.40
C GLY A 129 -5.12 -48.58 1.48
N THR A 130 -6.05 -47.68 1.12
CA THR A 130 -6.58 -46.59 1.96
C THR A 130 -5.46 -45.76 2.57
N PRO A 131 -4.78 -44.90 1.80
CA PRO A 131 -3.67 -44.13 2.38
C PRO A 131 -4.14 -43.14 3.43
N THR A 132 -3.28 -42.91 4.42
CA THR A 132 -3.56 -42.01 5.53
C THR A 132 -2.30 -41.20 5.79
N LEU A 133 -2.49 -39.94 6.23
CA LEU A 133 -1.36 -39.09 6.57
C LEU A 133 -0.60 -39.66 7.77
N GLY A 134 0.71 -39.64 7.68
CA GLY A 134 1.56 -40.22 8.71
C GLY A 134 1.84 -41.70 8.56
N ASN A 135 1.28 -42.34 7.54
CA ASN A 135 1.49 -43.76 7.30
C ASN A 135 2.21 -43.97 5.97
N LYS A 136 2.89 -45.11 5.86
CA LYS A 136 3.66 -45.39 4.65
C LYS A 136 2.74 -45.78 3.50
N LEU A 137 3.10 -45.33 2.30
CA LEU A 137 2.42 -45.67 1.06
C LEU A 137 3.36 -46.45 0.16
N THR A 138 2.88 -47.54 -0.39
CA THR A 138 3.66 -48.41 -1.25
C THR A 138 3.12 -48.36 -2.68
N PHE A 139 4.00 -48.06 -3.62
CA PHE A 139 3.67 -48.07 -5.04
C PHE A 139 4.49 -49.15 -5.74
N GLY A 140 3.87 -49.84 -6.69
CA GLY A 140 4.54 -50.92 -7.39
C GLY A 140 4.73 -50.68 -8.87
N ILE A 141 5.97 -50.73 -9.34
CA ILE A 141 6.30 -50.48 -10.74
C ILE A 141 5.99 -51.73 -11.57
N PRO A 142 5.11 -51.64 -12.57
CA PRO A 142 4.85 -52.81 -13.41
C PRO A 142 5.84 -52.94 -14.55
N GLN A 143 5.63 -53.92 -15.43
CA GLN A 143 6.46 -54.12 -16.61
C GLN A 143 5.63 -53.74 -17.83
N TYR A 144 5.99 -52.63 -18.47
CA TYR A 144 5.27 -52.19 -19.65
C TYR A 144 6.23 -51.74 -20.76
N GLY A 145 7.52 -51.66 -20.49
CA GLY A 145 8.46 -51.21 -21.50
C GLY A 145 9.88 -51.50 -21.08
N ASP A 146 10.82 -50.83 -21.75
CA ASP A 146 12.24 -51.02 -21.51
C ASP A 146 12.87 -49.93 -20.66
N PHE A 147 12.48 -48.67 -20.86
CA PHE A 147 13.07 -47.54 -20.15
C PHE A 147 11.99 -46.68 -19.54
N PHE A 148 12.17 -46.32 -18.27
CA PHE A 148 11.29 -45.39 -17.58
C PHE A 148 12.13 -44.58 -16.60
N HIS A 149 12.03 -43.26 -16.67
CA HIS A 149 12.89 -42.40 -15.85
C HIS A 149 12.12 -41.50 -14.89
N ASP A 150 11.17 -40.71 -15.36
CA ASP A 150 10.52 -39.73 -14.51
C ASP A 150 9.12 -40.18 -14.10
N MET A 151 8.71 -39.76 -12.92
CA MET A 151 7.43 -40.15 -12.36
C MET A 151 6.99 -39.12 -11.34
N VAL A 152 5.68 -38.98 -11.20
CA VAL A 152 5.08 -37.96 -10.34
C VAL A 152 3.96 -38.58 -9.52
N GLY A 153 4.03 -38.41 -8.19
CA GLY A 153 2.94 -38.81 -7.33
C GLY A 153 1.87 -37.74 -7.28
N HIS A 154 0.64 -38.12 -7.59
CA HIS A 154 -0.49 -37.20 -7.65
C HIS A 154 -1.44 -37.52 -6.50
N HIS A 155 -1.72 -36.51 -5.68
CA HIS A 155 -2.66 -36.65 -4.57
C HIS A 155 -3.65 -35.50 -4.61
N ILE A 156 -4.85 -35.75 -4.08
CA ILE A 156 -5.87 -34.71 -3.91
C ILE A 156 -6.23 -34.71 -2.43
N LEU A 157 -5.59 -33.83 -1.66
CA LEU A 157 -5.88 -33.70 -0.25
C LEU A 157 -7.28 -33.09 -0.06
N GLY A 158 -8.03 -33.66 0.87
CA GLY A 158 -9.42 -33.28 1.04
C GLY A 158 -9.59 -31.92 1.67
N ALA A 159 -10.84 -31.47 1.68
CA ALA A 159 -11.17 -30.18 2.27
C ALA A 159 -11.04 -30.24 3.79
N CYS A 160 -10.56 -29.14 4.36
CA CYS A 160 -10.34 -29.07 5.79
C CYS A 160 -10.92 -27.78 6.35
N HIS A 161 -11.33 -27.84 7.61
CA HIS A 161 -11.90 -26.71 8.32
C HIS A 161 -11.77 -26.98 9.81
N SER A 162 -11.56 -25.91 10.58
CA SER A 162 -11.46 -26.06 12.02
C SER A 162 -12.84 -26.26 12.63
N SER A 163 -12.85 -26.84 13.82
CA SER A 163 -14.09 -27.09 14.53
C SER A 163 -14.68 -25.79 15.06
N TRP A 164 -15.99 -25.79 15.28
CA TRP A 164 -16.66 -24.65 15.88
C TRP A 164 -16.25 -24.49 17.34
N GLN A 165 -16.01 -23.25 17.75
CA GLN A 165 -15.53 -22.96 19.09
C GLN A 165 -16.37 -21.87 19.72
N ASP A 166 -16.49 -21.92 21.04
CA ASP A 166 -17.30 -20.97 21.79
C ASP A 166 -16.49 -19.72 22.08
N ALA A 167 -17.17 -18.57 22.04
CA ALA A 167 -16.51 -17.31 22.33
C ALA A 167 -16.20 -17.23 23.82
N PRO A 168 -14.98 -16.85 24.20
CA PRO A 168 -14.62 -16.83 25.62
C PRO A 168 -15.29 -15.71 26.37
N ILE A 169 -15.38 -15.89 27.68
CA ILE A 169 -15.87 -14.88 28.60
C ILE A 169 -14.73 -13.91 28.89
N GLN A 170 -15.07 -12.64 29.09
CA GLN A 170 -14.08 -11.64 29.44
C GLN A 170 -13.50 -11.91 30.83
N GLY A 171 -12.24 -11.53 31.01
CA GLY A 171 -11.56 -11.77 32.26
C GLY A 171 -11.03 -13.17 32.46
N THR A 172 -11.08 -14.00 31.43
CA THR A 172 -10.63 -15.38 31.50
C THR A 172 -9.37 -15.56 30.67
N SER A 173 -8.35 -16.18 31.28
CA SER A 173 -7.14 -16.55 30.58
C SER A 173 -7.17 -18.05 30.35
N GLN A 174 -7.12 -18.48 29.10
CA GLN A 174 -7.22 -19.88 28.73
C GLN A 174 -5.93 -20.30 28.05
N MET A 175 -5.50 -21.53 28.32
CA MET A 175 -4.20 -22.00 27.85
C MET A 175 -4.21 -22.19 26.35
N GLY A 176 -3.19 -21.64 25.68
CA GLY A 176 -3.14 -21.59 24.24
C GLY A 176 -2.07 -22.49 23.64
N ALA A 177 -1.82 -22.29 22.36
CA ALA A 177 -0.89 -23.13 21.62
C ALA A 177 0.55 -22.78 21.94
N HIS A 178 1.43 -23.78 21.79
CA HIS A 178 2.88 -23.65 21.91
C HIS A 178 3.32 -23.12 23.26
N GLY A 179 2.55 -23.40 24.31
CA GLY A 179 2.91 -22.96 25.64
C GLY A 179 2.69 -21.49 25.91
N GLN A 180 2.04 -20.77 25.00
CA GLN A 180 1.83 -19.33 25.14
C GLN A 180 0.39 -19.10 25.57
N LEU A 181 0.23 -18.49 26.74
CA LEU A 181 -1.09 -18.30 27.33
C LEU A 181 -1.89 -17.25 26.56
N GLN A 182 -3.14 -17.57 26.25
CA GLN A 182 -4.06 -16.61 25.69
C GLN A 182 -4.91 -15.98 26.79
N THR A 183 -5.38 -14.76 26.53
CA THR A 183 -6.10 -14.02 27.54
C THR A 183 -7.06 -13.04 26.88
N PHE A 184 -8.18 -12.79 27.55
CA PHE A 184 -9.19 -11.81 27.16
C PHE A 184 -9.28 -10.85 28.33
N PRO A 185 -8.57 -9.72 28.28
CA PRO A 185 -8.40 -8.90 29.47
C PRO A 185 -9.67 -8.17 29.88
N ARG A 186 -9.74 -7.86 31.17
CA ARG A 186 -10.81 -7.04 31.71
C ARG A 186 -10.67 -5.60 31.23
N ASN A 187 -11.76 -4.85 31.32
CA ASN A 187 -11.72 -3.44 30.94
C ASN A 187 -10.88 -2.65 31.91
N GLY A 188 -10.12 -1.69 31.38
CA GLY A 188 -9.23 -0.91 32.21
C GLY A 188 -7.95 -1.60 32.61
N TYR A 189 -7.53 -2.63 31.87
CA TYR A 189 -6.32 -3.37 32.16
C TYR A 189 -5.47 -3.47 30.90
N ASP A 190 -4.22 -3.89 31.10
CA ASP A 190 -3.31 -4.13 29.99
C ASP A 190 -3.60 -5.51 29.39
N TRP A 191 -2.72 -5.98 28.51
CA TRP A 191 -2.93 -7.29 27.90
C TRP A 191 -2.76 -8.43 28.90
N ASP A 192 -1.84 -8.30 29.85
CA ASP A 192 -1.59 -9.39 30.79
C ASP A 192 -2.63 -9.51 31.91
N ASN A 193 -3.76 -8.81 31.82
CA ASN A 193 -4.85 -8.82 32.80
C ASN A 193 -4.40 -8.29 34.18
N GLN A 194 -3.25 -7.61 34.22
CA GLN A 194 -2.77 -6.89 35.39
C GLN A 194 -2.21 -5.57 34.90
N THR A 195 -1.62 -4.78 35.82
CA THR A 195 -1.01 -3.48 35.57
C THR A 195 -1.98 -2.57 34.81
N PRO A 196 -2.98 -2.00 35.49
CA PRO A 196 -4.14 -1.44 34.80
C PRO A 196 -3.80 -0.29 33.85
N LEU A 197 -4.52 -0.27 32.73
CA LEU A 197 -4.32 0.71 31.67
C LEU A 197 -5.62 1.48 31.48
N GLU A 198 -5.55 2.80 31.63
CA GLU A 198 -6.76 3.61 31.62
C GLU A 198 -7.35 3.70 30.22
N GLY A 199 -8.66 3.49 30.12
CA GLY A 199 -9.38 3.65 28.87
C GLY A 199 -9.41 2.43 27.97
N ALA A 200 -8.76 1.34 28.34
CA ALA A 200 -8.69 0.15 27.49
C ALA A 200 -10.01 -0.62 27.57
N VAL A 201 -10.63 -0.85 26.42
CA VAL A 201 -11.89 -1.58 26.32
C VAL A 201 -11.71 -2.72 25.34
N TYR A 202 -12.04 -3.93 25.77
CA TYR A 202 -11.75 -5.14 25.01
C TYR A 202 -13.04 -5.80 24.54
N THR A 203 -13.18 -5.98 23.24
CA THR A 203 -14.26 -6.74 22.63
C THR A 203 -13.67 -7.85 21.77
N LEU A 204 -14.54 -8.69 21.20
CA LEU A 204 -14.12 -9.76 20.30
C LEU A 204 -14.58 -9.43 18.89
N VAL A 205 -13.69 -9.63 17.91
CA VAL A 205 -14.01 -9.37 16.51
C VAL A 205 -13.55 -10.55 15.67
N ASP A 206 -14.28 -10.75 14.56
CA ASP A 206 -13.87 -11.65 13.51
C ASP A 206 -12.62 -11.06 12.82
N PRO A 207 -11.77 -11.90 12.21
CA PRO A 207 -10.57 -11.37 11.54
C PRO A 207 -10.86 -10.41 10.38
N PHE A 208 -12.10 -10.29 9.92
CA PHE A 208 -12.46 -9.31 8.91
C PHE A 208 -13.29 -8.17 9.48
N GLY A 209 -13.28 -8.00 10.80
CA GLY A 209 -13.89 -6.86 11.44
C GLY A 209 -15.31 -7.04 11.93
N ARG A 210 -15.83 -8.25 11.90
CA ARG A 210 -17.22 -8.47 12.29
C ARG A 210 -17.30 -8.78 13.78
N PRO A 211 -18.24 -8.19 14.51
CA PRO A 211 -18.32 -8.43 15.96
C PRO A 211 -18.73 -9.86 16.28
N ILE A 212 -18.20 -10.37 17.39
CA ILE A 212 -18.55 -11.68 17.92
C ILE A 212 -18.95 -11.50 19.37
N VAL A 213 -20.13 -11.99 19.73
CA VAL A 213 -20.66 -11.85 21.09
C VAL A 213 -19.99 -12.86 22.00
N PRO A 214 -19.40 -12.43 23.11
CA PRO A 214 -18.77 -13.38 24.04
C PRO A 214 -19.78 -14.32 24.68
N GLY A 215 -19.33 -15.55 24.93
CA GLY A 215 -20.18 -16.57 25.50
C GLY A 215 -21.07 -17.30 24.52
N THR A 216 -21.05 -16.92 23.24
CA THR A 216 -21.88 -17.59 22.25
C THR A 216 -21.35 -18.99 21.96
N LYS A 217 -22.25 -19.96 21.94
CA LYS A 217 -21.90 -21.33 21.59
C LYS A 217 -21.76 -21.45 20.08
N ASN A 218 -20.65 -22.06 19.64
CA ASN A 218 -20.29 -22.21 18.23
C ASN A 218 -20.26 -20.85 17.53
N ALA A 219 -19.37 -19.99 18.01
CA ALA A 219 -19.35 -18.60 17.56
C ALA A 219 -18.36 -18.34 16.43
N TYR A 220 -17.25 -19.08 16.37
CA TYR A 220 -16.23 -18.81 15.38
C TYR A 220 -15.51 -20.10 15.02
N ARG A 221 -14.75 -20.04 13.92
CA ARG A 221 -13.87 -21.12 13.50
C ARG A 221 -12.48 -20.56 13.27
N ASN A 222 -11.46 -21.35 13.58
CA ASN A 222 -10.11 -21.00 13.18
C ASN A 222 -9.98 -21.16 11.66
N LEU A 223 -9.06 -20.40 11.08
CA LEU A 223 -8.87 -20.37 9.64
C LEU A 223 -7.73 -21.32 9.30
N VAL A 224 -8.04 -22.43 8.65
CA VAL A 224 -7.03 -23.41 8.31
C VAL A 224 -6.22 -22.91 7.11
N TYR A 225 -4.91 -23.13 7.15
CA TYR A 225 -4.07 -22.79 6.02
C TYR A 225 -2.97 -23.83 5.90
N TYR A 226 -2.62 -24.16 4.66
CA TYR A 226 -1.59 -25.17 4.42
C TYR A 226 -0.21 -24.58 4.68
N CYS A 227 0.78 -25.47 4.71
CA CYS A 227 2.17 -25.04 4.76
C CYS A 227 2.54 -24.37 3.44
N GLU A 228 3.58 -23.55 3.49
CA GLU A 228 4.27 -23.15 2.27
C GLU A 228 5.06 -24.33 1.71
N TYR A 229 4.85 -24.59 0.43
CA TYR A 229 5.28 -25.78 -0.31
C TYR A 229 4.83 -27.06 0.41
N PRO A 230 3.53 -27.36 0.47
CA PRO A 230 3.11 -28.61 1.12
C PRO A 230 3.42 -29.85 0.30
N GLY A 231 3.70 -29.70 -1.00
CA GLY A 231 4.09 -30.85 -1.80
C GLY A 231 5.44 -31.42 -1.38
N GLU A 232 6.39 -30.54 -1.04
CA GLU A 232 7.65 -31.01 -0.53
C GLU A 232 7.54 -31.48 0.91
N ARG A 233 6.66 -30.84 1.69
CA ARG A 233 6.48 -31.24 3.10
C ARG A 233 5.80 -32.60 3.20
N LEU A 234 4.94 -32.94 2.24
CA LEU A 234 4.20 -34.19 2.30
C LEU A 234 5.13 -35.40 2.20
N TYR A 235 6.02 -35.41 1.22
CA TYR A 235 6.88 -36.57 0.98
C TYR A 235 8.08 -36.50 1.92
N GLU A 236 7.82 -36.85 3.19
CA GLU A 236 8.85 -36.71 4.22
C GLU A 236 9.96 -37.74 4.05
N ASN A 237 9.63 -38.94 3.56
CA ASN A 237 10.67 -39.95 3.35
C ASN A 237 10.32 -40.77 2.10
N VAL A 238 11.04 -40.53 1.01
CA VAL A 238 10.85 -41.28 -0.22
C VAL A 238 11.97 -42.30 -0.32
N ARG A 239 11.60 -43.57 -0.50
CA ARG A 239 12.57 -44.66 -0.55
C ARG A 239 12.23 -45.58 -1.72
N PHE A 240 13.28 -46.02 -2.43
CA PHE A 240 13.14 -46.93 -3.55
C PHE A 240 13.73 -48.28 -3.14
N ASP A 241 12.87 -49.24 -2.84
CA ASP A 241 13.28 -50.53 -2.31
C ASP A 241 13.21 -51.61 -3.38
N VAL A 242 14.21 -52.48 -3.40
CA VAL A 242 14.24 -53.66 -4.28
C VAL A 242 14.48 -54.85 -3.36
N ASN A 243 13.40 -55.43 -2.82
CA ASN A 243 13.44 -56.36 -1.69
C ASN A 243 14.34 -55.84 -0.57
N GLY A 244 13.96 -54.69 -0.02
CA GLY A 244 14.88 -53.99 0.83
C GLY A 244 15.96 -53.36 -0.03
N ASN A 245 17.13 -53.13 0.59
CA ASN A 245 18.33 -52.62 -0.07
C ASN A 245 18.05 -51.31 -0.80
N SER A 246 17.77 -50.27 0.00
CA SER A 246 17.31 -48.98 -0.49
C SER A 246 18.29 -48.33 -1.45
N LEU A 247 17.89 -48.23 -2.72
CA LEU A 247 18.76 -47.62 -3.74
C LEU A 247 18.89 -46.12 -3.50
N ASP A 248 17.77 -45.45 -3.26
CA ASP A 248 17.77 -44.05 -2.85
C ASP A 248 16.71 -43.82 -1.78
N GLU A 249 17.13 -43.20 -0.68
CA GLU A 249 16.23 -42.73 0.37
C GLU A 249 16.53 -41.26 0.61
N TYR A 250 15.52 -40.41 0.46
CA TYR A 250 15.71 -38.98 0.64
C TYR A 250 14.52 -38.39 1.36
N SER A 251 14.67 -37.13 1.78
CA SER A 251 13.68 -36.47 2.62
C SER A 251 13.24 -35.14 2.03
N SER A 252 12.50 -34.35 2.81
CA SER A 252 12.00 -33.07 2.33
C SER A 252 13.10 -32.02 2.28
N ASP A 253 14.14 -32.17 3.09
CA ASP A 253 15.18 -31.15 3.19
C ASP A 253 16.02 -31.08 1.93
N VAL A 254 16.39 -32.23 1.37
CA VAL A 254 17.13 -32.23 0.11
C VAL A 254 16.24 -31.75 -1.03
N THR A 255 14.93 -31.99 -0.95
CA THR A 255 14.01 -31.46 -1.94
C THR A 255 13.97 -29.93 -1.90
N THR A 256 13.96 -29.37 -0.69
CA THR A 256 14.04 -27.91 -0.55
C THR A 256 15.38 -27.37 -1.04
N LEU A 257 16.47 -28.11 -0.79
CA LEU A 257 17.78 -27.70 -1.27
C LEU A 257 17.85 -27.66 -2.79
N VAL A 258 17.32 -28.70 -3.46
CA VAL A 258 17.36 -28.70 -4.92
C VAL A 258 16.31 -27.76 -5.49
N ARG A 259 15.31 -27.37 -4.69
CA ARG A 259 14.42 -26.29 -5.12
C ARG A 259 15.15 -24.96 -5.13
N LYS A 260 15.87 -24.66 -4.05
CA LYS A 260 16.57 -23.38 -3.96
C LYS A 260 17.79 -23.32 -4.85
N PHE A 261 18.32 -24.45 -5.31
CA PHE A 261 19.52 -24.44 -6.14
C PHE A 261 19.27 -24.88 -7.58
N CYS A 262 18.70 -26.07 -7.78
CA CYS A 262 18.75 -26.71 -9.08
C CYS A 262 17.64 -26.28 -10.03
N ILE A 263 16.48 -25.88 -9.51
CA ILE A 263 15.38 -25.48 -10.40
C ILE A 263 15.70 -24.13 -11.03
N PRO A 264 15.56 -23.97 -12.35
CA PRO A 264 16.07 -22.76 -13.03
C PRO A 264 15.45 -21.45 -12.56
N GLY A 265 14.22 -21.47 -12.06
CA GLY A 265 13.57 -20.29 -11.57
C GLY A 265 12.66 -19.63 -12.59
N ASP A 266 12.91 -19.85 -13.88
CA ASP A 266 11.92 -19.55 -14.91
C ASP A 266 10.69 -20.42 -14.73
N LYS A 267 10.89 -21.68 -14.37
CA LYS A 267 9.81 -22.62 -14.12
C LYS A 267 9.47 -22.67 -12.62
N MET A 268 9.13 -21.50 -12.10
CA MET A 268 8.66 -21.36 -10.71
C MET A 268 7.16 -21.54 -10.58
N THR A 269 6.38 -20.74 -11.32
CA THR A 269 4.94 -20.65 -11.12
C THR A 269 4.26 -22.01 -11.30
N GLY A 270 4.59 -22.68 -12.41
CA GLY A 270 4.07 -24.03 -12.63
C GLY A 270 4.51 -24.99 -11.56
N TYR A 271 5.79 -24.92 -11.15
CA TYR A 271 6.24 -25.72 -10.02
C TYR A 271 5.52 -25.30 -8.74
N LYS A 272 5.29 -23.99 -8.58
CA LYS A 272 4.48 -23.54 -7.45
C LYS A 272 3.04 -23.99 -7.58
N HIS A 273 2.58 -24.28 -8.81
CA HIS A 273 1.29 -24.91 -8.98
C HIS A 273 1.36 -26.41 -8.73
N LEU A 274 2.52 -27.02 -8.92
CA LEU A 274 2.65 -28.46 -8.75
C LEU A 274 2.63 -28.85 -7.28
N VAL A 275 3.31 -28.08 -6.44
CA VAL A 275 3.42 -28.39 -5.02
C VAL A 275 2.38 -27.61 -4.21
N GLY A 276 1.42 -26.96 -4.87
CA GLY A 276 0.38 -26.25 -4.15
C GLY A 276 0.83 -25.00 -3.42
N GLN A 277 1.71 -24.21 -4.02
CA GLN A 277 2.15 -22.95 -3.45
C GLN A 277 1.43 -21.80 -4.12
N GLU A 278 1.02 -20.82 -3.33
CA GLU A 278 0.33 -19.66 -3.88
C GLU A 278 1.28 -18.81 -4.72
N VAL A 279 0.77 -18.29 -5.83
CA VAL A 279 1.51 -17.39 -6.72
C VAL A 279 0.84 -16.03 -6.67
N SER A 280 1.65 -14.98 -6.54
CA SER A 280 1.12 -13.63 -6.41
C SER A 280 0.49 -13.16 -7.72
N VAL A 281 -0.72 -12.61 -7.61
CA VAL A 281 -1.47 -12.08 -8.74
C VAL A 281 -1.41 -10.57 -8.68
N GLU A 282 -1.07 -9.95 -9.82
CA GLU A 282 -0.86 -8.52 -9.91
C GLU A 282 -2.14 -7.82 -10.34
N GLY A 283 -2.52 -6.78 -9.59
CA GLY A 283 -3.62 -5.93 -9.96
C GLY A 283 -3.18 -4.48 -10.00
N THR A 284 -4.06 -3.64 -10.54
CA THR A 284 -3.76 -2.23 -10.71
C THR A 284 -4.91 -1.38 -10.18
N SER A 285 -4.56 -0.21 -9.65
CA SER A 285 -5.55 0.75 -9.20
C SER A 285 -5.98 1.60 -10.39
N GLY A 286 -6.70 2.69 -10.12
CA GLY A 286 -7.08 3.61 -11.17
C GLY A 286 -5.95 4.55 -11.51
N PRO A 287 -6.21 5.42 -12.49
CA PRO A 287 -5.25 6.48 -12.81
C PRO A 287 -5.09 7.45 -11.65
N LEU A 288 -3.86 7.90 -11.43
CA LEU A 288 -3.53 8.79 -10.33
C LEU A 288 -2.60 9.89 -10.82
N LEU A 289 -2.73 11.06 -10.21
CA LEU A 289 -1.97 12.24 -10.58
C LEU A 289 -0.62 12.26 -9.86
N CYS A 290 0.43 12.63 -10.59
CA CYS A 290 1.77 12.77 -10.05
C CYS A 290 2.39 14.07 -10.53
N ASN A 291 3.32 14.59 -9.75
CA ASN A 291 4.09 15.77 -10.12
C ASN A 291 5.53 15.34 -10.42
N ILE A 292 5.94 15.54 -11.66
CA ILE A 292 7.28 15.16 -12.10
C ILE A 292 8.24 16.29 -11.77
N HIS A 293 9.32 15.97 -11.07
CA HIS A 293 10.34 16.95 -10.68
C HIS A 293 11.59 16.72 -11.51
N ASP A 294 12.01 17.75 -12.24
CA ASP A 294 13.24 17.73 -13.02
C ASP A 294 14.06 18.95 -12.65
N LEU A 295 15.31 18.73 -12.27
CA LEU A 295 16.17 19.83 -11.84
C LEU A 295 17.64 19.55 -12.13
N LEU A 351 0.79 16.22 -13.19
CA LEU A 351 1.58 16.50 -14.39
C LEU A 351 1.78 15.19 -15.15
N ASP A 352 1.65 14.07 -14.43
CA ASP A 352 1.78 12.75 -15.02
C ASP A 352 0.66 11.88 -14.49
N ILE A 353 0.30 10.86 -15.26
CA ILE A 353 -0.73 9.89 -14.88
C ILE A 353 -0.06 8.54 -14.69
N ARG A 354 -0.14 8.00 -13.47
CA ARG A 354 0.44 6.71 -13.16
C ARG A 354 -0.56 5.86 -12.38
N ARG A 355 -0.42 4.54 -12.50
CA ARG A 355 -1.24 3.58 -11.80
C ARG A 355 -0.38 2.79 -10.82
N ASN A 356 -0.88 2.64 -9.59
CA ASN A 356 -0.20 1.78 -8.62
C ASN A 356 -0.38 0.31 -8.98
N VAL A 357 0.64 -0.48 -8.69
CA VAL A 357 0.64 -1.92 -8.93
C VAL A 357 0.67 -2.63 -7.59
N HIS A 358 -0.35 -3.45 -7.33
CA HIS A 358 -0.47 -4.20 -6.09
C HIS A 358 -0.40 -5.69 -6.40
N TYR A 359 -0.07 -6.47 -5.38
CA TYR A 359 0.01 -7.91 -5.51
C TYR A 359 -0.79 -8.58 -4.40
N SER A 360 -1.41 -9.70 -4.73
CA SER A 360 -2.27 -10.39 -3.77
C SER A 360 -2.29 -11.87 -4.08
N CYS A 361 -2.32 -12.69 -3.02
CA CYS A 361 -2.31 -14.14 -3.14
C CYS A 361 -3.66 -14.73 -2.78
N ASN A 362 -3.90 -15.95 -3.26
CA ASN A 362 -5.18 -16.61 -3.12
C ASN A 362 -5.08 -18.08 -2.74
N GLY A 363 -3.88 -18.65 -2.66
CA GLY A 363 -3.72 -20.08 -2.59
C GLY A 363 -3.98 -20.67 -1.21
N PRO A 364 -3.53 -21.92 -1.01
CA PRO A 364 -3.80 -22.61 0.26
C PRO A 364 -3.11 -21.98 1.45
N GLN A 365 -2.01 -21.25 1.23
CA GLN A 365 -1.29 -20.62 2.32
C GLN A 365 -2.00 -19.39 2.87
N THR A 366 -2.96 -18.85 2.13
CA THR A 366 -3.83 -17.82 2.67
C THR A 366 -4.82 -18.47 3.62
N PRO A 367 -4.94 -18.00 4.86
CA PRO A 367 -5.87 -18.62 5.81
C PRO A 367 -7.32 -18.45 5.37
N LYS A 368 -8.03 -19.58 5.28
CA LYS A 368 -9.42 -19.60 4.85
C LYS A 368 -10.25 -20.40 5.84
N TYR A 369 -11.54 -20.06 5.91
CA TYR A 369 -12.47 -20.83 6.72
C TYR A 369 -12.62 -22.25 6.20
N TYR A 370 -12.62 -22.40 4.88
CA TYR A 370 -12.84 -23.70 4.24
C TYR A 370 -11.83 -23.83 3.11
N GLN A 371 -10.80 -24.65 3.33
CA GLN A 371 -9.82 -24.92 2.28
C GLN A 371 -10.40 -25.87 1.26
N PRO A 372 -10.34 -25.57 -0.03
CA PRO A 372 -10.79 -26.50 -1.06
C PRO A 372 -9.85 -27.69 -1.15
N PRO A 373 -10.28 -28.80 -1.75
CA PRO A 373 -9.37 -29.94 -1.97
C PRO A 373 -8.19 -29.54 -2.86
N LEU A 374 -6.99 -29.77 -2.35
CA LEU A 374 -5.75 -29.29 -2.97
C LEU A 374 -5.06 -30.43 -3.69
N ALA A 375 -4.76 -30.23 -4.98
CA ALA A 375 -4.10 -31.24 -5.79
C ALA A 375 -2.61 -31.00 -5.80
N LEU A 376 -1.84 -31.98 -5.32
CA LEU A 376 -0.39 -31.93 -5.30
C LEU A 376 0.18 -32.91 -6.32
N TRP A 377 1.11 -32.44 -7.13
CA TRP A 377 1.81 -33.24 -8.13
C TRP A 377 3.29 -33.19 -7.78
N ILE A 378 3.72 -34.13 -6.93
CA ILE A 378 5.06 -34.10 -6.35
C ILE A 378 5.96 -35.00 -7.18
N LYS A 379 7.06 -34.44 -7.68
CA LYS A 379 7.99 -35.19 -8.49
C LYS A 379 8.92 -36.03 -7.63
N LEU A 380 9.37 -37.14 -8.18
CA LEU A 380 10.31 -38.04 -7.52
C LEU A 380 11.69 -37.87 -8.13
N ARG A 381 12.70 -37.71 -7.28
CA ARG A 381 14.06 -37.41 -7.72
C ARG A 381 14.96 -38.61 -7.44
N PHE A 382 15.61 -39.11 -8.49
CA PHE A 382 16.57 -40.21 -8.39
C PHE A 382 17.74 -39.91 -9.32
N TRP A 383 18.57 -40.92 -9.56
CA TRP A 383 19.74 -40.69 -10.43
C TRP A 383 19.34 -40.62 -11.90
N PHE A 384 18.28 -41.32 -12.28
CA PHE A 384 17.88 -41.42 -13.68
C PHE A 384 16.86 -40.35 -14.10
N ASN A 385 16.47 -39.46 -13.18
CA ASN A 385 15.50 -38.42 -13.52
C ASN A 385 16.14 -37.23 -14.22
N GLU A 386 17.47 -37.14 -14.22
CA GLU A 386 18.14 -35.97 -14.79
C GLU A 386 18.04 -35.97 -16.32
N ASN A 387 18.30 -37.12 -16.94
CA ASN A 387 18.31 -37.22 -18.40
C ASN A 387 17.47 -38.41 -18.84
N VAL A 388 16.99 -38.35 -20.08
CA VAL A 388 16.18 -39.43 -20.63
C VAL A 388 17.07 -40.61 -21.01
N ASN A 389 18.36 -40.38 -21.25
CA ASN A 389 19.27 -41.43 -21.65
C ASN A 389 19.80 -42.25 -20.49
N LEU A 390 19.56 -41.82 -19.25
CA LEU A 390 20.07 -42.50 -18.08
C LEU A 390 19.06 -43.47 -17.45
N ALA A 391 17.96 -43.74 -18.14
CA ALA A 391 16.93 -44.61 -17.58
C ALA A 391 17.43 -46.05 -17.47
N ILE A 392 17.22 -46.64 -16.31
CA ILE A 392 17.64 -48.02 -16.04
C ILE A 392 16.73 -48.98 -16.79
N PRO A 393 17.26 -50.09 -17.32
CA PRO A 393 16.39 -51.07 -17.97
C PRO A 393 15.51 -51.80 -16.96
N SER A 394 14.30 -52.13 -17.41
CA SER A 394 13.35 -52.88 -16.60
C SER A 394 13.40 -54.38 -16.88
N VAL A 395 14.28 -54.83 -17.78
CA VAL A 395 14.36 -56.25 -18.11
C VAL A 395 15.43 -56.97 -17.29
N SER A 396 16.38 -56.23 -16.70
CA SER A 396 17.43 -56.87 -15.92
C SER A 396 16.90 -57.46 -14.61
N ILE A 397 15.90 -56.83 -14.00
CA ILE A 397 15.29 -57.34 -12.78
C ILE A 397 13.78 -57.43 -12.99
N PRO A 398 13.10 -58.37 -12.33
CA PRO A 398 11.64 -58.49 -12.51
C PRO A 398 10.88 -57.31 -11.96
N PHE A 399 9.69 -57.08 -12.53
CA PHE A 399 8.83 -55.98 -12.09
C PHE A 399 8.12 -56.29 -10.78
N GLY A 400 8.10 -57.55 -10.35
CA GLY A 400 7.49 -57.90 -9.07
C GLY A 400 8.47 -57.82 -7.93
N GLU A 401 9.42 -56.89 -8.03
CA GLU A 401 10.48 -56.73 -7.04
C GLU A 401 10.70 -55.30 -6.59
N ARG A 402 10.32 -54.30 -7.40
CA ARG A 402 10.57 -52.90 -7.09
C ARG A 402 9.35 -52.30 -6.39
N PHE A 403 9.59 -51.61 -5.28
CA PHE A 403 8.55 -50.90 -4.56
C PHE A 403 9.04 -49.50 -4.21
N ILE A 404 8.09 -48.59 -4.05
CA ILE A 404 8.37 -47.22 -3.60
C ILE A 404 7.62 -47.01 -2.29
N THR A 405 8.37 -46.68 -1.25
CA THR A 405 7.81 -46.45 0.08
C THR A 405 7.91 -44.97 0.41
N ILE A 406 6.77 -44.32 0.59
CA ILE A 406 6.72 -42.91 0.94
C ILE A 406 6.12 -42.80 2.33
N LYS A 407 6.94 -42.39 3.29
CA LYS A 407 6.46 -42.01 4.62
C LYS A 407 6.01 -40.56 4.53
N LEU A 408 4.72 -40.33 4.73
CA LEU A 408 4.09 -39.03 4.54
C LEU A 408 4.15 -38.20 5.81
N ALA A 409 3.89 -36.90 5.65
CA ALA A 409 3.84 -36.00 6.78
C ALA A 409 2.58 -36.22 7.61
N SER A 410 2.66 -35.85 8.87
CA SER A 410 1.51 -35.90 9.74
C SER A 410 0.51 -34.81 9.35
N GLN A 411 -0.74 -35.00 9.79
CA GLN A 411 -1.77 -33.99 9.57
C GLN A 411 -1.46 -32.70 10.31
N LYS A 412 -0.69 -32.77 11.40
CA LYS A 412 -0.25 -31.60 12.13
C LYS A 412 0.94 -30.89 11.49
N ASP A 413 1.60 -31.51 10.52
CA ASP A 413 2.75 -30.93 9.84
C ASP A 413 2.41 -30.40 8.46
N LEU A 414 1.13 -30.39 8.08
CA LEU A 414 0.71 -29.92 6.77
C LEU A 414 -0.21 -28.71 6.86
N VAL A 415 -1.25 -28.77 7.68
CA VAL A 415 -2.20 -27.68 7.83
C VAL A 415 -2.08 -27.12 9.25
N ASN A 416 -2.04 -25.80 9.36
CA ASN A 416 -2.03 -25.11 10.63
C ASN A 416 -3.29 -24.27 10.75
N GLU A 417 -3.53 -23.79 11.95
CA GLU A 417 -4.67 -22.92 12.22
C GLU A 417 -4.20 -21.49 12.35
N PHE A 418 -5.09 -20.57 11.99
CA PHE A 418 -4.94 -19.14 12.12
C PHE A 418 -6.08 -18.65 13.02
N PRO A 419 -5.83 -17.64 13.85
CA PRO A 419 -6.85 -17.19 14.81
C PRO A 419 -8.09 -16.63 14.11
N GLY A 420 -9.21 -17.31 14.33
CA GLY A 420 -10.51 -16.86 13.88
C GLY A 420 -11.21 -15.92 14.83
N LEU A 421 -10.50 -15.47 15.87
CA LEU A 421 -11.05 -14.52 16.82
C LEU A 421 -9.92 -13.59 17.25
N PHE A 422 -10.23 -12.29 17.33
CA PHE A 422 -9.25 -11.29 17.72
C PHE A 422 -9.82 -10.47 18.86
N VAL A 423 -9.06 -10.32 19.94
CA VAL A 423 -9.41 -9.39 21.00
C VAL A 423 -9.02 -8.00 20.54
N ARG A 424 -10.02 -7.13 20.39
CA ARG A 424 -9.84 -5.77 19.91
C ARG A 424 -9.91 -4.83 21.11
N GLN A 425 -8.87 -4.01 21.29
CA GLN A 425 -8.86 -3.02 22.34
C GLN A 425 -8.99 -1.63 21.73
N SER A 426 -9.87 -0.83 22.31
CA SER A 426 -9.96 0.59 22.02
C SER A 426 -9.53 1.32 23.28
N ARG A 427 -8.51 2.16 23.16
CA ARG A 427 -7.99 2.94 24.28
C ARG A 427 -8.28 4.40 24.02
N PHE A 428 -8.92 5.05 24.98
CA PHE A 428 -9.19 6.48 24.93
C PHE A 428 -8.19 7.18 25.83
N ILE A 429 -7.37 8.04 25.23
CA ILE A 429 -6.39 8.84 25.96
C ILE A 429 -6.89 10.27 25.96
N ALA A 430 -7.25 10.77 27.15
CA ALA A 430 -7.88 12.07 27.28
C ALA A 430 -6.83 13.19 27.24
N GLY A 431 -7.31 14.43 27.34
CA GLY A 431 -6.43 15.57 27.30
C GLY A 431 -6.53 16.33 25.98
N ARG A 432 -5.40 16.80 25.47
CA ARG A 432 -5.37 17.45 24.17
C ARG A 432 -4.03 17.14 23.50
N PRO A 433 -4.03 16.44 22.35
CA PRO A 433 -5.19 15.90 21.63
C PRO A 433 -5.80 14.65 22.26
N SER A 434 -7.11 14.50 22.10
CA SER A 434 -7.85 13.36 22.60
C SER A 434 -7.72 12.21 21.62
N ARG A 435 -7.00 11.16 22.00
CA ARG A 435 -6.65 10.09 21.07
C ARG A 435 -7.53 8.86 21.27
N ARG A 436 -7.93 8.25 20.16
CA ARG A 436 -8.60 6.96 20.15
C ARG A 436 -7.71 5.98 19.42
N ASN A 437 -7.11 5.03 20.14
CA ASN A 437 -6.20 4.06 19.58
C ASN A 437 -6.88 2.70 19.54
N ILE A 438 -6.99 2.12 18.34
CA ILE A 438 -7.61 0.82 18.16
C ILE A 438 -6.53 -0.17 17.76
N ARG A 439 -6.31 -1.17 18.61
CA ARG A 439 -5.32 -2.22 18.40
C ARG A 439 -5.97 -3.58 18.55
N PHE A 440 -5.26 -4.61 18.09
CA PHE A 440 -5.79 -5.98 18.08
C PHE A 440 -4.71 -6.94 18.57
N LYS A 441 -5.16 -8.05 19.17
CA LYS A 441 -4.27 -9.15 19.50
C LYS A 441 -5.05 -10.44 19.31
N PRO A 442 -4.50 -11.44 18.65
CA PRO A 442 -5.26 -12.65 18.37
C PRO A 442 -5.57 -13.48 19.62
N TRP A 443 -6.74 -14.12 19.59
CA TRP A 443 -7.14 -15.12 20.57
C TRP A 443 -7.06 -16.46 19.86
N PHE A 444 -6.06 -17.27 20.21
CA PHE A 444 -5.73 -18.47 19.46
C PHE A 444 -5.76 -19.67 20.40
N ILE A 445 -6.94 -20.26 20.54
CA ILE A 445 -7.10 -21.55 21.21
C ILE A 445 -7.15 -22.63 20.14
N PRO A 446 -6.33 -23.68 20.23
CA PRO A 446 -6.28 -24.68 19.16
C PRO A 446 -7.57 -25.51 19.11
N GLY A 447 -8.21 -25.47 17.94
CA GLY A 447 -9.38 -26.28 17.68
C GLY A 447 -9.02 -27.62 17.07
N VAL A 448 -10.02 -28.27 16.49
CA VAL A 448 -9.86 -29.58 15.87
C VAL A 448 -10.08 -29.45 14.38
N ILE A 449 -9.14 -30.01 13.61
CA ILE A 449 -9.24 -30.08 12.15
C ILE A 449 -9.63 -31.51 11.79
N ASN A 450 -10.59 -31.64 10.87
CA ASN A 450 -11.02 -32.96 10.43
C ASN A 450 -9.90 -33.67 9.67
N GLU A 451 -9.98 -35.00 9.64
CA GLU A 451 -8.92 -35.80 9.02
C GLU A 451 -8.87 -35.58 7.51
N ILE A 452 -7.66 -35.44 6.99
CA ILE A 452 -7.46 -35.24 5.56
C ILE A 452 -7.63 -36.57 4.84
N SER A 453 -8.53 -36.60 3.86
CA SER A 453 -8.80 -37.80 3.09
C SER A 453 -8.06 -37.68 1.75
N LEU A 454 -7.00 -38.47 1.60
CA LEU A 454 -6.26 -38.47 0.34
C LEU A 454 -7.09 -39.15 -0.74
N THR A 455 -7.17 -38.50 -1.91
CA THR A 455 -8.08 -38.91 -2.96
C THR A 455 -7.31 -38.96 -4.28
N ASN A 456 -7.61 -40.00 -5.08
CA ASN A 456 -7.02 -40.19 -6.42
C ASN A 456 -5.49 -40.25 -6.36
N ASN A 457 -4.99 -41.06 -5.42
CA ASN A 457 -3.55 -41.20 -5.22
C ASN A 457 -2.97 -42.04 -6.34
N GLU A 458 -2.35 -41.39 -7.32
CA GLU A 458 -1.79 -42.09 -8.46
C GLU A 458 -0.30 -41.82 -8.55
N LEU A 459 0.37 -42.56 -9.42
CA LEU A 459 1.81 -42.40 -9.66
C LEU A 459 2.01 -42.45 -11.17
N TYR A 460 2.02 -41.28 -11.80
CA TYR A 460 2.20 -41.20 -13.24
C TYR A 460 3.64 -41.54 -13.60
N ILE A 461 3.81 -42.53 -14.48
CA ILE A 461 5.13 -42.94 -14.96
C ILE A 461 5.15 -42.86 -16.48
N ASN A 462 6.22 -42.26 -17.01
CA ASN A 462 6.45 -42.21 -18.45
C ASN A 462 7.20 -43.47 -18.88
N ASN A 463 6.66 -44.15 -19.88
CA ASN A 463 7.27 -45.35 -20.45
C ASN A 463 7.76 -45.02 -21.85
N LEU A 464 9.04 -45.29 -22.10
CA LEU A 464 9.66 -45.14 -23.39
C LEU A 464 9.70 -46.50 -24.09
N PHE A 465 9.35 -46.52 -25.37
CA PHE A 465 9.31 -47.76 -26.15
C PHE A 465 10.38 -47.72 -27.22
N VAL A 466 11.23 -48.75 -27.23
CA VAL A 466 12.33 -48.84 -28.20
C VAL A 466 12.06 -49.97 -29.18
N LEU A 482 29.62 -42.56 -13.94
CA LEU A 482 28.67 -42.91 -14.97
C LEU A 482 27.31 -42.26 -14.70
N ILE A 483 26.83 -42.36 -13.47
CA ILE A 483 25.55 -41.80 -13.07
C ILE A 483 25.76 -40.90 -11.87
N ARG A 484 24.85 -39.94 -11.69
CA ARG A 484 24.92 -38.95 -10.62
C ARG A 484 23.85 -39.26 -9.59
N VAL A 485 24.27 -39.65 -8.39
CA VAL A 485 23.37 -40.08 -7.32
C VAL A 485 23.40 -39.07 -6.19
N HIS A 486 22.23 -38.68 -5.71
CA HIS A 486 22.11 -37.77 -4.58
C HIS A 486 22.42 -38.54 -3.30
N LYS A 487 23.71 -38.65 -3.00
CA LYS A 487 24.18 -39.31 -1.77
C LYS A 487 24.12 -38.28 -0.65
N THR A 488 23.04 -38.33 0.13
CA THR A 488 22.72 -37.29 1.10
C THR A 488 22.76 -37.83 2.53
N GLN A 489 22.94 -36.91 3.47
CA GLN A 489 23.00 -37.23 4.90
C GLN A 489 22.68 -35.96 5.68
N VAL A 490 21.62 -36.00 6.47
CA VAL A 490 21.18 -34.87 7.28
C VAL A 490 21.44 -35.22 8.74
N THR A 491 22.27 -34.43 9.42
CA THR A 491 22.64 -34.77 10.78
C THR A 491 22.38 -33.61 11.72
N HIS A 492 22.53 -33.89 13.02
CA HIS A 492 22.16 -32.99 14.11
C HIS A 492 23.41 -32.53 14.86
N THR A 493 23.51 -31.22 15.10
CA THR A 493 24.65 -30.59 15.74
C THR A 493 24.15 -29.68 16.85
N ASN A 494 24.75 -29.80 18.04
CA ASN A 494 24.28 -29.06 19.21
C ASN A 494 25.37 -28.32 19.96
N ASN A 495 26.62 -28.36 19.50
CA ASN A 495 27.69 -27.66 20.19
C ASN A 495 27.55 -26.15 20.03
N ASN A 496 28.02 -25.41 21.04
CA ASN A 496 27.80 -23.97 21.11
C ASN A 496 28.95 -23.22 20.45
N HIS A 497 28.60 -22.31 19.53
CA HIS A 497 29.46 -21.28 18.93
C HIS A 497 30.51 -21.83 17.97
N HIS A 498 30.65 -23.16 17.91
CA HIS A 498 31.55 -23.86 16.99
C HIS A 498 31.22 -25.34 17.06
N ASP A 499 31.36 -26.04 15.94
CA ASP A 499 31.08 -27.46 15.93
C ASP A 499 31.82 -28.14 14.79
N GLU A 500 32.05 -29.44 14.97
CA GLU A 500 32.64 -30.32 13.97
C GLU A 500 32.10 -31.73 14.20
N LYS A 501 31.75 -32.41 13.10
CA LYS A 501 31.15 -33.74 13.17
C LYS A 501 32.12 -34.82 12.71
N LEU A 502 31.62 -36.06 12.73
CA LEU A 502 32.36 -37.24 12.35
C LEU A 502 31.55 -38.03 11.32
N MET A 503 32.17 -38.33 10.18
CA MET A 503 31.47 -39.04 9.12
C MET A 503 32.49 -39.76 8.24
N SER A 504 32.12 -40.95 7.77
CA SER A 504 32.97 -41.72 6.86
C SER A 504 32.18 -42.42 5.76
N ALA A 505 30.89 -42.10 5.58
CA ALA A 505 30.06 -42.84 4.64
C ALA A 505 30.34 -42.48 3.18
N LEU A 506 30.68 -41.22 2.90
CA LEU A 506 30.88 -40.75 1.54
C LEU A 506 32.24 -41.24 1.04
N LYS A 507 32.22 -42.10 0.01
CA LYS A 507 33.45 -42.65 -0.55
C LYS A 507 33.49 -42.42 -2.06
N TRP A 508 32.32 -42.32 -2.68
CA TRP A 508 32.23 -42.11 -4.12
C TRP A 508 32.67 -40.69 -4.48
N PRO A 509 33.33 -40.51 -5.62
CA PRO A 509 33.75 -39.16 -6.03
C PRO A 509 32.55 -38.27 -6.35
N ILE A 510 32.71 -36.98 -6.07
CA ILE A 510 31.64 -36.00 -6.23
C ILE A 510 32.08 -34.93 -7.23
N GLU A 511 31.15 -34.02 -7.53
CA GLU A 511 31.39 -32.92 -8.45
C GLU A 511 31.05 -31.55 -7.88
N TYR A 512 30.00 -31.45 -7.07
CA TYR A 512 29.63 -30.21 -6.40
C TYR A 512 29.17 -30.56 -4.98
N MET A 513 28.71 -29.56 -4.24
CA MET A 513 28.06 -29.83 -2.97
C MET A 513 27.21 -28.63 -2.58
N PHE A 514 25.98 -28.89 -2.14
CA PHE A 514 25.11 -27.87 -1.59
C PHE A 514 24.87 -28.16 -0.12
N ILE A 515 25.10 -27.16 0.73
CA ILE A 515 24.97 -27.28 2.17
C ILE A 515 23.81 -26.40 2.62
N GLY A 516 22.99 -26.93 3.51
CA GLY A 516 21.93 -26.14 4.11
C GLY A 516 21.84 -26.35 5.59
N LEU A 517 22.01 -25.27 6.37
CA LEU A 517 21.87 -25.33 7.82
C LEU A 517 20.52 -24.78 8.23
N LYS A 518 19.78 -25.60 8.96
CA LYS A 518 18.46 -25.22 9.44
C LYS A 518 18.42 -25.43 10.95
N PRO A 519 18.18 -24.40 11.75
CA PRO A 519 17.88 -24.64 13.17
C PRO A 519 16.64 -25.51 13.30
N THR A 520 16.68 -26.44 14.26
CA THR A 520 15.53 -27.32 14.44
C THR A 520 14.31 -26.61 14.97
N TRP A 521 14.47 -25.38 15.48
CA TRP A 521 13.34 -24.52 15.81
C TRP A 521 12.54 -24.12 14.58
N ASN A 522 13.12 -24.20 13.38
CA ASN A 522 12.34 -24.01 12.17
C ASN A 522 11.30 -25.12 12.00
N ILE A 523 11.66 -26.35 12.36
CA ILE A 523 10.76 -27.49 12.24
C ILE A 523 10.23 -27.97 13.57
N SER A 524 10.54 -27.28 14.67
CA SER A 524 10.03 -27.68 15.97
C SER A 524 8.54 -27.35 16.08
N ASP A 525 7.80 -28.23 16.74
CA ASP A 525 6.36 -28.02 16.91
C ASP A 525 6.05 -26.90 17.90
N GLN A 526 7.01 -26.50 18.71
CA GLN A 526 6.82 -25.38 19.64
C GLN A 526 6.90 -24.03 18.95
N ASN A 527 7.35 -23.99 17.70
CA ASN A 527 7.46 -22.74 16.95
C ASN A 527 6.09 -22.37 16.39
N PRO A 528 5.55 -21.20 16.72
CA PRO A 528 4.27 -20.78 16.10
C PRO A 528 4.37 -20.54 14.61
N HIS A 529 5.56 -20.26 14.07
CA HIS A 529 5.75 -20.03 12.65
C HIS A 529 6.49 -21.17 11.97
N GLN A 530 6.39 -22.39 12.50
CA GLN A 530 7.15 -23.50 11.94
C GLN A 530 6.60 -23.96 10.61
N HIS A 531 5.32 -23.72 10.33
CA HIS A 531 4.78 -24.03 9.01
C HIS A 531 5.28 -23.04 7.98
N ARG A 532 5.50 -21.80 8.39
CA ARG A 532 6.05 -20.80 7.48
C ARG A 532 7.55 -20.97 7.27
N ASP A 533 8.25 -21.50 8.27
CA ASP A 533 9.70 -21.44 8.28
C ASP A 533 10.37 -22.81 8.20
N TRP A 534 9.62 -23.87 7.88
CA TRP A 534 10.20 -25.22 7.87
C TRP A 534 11.23 -25.37 6.76
N HIS A 535 11.03 -24.69 5.64
CA HIS A 535 11.89 -24.81 4.48
C HIS A 535 13.04 -23.81 4.48
N LYS A 536 13.06 -22.87 5.42
CA LYS A 536 13.99 -21.75 5.36
C LYS A 536 15.31 -22.14 6.03
N PHE A 537 16.40 -22.03 5.28
CA PHE A 537 17.73 -22.33 5.78
C PHE A 537 18.32 -21.05 6.37
N GLY A 538 18.09 -20.87 7.67
CA GLY A 538 18.64 -19.71 8.36
C GLY A 538 17.80 -19.39 9.58
N HIS A 539 18.24 -18.34 10.28
CA HIS A 539 17.55 -17.86 11.47
C HIS A 539 16.51 -16.83 11.04
N VAL A 540 15.24 -17.16 11.22
CA VAL A 540 14.15 -16.33 10.72
C VAL A 540 13.59 -15.52 11.89
N VAL A 541 13.95 -14.23 11.93
CA VAL A 541 13.30 -13.28 12.80
C VAL A 541 12.10 -12.70 12.06
N ASN A 542 11.22 -11.99 12.76
CA ASN A 542 10.02 -11.43 12.17
C ASN A 542 10.07 -9.91 12.26
N ALA A 543 9.89 -9.24 11.14
CA ALA A 543 9.77 -7.78 11.09
C ALA A 543 8.30 -7.43 10.90
N ILE A 544 7.75 -6.62 11.80
CA ILE A 544 6.32 -6.37 11.83
C ILE A 544 6.08 -4.91 11.45
N MET A 545 5.47 -4.70 10.29
CA MET A 545 4.82 -3.43 9.97
C MET A 545 3.43 -3.43 10.57
N GLN A 546 3.05 -2.33 11.20
CA GLN A 546 1.68 -2.15 11.65
C GLN A 546 1.07 -0.99 10.87
N PRO A 547 0.36 -1.26 9.77
CA PRO A 547 -0.26 -0.17 9.01
C PRO A 547 -1.39 0.50 9.77
N THR A 548 -1.15 1.73 10.21
CA THR A 548 -2.08 2.44 11.07
C THR A 548 -2.57 3.71 10.37
N HIS A 549 -3.88 3.86 10.29
CA HIS A 549 -4.49 5.09 9.79
C HIS A 549 -4.57 6.12 10.92
N HIS A 550 -4.09 7.33 10.63
CA HIS A 550 -4.10 8.44 11.56
C HIS A 550 -4.97 9.57 11.01
N ALA A 551 -5.72 10.20 11.90
CA ALA A 551 -6.52 11.36 11.52
C ALA A 551 -6.51 12.38 12.65
N GLU A 552 -6.52 13.67 12.28
CA GLU A 552 -6.44 14.78 13.22
C GLU A 552 -7.58 15.75 12.92
N ILE A 553 -8.53 15.84 13.84
CA ILE A 553 -9.75 16.60 13.62
C ILE A 553 -9.84 17.72 14.66
N SER A 554 -10.08 18.94 14.18
CA SER A 554 -10.31 20.09 15.05
C SER A 554 -11.77 20.51 14.94
N PHE A 555 -12.42 20.65 16.09
CA PHE A 555 -13.84 20.97 16.13
C PHE A 555 -14.11 22.46 16.05
N GLN A 556 -13.07 23.28 16.09
CA GLN A 556 -13.20 24.70 16.34
C GLN A 556 -11.99 25.44 15.78
N ASP A 557 -12.17 26.74 15.54
CA ASP A 557 -11.21 27.53 14.77
C ASP A 557 -10.48 28.57 15.61
N ARG A 558 -10.54 28.47 16.94
CA ARG A 558 -9.86 29.43 17.79
C ARG A 558 -8.52 28.89 18.29
N ASP A 559 -8.50 27.67 18.80
CA ASP A 559 -7.30 27.00 19.27
C ASP A 559 -6.99 25.86 18.29
N THR A 560 -6.26 26.19 17.23
CA THR A 560 -5.93 25.24 16.17
C THR A 560 -4.47 24.81 16.20
N ALA A 561 -3.77 25.05 17.31
CA ALA A 561 -2.37 24.65 17.41
C ALA A 561 -2.23 23.14 17.42
N LEU A 562 -2.99 22.47 18.29
CA LEU A 562 -3.03 21.03 18.38
C LEU A 562 -4.38 20.54 17.91
N PRO A 563 -4.46 19.33 17.34
CA PRO A 563 -5.76 18.77 16.97
C PRO A 563 -6.64 18.55 18.19
N ASP A 564 -7.94 18.73 18.01
CA ASP A 564 -8.86 18.48 19.11
C ASP A 564 -9.01 16.99 19.38
N ALA A 565 -9.00 16.17 18.33
CA ALA A 565 -9.10 14.73 18.47
C ALA A 565 -8.19 14.06 17.45
N CYS A 566 -7.78 12.84 17.77
CA CYS A 566 -6.92 12.03 16.92
C CYS A 566 -7.46 10.62 16.89
N SER A 567 -7.36 9.99 15.72
CA SER A 567 -7.69 8.58 15.56
C SER A 567 -6.45 7.85 15.08
N SER A 568 -6.16 6.71 15.73
CA SER A 568 -5.02 5.87 15.37
C SER A 568 -5.54 4.43 15.32
N ILE A 569 -5.92 3.97 14.13
CA ILE A 569 -6.57 2.69 13.95
C ILE A 569 -5.59 1.75 13.27
N SER A 570 -5.31 0.61 13.90
CA SER A 570 -4.42 -0.37 13.30
C SER A 570 -5.22 -1.43 12.55
N ASP A 571 -4.52 -2.15 11.69
CA ASP A 571 -5.12 -3.30 11.02
C ASP A 571 -5.27 -4.46 12.00
N ILE A 572 -6.18 -5.38 11.67
CA ILE A 572 -6.44 -6.52 12.56
C ILE A 572 -5.23 -7.44 12.62
N SER A 573 -4.67 -7.77 11.46
CA SER A 573 -3.46 -8.57 11.39
C SER A 573 -2.35 -7.73 10.75
N PRO A 574 -1.18 -7.66 11.35
CA PRO A 574 -0.11 -6.81 10.82
C PRO A 574 0.55 -7.44 9.60
N VAL A 575 1.53 -6.74 9.05
CA VAL A 575 2.29 -7.23 7.91
C VAL A 575 3.60 -7.80 8.42
N THR A 576 3.80 -9.09 8.21
CA THR A 576 4.93 -9.82 8.79
C THR A 576 5.92 -10.20 7.69
N TYR A 577 7.16 -9.76 7.86
CA TYR A 577 8.25 -10.12 6.95
C TYR A 577 9.14 -11.13 7.63
N PRO A 578 9.28 -12.34 7.09
CA PRO A 578 10.26 -13.28 7.62
C PRO A 578 11.66 -12.92 7.14
N ILE A 579 12.47 -12.39 8.06
CA ILE A 579 13.83 -11.99 7.73
C ILE A 579 14.77 -13.12 8.10
N THR A 580 15.45 -13.67 7.09
CA THR A 580 16.34 -14.82 7.26
C THR A 580 17.77 -14.30 7.36
N LEU A 581 18.31 -14.29 8.56
CA LEU A 581 19.66 -13.92 8.96
C LEU A 581 20.55 -15.17 9.00
N PRO A 582 21.81 -15.03 8.64
CA PRO A 582 22.71 -16.19 8.66
C PRO A 582 23.03 -16.63 10.08
N ILE A 583 23.34 -17.93 10.22
CA ILE A 583 23.77 -18.50 11.47
C ILE A 583 25.26 -18.82 11.47
N ILE A 584 25.82 -19.15 10.32
CA ILE A 584 27.24 -19.47 10.21
C ILE A 584 28.04 -18.20 9.97
N LYS A 585 29.12 -18.05 10.73
CA LYS A 585 30.13 -17.03 10.47
C LYS A 585 31.28 -17.56 9.61
N ASN A 586 31.65 -18.83 9.77
CA ASN A 586 32.71 -19.43 8.97
C ASN A 586 32.42 -20.91 8.76
N ILE A 587 32.57 -21.39 7.53
CA ILE A 587 32.33 -22.78 7.19
C ILE A 587 33.68 -23.44 6.87
N SER A 588 33.77 -24.75 7.12
CA SER A 588 35.01 -25.47 6.88
C SER A 588 34.69 -26.95 6.71
N VAL A 589 34.94 -27.50 5.53
CA VAL A 589 34.80 -28.93 5.28
C VAL A 589 36.21 -29.51 5.34
N THR A 590 36.56 -30.06 6.50
CA THR A 590 37.90 -30.57 6.71
C THR A 590 38.02 -32.00 6.20
N ALA A 591 38.93 -32.21 5.24
CA ALA A 591 39.17 -33.54 4.72
C ALA A 591 40.26 -34.23 5.56
N HIS A 592 40.75 -35.35 5.06
CA HIS A 592 41.66 -36.18 5.85
C HIS A 592 43.09 -35.66 5.81
N GLY A 593 43.70 -35.64 4.63
CA GLY A 593 45.07 -35.18 4.50
C GLY A 593 45.18 -33.71 4.15
N ILE A 594 44.10 -33.16 3.60
CA ILE A 594 44.04 -31.76 3.18
C ILE A 594 42.92 -31.11 3.98
N ASN A 595 43.04 -29.79 4.20
CA ASN A 595 42.00 -29.06 4.90
C ASN A 595 40.86 -28.62 4.00
N LEU A 596 41.12 -28.44 2.70
CA LEU A 596 40.13 -28.04 1.68
C LEU A 596 39.50 -26.72 2.10
N ILE A 597 38.19 -26.66 2.34
CA ILE A 597 37.57 -25.42 2.77
C ILE A 597 37.97 -25.13 4.21
N ASP A 598 38.55 -23.94 4.42
CA ASP A 598 39.08 -23.57 5.73
C ASP A 598 38.63 -22.15 6.06
N LYS A 599 37.60 -22.04 6.90
CA LYS A 599 37.10 -20.79 7.47
C LYS A 599 36.70 -19.76 6.41
N PHE A 600 36.09 -20.21 5.32
CA PHE A 600 35.49 -19.28 4.39
C PHE A 600 34.28 -18.60 5.03
N PRO A 601 34.07 -17.31 4.77
CA PRO A 601 32.85 -16.65 5.27
C PRO A 601 31.61 -17.22 4.60
N SER A 602 30.50 -17.19 5.33
CA SER A 602 29.25 -17.77 4.83
C SER A 602 28.73 -17.02 3.62
N LYS A 603 28.82 -15.69 3.64
CA LYS A 603 28.35 -14.89 2.52
C LYS A 603 29.17 -15.16 1.26
N PHE A 604 30.48 -15.34 1.43
CA PHE A 604 31.36 -15.63 0.29
C PHE A 604 30.92 -16.88 -0.47
N CYS A 605 30.77 -17.99 0.26
CA CYS A 605 30.27 -19.21 -0.35
C CYS A 605 28.88 -18.98 -0.94
N SER A 606 27.91 -18.64 -0.07
CA SER A 606 26.49 -18.65 -0.42
C SER A 606 26.15 -17.69 -1.56
N SER A 607 26.94 -16.64 -1.74
CA SER A 607 26.67 -15.69 -2.81
C SER A 607 27.60 -15.87 -4.00
N TYR A 608 28.92 -15.90 -3.79
CA TYR A 608 29.85 -15.91 -4.90
C TYR A 608 29.88 -17.25 -5.61
N ILE A 609 29.81 -18.37 -4.88
CA ILE A 609 29.90 -19.68 -5.53
C ILE A 609 28.73 -19.98 -6.45
N PRO A 610 27.45 -19.75 -6.06
CA PRO A 610 26.37 -19.91 -7.06
C PRO A 610 26.45 -18.91 -8.20
N PHE A 611 26.93 -17.68 -7.92
CA PHE A 611 27.01 -16.65 -8.96
C PHE A 611 28.03 -17.03 -10.03
N HIS A 612 29.16 -17.61 -9.63
CA HIS A 612 30.24 -17.87 -10.56
C HIS A 612 30.21 -19.26 -11.16
N TYR A 613 29.68 -20.25 -10.46
CA TYR A 613 29.76 -21.64 -10.88
C TYR A 613 28.38 -22.20 -11.20
N GLY A 614 28.37 -23.25 -12.01
CA GLY A 614 27.17 -24.01 -12.29
C GLY A 614 26.51 -23.74 -13.63
N GLY A 615 26.92 -22.68 -14.34
CA GLY A 615 26.22 -22.35 -15.57
C GLY A 615 24.83 -21.80 -15.27
N ASN A 616 23.94 -21.93 -16.25
CA ASN A 616 22.58 -21.40 -16.10
C ASN A 616 21.68 -22.27 -15.24
N ALA A 617 22.13 -23.45 -14.84
CA ALA A 617 21.26 -24.37 -14.12
C ALA A 617 21.05 -23.94 -12.67
N ILE A 618 22.11 -23.50 -12.00
CA ILE A 618 22.08 -23.26 -10.57
C ILE A 618 21.55 -21.87 -10.29
N LYS A 619 20.32 -21.79 -9.79
CA LYS A 619 19.79 -20.53 -9.27
C LYS A 619 20.51 -20.17 -7.97
N THR A 620 20.79 -18.89 -7.80
CA THR A 620 21.39 -18.42 -6.56
C THR A 620 20.33 -18.33 -5.48
N PRO A 621 20.51 -18.98 -4.33
CA PRO A 621 19.47 -18.97 -3.30
C PRO A 621 19.31 -17.61 -2.64
N ASP A 622 18.12 -17.40 -2.08
CA ASP A 622 17.81 -16.18 -1.33
C ASP A 622 18.05 -16.35 0.16
N ASP A 623 18.41 -17.55 0.61
CA ASP A 623 18.62 -17.80 2.03
C ASP A 623 20.10 -17.82 2.35
N PRO A 624 20.54 -17.11 3.39
CA PRO A 624 21.97 -17.08 3.72
C PRO A 624 22.52 -18.42 4.18
N GLY A 625 21.68 -19.26 4.80
CA GLY A 625 22.13 -20.56 5.25
C GLY A 625 22.21 -21.61 4.17
N ALA A 626 21.76 -21.31 2.96
CA ALA A 626 21.89 -22.23 1.82
C ALA A 626 23.16 -21.86 1.08
N MET A 627 24.24 -22.56 1.38
CA MET A 627 25.54 -22.30 0.80
C MET A 627 25.88 -23.37 -0.23
N MET A 628 26.79 -23.03 -1.13
CA MET A 628 27.23 -23.93 -2.18
C MET A 628 28.75 -23.96 -2.17
N ILE A 629 29.33 -25.15 -2.27
CA ILE A 629 30.77 -25.33 -2.24
C ILE A 629 31.17 -26.33 -3.32
N THR A 630 32.22 -25.99 -4.06
CA THR A 630 32.67 -26.77 -5.21
C THR A 630 33.98 -27.46 -4.86
N PHE A 631 34.07 -28.77 -5.14
CA PHE A 631 35.21 -29.58 -4.76
C PHE A 631 36.06 -30.04 -5.94
N ALA A 632 35.43 -30.54 -7.00
CA ALA A 632 36.16 -31.22 -8.06
C ALA A 632 36.19 -30.44 -9.37
N LEU A 633 35.02 -30.08 -9.90
CA LEU A 633 34.96 -29.46 -11.23
C LEU A 633 33.68 -28.62 -11.32
N LYS A 634 33.39 -28.15 -12.53
CA LYS A 634 32.18 -27.38 -12.77
C LYS A 634 30.94 -28.25 -12.55
N PRO A 635 29.90 -27.70 -11.92
CA PRO A 635 28.78 -28.56 -11.46
C PRO A 635 27.96 -29.19 -12.57
N ARG A 636 27.39 -28.39 -13.48
CA ARG A 636 26.50 -28.94 -14.50
C ARG A 636 26.69 -28.15 -15.80
N GLU A 637 27.60 -28.61 -16.64
CA GLU A 637 27.74 -28.08 -17.98
C GLU A 637 27.83 -29.17 -19.04
N GLU A 638 28.40 -30.32 -18.70
CA GLU A 638 28.62 -31.39 -19.68
C GLU A 638 28.74 -32.71 -18.95
N TYR A 639 28.62 -33.79 -19.71
CA TYR A 639 28.73 -35.15 -19.17
C TYR A 639 30.13 -35.70 -19.40
N GLN A 640 31.11 -35.07 -18.74
CA GLN A 640 32.49 -35.53 -18.78
C GLN A 640 33.24 -35.05 -17.54
N PRO A 641 33.72 -35.96 -16.69
CA PRO A 641 34.49 -35.55 -15.50
C PRO A 641 35.91 -35.16 -15.88
N SER A 642 36.33 -33.98 -15.43
CA SER A 642 37.70 -33.49 -15.63
C SER A 642 38.58 -33.72 -14.41
N GLY A 643 38.06 -34.33 -13.36
CA GLY A 643 38.82 -34.57 -12.15
C GLY A 643 37.91 -34.74 -10.97
N HIS A 644 38.42 -35.46 -9.97
CA HIS A 644 37.65 -35.74 -8.75
C HIS A 644 38.65 -36.04 -7.64
N ILE A 645 38.13 -36.51 -6.50
CA ILE A 645 38.96 -36.86 -5.36
C ILE A 645 38.42 -38.10 -4.66
N PHE A 653 35.98 -35.00 4.81
CA PHE A 653 34.75 -34.31 4.44
C PHE A 653 33.90 -34.03 5.68
N TYR A 654 34.57 -33.74 6.78
CA TYR A 654 33.91 -33.43 8.05
C TYR A 654 33.42 -31.99 7.99
N ILE A 655 32.11 -31.80 8.02
CA ILE A 655 31.54 -30.46 7.94
C ILE A 655 31.60 -29.81 9.32
N SER A 656 32.17 -28.62 9.38
CA SER A 656 32.43 -27.92 10.63
C SER A 656 32.18 -26.43 10.42
N TRP A 657 31.93 -25.73 11.51
CA TRP A 657 31.67 -24.31 11.38
C TRP A 657 31.97 -23.56 12.67
N ASP A 658 32.20 -22.26 12.52
CA ASP A 658 32.26 -21.29 13.60
C ASP A 658 31.01 -20.41 13.45
N THR A 659 30.17 -20.41 14.47
CA THR A 659 28.90 -19.68 14.45
C THR A 659 28.83 -18.67 15.58
N ASP A 660 27.85 -17.79 15.47
CA ASP A 660 27.44 -16.92 16.57
C ASP A 660 26.07 -17.31 17.11
N TYR A 661 25.51 -18.42 16.63
CA TYR A 661 24.20 -18.87 17.08
C TYR A 661 24.31 -19.61 18.41
N VAL A 662 23.19 -19.67 19.13
CA VAL A 662 23.17 -20.31 20.44
C VAL A 662 23.27 -21.83 20.26
N GLY A 663 23.72 -22.51 21.30
CA GLY A 663 24.05 -23.92 21.23
C GLY A 663 22.97 -24.86 21.73
N SER A 664 23.08 -25.31 22.98
CA SER A 664 22.16 -26.31 23.51
C SER A 664 20.74 -25.77 23.67
N ILE A 665 20.56 -24.45 23.71
CA ILE A 665 19.21 -23.89 23.78
C ILE A 665 18.46 -24.13 22.47
N THR A 666 19.10 -23.84 21.35
CA THR A 666 18.52 -24.10 20.03
C THR A 666 19.60 -24.71 19.14
N THR A 667 19.42 -25.98 18.77
CA THR A 667 20.40 -26.75 18.02
C THR A 667 20.21 -26.51 16.52
N ALA A 668 21.01 -27.18 15.69
CA ALA A 668 20.96 -26.96 14.25
C ALA A 668 21.26 -28.24 13.50
N ASP A 669 20.57 -28.45 12.38
CA ASP A 669 20.80 -29.62 11.53
C ASP A 669 21.39 -29.22 10.19
N LEU A 670 22.17 -30.13 9.62
CA LEU A 670 22.84 -29.92 8.34
C LEU A 670 22.26 -30.87 7.29
N VAL A 671 22.09 -30.32 6.09
CA VAL A 671 21.56 -31.00 4.92
C VAL A 671 22.60 -30.90 3.82
N VAL A 672 22.91 -32.03 3.18
CA VAL A 672 23.88 -32.07 2.10
C VAL A 672 23.22 -32.66 0.86
N SER A 673 23.62 -32.15 -0.30
CA SER A 673 23.12 -32.65 -1.58
C SER A 673 24.25 -32.76 -2.59
N ALA A 674 25.40 -33.27 -2.14
CA ALA A 674 26.51 -33.52 -3.05
C ALA A 674 26.18 -34.72 -3.94
N SER A 675 26.40 -34.57 -5.24
CA SER A 675 26.09 -35.63 -6.19
C SER A 675 27.32 -36.51 -6.39
N ALA A 676 27.21 -37.77 -6.00
CA ALA A 676 28.29 -38.73 -6.15
C ALA A 676 28.24 -39.38 -7.52
N ILE A 677 29.42 -39.66 -8.07
CA ILE A 677 29.55 -40.32 -9.36
C ILE A 677 29.66 -41.81 -9.12
N ASN A 678 28.68 -42.57 -9.63
CA ASN A 678 28.59 -44.00 -9.41
C ASN A 678 28.70 -44.75 -10.72
N PHE A 679 29.33 -45.92 -10.68
CA PHE A 679 29.45 -46.81 -11.82
C PHE A 679 28.65 -48.07 -11.56
N LEU A 680 27.92 -48.52 -12.57
CA LEU A 680 27.07 -49.71 -12.47
C LEU A 680 27.66 -50.82 -13.33
N LEU A 681 27.89 -51.98 -12.72
CA LEU A 681 28.46 -53.12 -13.42
C LEU A 681 28.00 -54.43 -12.80
N ASP B 1 -34.30 -22.04 39.71
CA ASP B 1 -33.00 -22.16 39.04
C ASP B 1 -31.93 -22.71 39.97
N ILE B 2 -30.71 -22.18 39.85
CA ILE B 2 -29.61 -22.61 40.69
C ILE B 2 -29.80 -22.06 42.10
N VAL B 3 -29.81 -22.96 43.09
CA VAL B 3 -29.93 -22.59 44.48
C VAL B 3 -28.66 -23.00 45.21
N LEU B 4 -28.01 -22.05 45.87
CA LEU B 4 -26.78 -22.29 46.60
C LEU B 4 -27.09 -22.39 48.09
N THR B 5 -26.71 -23.50 48.70
CA THR B 5 -26.96 -23.77 50.12
C THR B 5 -25.63 -23.74 50.86
N GLN B 6 -25.57 -22.95 51.92
CA GLN B 6 -24.37 -22.85 52.77
C GLN B 6 -24.60 -23.71 54.01
N THR B 7 -23.91 -24.85 54.07
CA THR B 7 -24.05 -25.73 55.23
C THR B 7 -23.53 -25.11 56.53
N PRO B 8 -22.37 -24.45 56.60
CA PRO B 8 -22.04 -23.74 57.86
C PRO B 8 -22.70 -22.38 57.91
N ARG B 9 -23.16 -22.03 59.11
CA ARG B 9 -23.77 -20.72 59.37
C ARG B 9 -22.92 -19.83 60.27
N SER B 10 -22.39 -20.38 61.36
CA SER B 10 -21.48 -19.66 62.25
C SER B 10 -20.46 -20.66 62.76
N LEU B 11 -19.18 -20.31 62.68
CA LEU B 11 -18.12 -21.24 63.01
C LEU B 11 -17.66 -21.11 64.47
N SER B 12 -17.39 -19.88 64.90
CA SER B 12 -16.82 -19.57 66.22
C SER B 12 -15.50 -20.32 66.43
N VAL B 13 -14.53 -20.00 65.57
CA VAL B 13 -13.22 -20.64 65.58
C VAL B 13 -12.25 -19.75 66.34
N SER B 14 -11.25 -20.38 66.96
CA SER B 14 -10.24 -19.64 67.69
C SER B 14 -9.32 -18.89 66.73
N PRO B 15 -8.76 -17.75 67.16
CA PRO B 15 -7.76 -17.07 66.33
C PRO B 15 -6.54 -17.95 66.06
N GLY B 16 -6.02 -17.85 64.85
CA GLY B 16 -4.89 -18.67 64.44
C GLY B 16 -5.23 -20.08 64.02
N GLU B 17 -6.51 -20.43 63.98
CA GLU B 17 -6.95 -21.77 63.62
C GLU B 17 -7.66 -21.74 62.27
N PRO B 18 -7.60 -22.84 61.50
CA PRO B 18 -8.23 -22.84 60.18
C PRO B 18 -9.75 -22.78 60.26
N ALA B 19 -10.36 -22.23 59.22
CA ALA B 19 -11.79 -22.05 59.12
C ALA B 19 -12.28 -22.56 57.76
N SER B 20 -13.51 -23.09 57.74
CA SER B 20 -14.06 -23.68 56.53
C SER B 20 -15.52 -23.27 56.36
N ILE B 21 -15.87 -22.83 55.15
CA ILE B 21 -17.23 -22.47 54.79
C ILE B 21 -17.59 -23.22 53.52
N SER B 22 -18.67 -23.98 53.55
CA SER B 22 -19.08 -24.83 52.43
C SER B 22 -20.28 -24.23 51.71
N CYS B 23 -20.31 -24.43 50.39
CA CYS B 23 -21.43 -24.00 49.55
C CYS B 23 -21.66 -25.06 48.49
N ARG B 24 -22.90 -25.55 48.41
CA ARG B 24 -23.29 -26.55 47.44
C ARG B 24 -24.32 -25.97 46.47
N SER B 25 -24.28 -26.43 45.23
CA SER B 25 -25.15 -25.93 44.18
C SER B 25 -26.15 -27.01 43.76
N SER B 26 -27.23 -26.56 43.10
CA SER B 26 -28.26 -27.49 42.66
C SER B 26 -27.77 -28.36 41.50
N GLN B 27 -27.10 -27.76 40.52
CA GLN B 27 -26.43 -28.52 39.48
C GLN B 27 -25.01 -27.97 39.33
N SER B 28 -24.31 -28.43 38.29
CA SER B 28 -22.92 -28.05 38.10
C SER B 28 -22.80 -26.57 37.74
N LEU B 29 -21.83 -25.90 38.34
CA LEU B 29 -21.55 -24.49 38.09
C LEU B 29 -20.44 -24.27 37.09
N GLU B 30 -19.99 -25.33 36.42
CA GLU B 30 -18.83 -25.28 35.54
C GLU B 30 -19.24 -25.07 34.10
N GLU B 31 -18.61 -24.10 33.45
CA GLU B 31 -18.82 -23.83 32.03
C GLU B 31 -17.53 -23.27 31.45
N TYR B 32 -17.22 -23.70 30.22
CA TYR B 32 -16.00 -23.33 29.50
C TYR B 32 -14.73 -23.70 30.29
N GLY B 33 -14.78 -24.81 31.01
CA GLY B 33 -13.60 -25.34 31.67
C GLY B 33 -13.22 -24.65 32.96
N LYS B 34 -14.00 -23.67 33.43
CA LYS B 34 -13.71 -22.96 34.66
C LYS B 34 -14.96 -22.91 35.52
N ASN B 35 -14.77 -23.04 36.83
CA ASN B 35 -15.89 -22.94 37.75
C ASN B 35 -16.37 -21.50 37.85
N TRP B 36 -17.68 -21.34 38.04
CA TRP B 36 -18.28 -20.01 38.05
C TRP B 36 -18.98 -19.74 39.38
N LEU B 37 -18.29 -20.01 40.48
CA LEU B 37 -18.71 -19.55 41.80
C LEU B 37 -17.71 -18.53 42.28
N SER B 38 -18.20 -17.51 42.97
CA SER B 38 -17.35 -16.48 43.54
C SER B 38 -17.57 -16.39 45.05
N TRP B 39 -16.57 -15.89 45.76
CA TRP B 39 -16.66 -15.67 47.19
C TRP B 39 -16.48 -14.19 47.47
N TYR B 40 -17.42 -13.62 48.21
CA TYR B 40 -17.41 -12.20 48.55
C TYR B 40 -17.31 -12.04 50.06
N GLN B 41 -16.55 -11.05 50.49
CA GLN B 41 -16.34 -10.76 51.90
C GLN B 41 -16.95 -9.41 52.26
N GLN B 42 -17.71 -9.37 53.35
CA GLN B 42 -18.28 -8.13 53.86
C GLN B 42 -17.85 -7.98 55.32
N LYS B 43 -17.00 -7.01 55.57
CA LYS B 43 -16.60 -6.64 56.92
C LYS B 43 -17.70 -5.80 57.57
N PRO B 44 -17.79 -5.80 58.90
CA PRO B 44 -18.82 -4.99 59.58
C PRO B 44 -18.64 -3.50 59.32
N GLY B 45 -19.68 -2.88 58.78
CA GLY B 45 -19.66 -1.47 58.46
C GLY B 45 -19.10 -1.11 57.10
N GLN B 46 -18.69 -2.10 56.31
CA GLN B 46 -18.07 -1.85 55.01
C GLN B 46 -18.89 -2.49 53.90
N SER B 47 -18.72 -1.96 52.69
CA SER B 47 -19.37 -2.49 51.51
C SER B 47 -18.79 -3.86 51.15
N PRO B 48 -19.52 -4.68 50.40
CA PRO B 48 -18.97 -5.97 49.97
C PRO B 48 -17.77 -5.81 49.06
N ARG B 49 -16.93 -6.83 49.05
CA ARG B 49 -15.65 -6.78 48.37
C ARG B 49 -15.36 -8.16 47.79
N LEU B 50 -14.90 -8.20 46.55
CA LEU B 50 -14.61 -9.47 45.90
C LEU B 50 -13.39 -10.13 46.53
N LEU B 51 -13.59 -11.33 47.06
CA LEU B 51 -12.52 -12.10 47.70
C LEU B 51 -11.93 -13.15 46.77
N ILE B 52 -12.77 -13.92 46.09
CA ILE B 52 -12.31 -14.98 45.19
C ILE B 52 -13.21 -14.97 43.95
N TYR B 53 -12.61 -14.97 42.78
CA TYR B 53 -13.35 -15.05 41.52
C TYR B 53 -12.96 -16.34 40.80
N GLN B 54 -13.93 -16.89 40.06
CA GLN B 54 -13.81 -18.15 39.32
C GLN B 54 -13.49 -19.34 40.22
N ALA B 55 -13.79 -19.21 41.52
CA ALA B 55 -13.73 -20.25 42.55
C ALA B 55 -12.32 -20.74 42.86
N THR B 56 -11.30 -20.28 42.12
CA THR B 56 -9.94 -20.71 42.42
C THR B 56 -8.97 -19.53 42.40
N ASN B 57 -9.34 -18.45 41.71
CA ASN B 57 -8.48 -17.29 41.62
C ASN B 57 -8.84 -16.28 42.70
N ARG B 58 -7.87 -15.46 43.06
CA ARG B 58 -8.02 -14.51 44.15
C ARG B 58 -7.71 -13.09 43.66
N ALA B 59 -8.26 -12.10 44.37
CA ALA B 59 -8.00 -10.72 44.03
C ALA B 59 -6.59 -10.30 44.45
N SER B 60 -6.19 -9.11 43.99
CA SER B 60 -4.85 -8.64 44.25
C SER B 60 -4.63 -8.28 45.72
N TRP B 61 -5.68 -7.75 46.37
CA TRP B 61 -5.57 -7.35 47.77
C TRP B 61 -5.53 -8.54 48.72
N VAL B 62 -5.92 -9.72 48.26
CA VAL B 62 -6.18 -10.87 49.14
C VAL B 62 -4.86 -11.46 49.63
N PRO B 63 -4.65 -11.55 50.95
CA PRO B 63 -3.44 -12.19 51.45
C PRO B 63 -3.46 -13.70 51.22
N GLU B 64 -2.27 -14.29 51.20
CA GLU B 64 -2.10 -15.70 50.88
C GLU B 64 -2.48 -16.57 52.09
N ARG B 65 -3.80 -16.59 52.37
CA ARG B 65 -4.34 -17.52 53.35
C ARG B 65 -5.71 -18.06 52.96
N PHE B 66 -6.20 -17.77 51.76
CA PHE B 66 -7.53 -18.15 51.33
C PHE B 66 -7.42 -19.25 50.28
N SER B 67 -8.09 -20.37 50.53
CA SER B 67 -8.00 -21.52 49.63
C SER B 67 -8.90 -21.32 48.41
N GLY B 68 -8.54 -21.99 47.32
CA GLY B 68 -9.30 -21.90 46.10
C GLY B 68 -10.44 -22.90 45.98
N SER B 69 -11.23 -23.01 47.04
CA SER B 69 -12.52 -23.75 47.14
C SER B 69 -12.32 -25.17 46.61
N GLY B 70 -13.20 -25.66 45.73
CA GLY B 70 -13.08 -26.97 45.14
C GLY B 70 -13.47 -26.98 43.68
N SER B 71 -14.22 -27.99 43.25
CA SER B 71 -14.66 -28.10 41.87
C SER B 71 -15.98 -28.86 41.80
N GLY B 72 -16.67 -28.69 40.69
CA GLY B 72 -17.91 -29.44 40.43
C GLY B 72 -19.12 -28.70 40.99
N THR B 73 -19.80 -29.33 41.95
CA THR B 73 -20.98 -28.75 42.56
C THR B 73 -20.76 -28.29 43.99
N ASP B 74 -19.77 -28.83 44.69
CA ASP B 74 -19.48 -28.49 46.07
C ASP B 74 -18.19 -27.69 46.14
N PHE B 75 -18.19 -26.59 46.88
CA PHE B 75 -17.01 -25.77 47.06
C PHE B 75 -16.85 -25.44 48.54
N THR B 76 -15.61 -25.24 48.97
CA THR B 76 -15.35 -24.97 50.37
C THR B 76 -14.19 -23.97 50.53
N LEU B 77 -14.53 -22.75 50.92
CA LEU B 77 -13.53 -21.75 51.24
C LEU B 77 -12.85 -22.09 52.55
N LYS B 78 -11.52 -22.07 52.55
CA LYS B 78 -10.74 -22.40 53.74
C LYS B 78 -9.76 -21.28 54.02
N ILE B 79 -9.73 -20.83 55.28
CA ILE B 79 -8.79 -19.83 55.76
C ILE B 79 -7.78 -20.54 56.64
N SER B 80 -6.49 -20.42 56.30
CA SER B 80 -5.46 -21.14 57.04
C SER B 80 -5.27 -20.55 58.43
N ARG B 81 -5.17 -19.23 58.54
CA ARG B 81 -4.96 -18.56 59.82
C ARG B 81 -5.81 -17.30 59.86
N VAL B 82 -6.82 -17.27 60.73
CA VAL B 82 -7.61 -16.06 60.90
C VAL B 82 -6.81 -15.04 61.71
N GLU B 83 -6.73 -13.82 61.19
CA GLU B 83 -5.88 -12.78 61.76
C GLU B 83 -6.68 -11.68 62.44
N ALA B 84 -7.92 -11.97 62.86
CA ALA B 84 -8.86 -11.09 63.56
C ALA B 84 -9.36 -9.94 62.71
N GLU B 85 -8.86 -9.77 61.48
CA GLU B 85 -9.44 -8.85 60.52
C GLU B 85 -10.37 -9.54 59.54
N ASP B 86 -10.48 -10.86 59.63
CA ASP B 86 -11.34 -11.65 58.76
C ASP B 86 -12.72 -11.89 59.36
N VAL B 87 -13.02 -11.29 60.52
CA VAL B 87 -14.34 -11.42 61.11
C VAL B 87 -15.34 -10.65 60.26
N GLY B 88 -16.40 -11.36 59.83
CA GLY B 88 -17.34 -10.75 58.92
C GLY B 88 -18.30 -11.75 58.31
N VAL B 89 -18.77 -11.50 57.09
CA VAL B 89 -19.70 -12.39 56.42
C VAL B 89 -19.12 -12.80 55.06
N TYR B 90 -19.20 -14.09 54.76
CA TYR B 90 -18.71 -14.65 53.51
C TYR B 90 -19.88 -15.15 52.68
N TYR B 91 -19.80 -14.93 51.36
CA TYR B 91 -20.91 -15.18 50.46
C TYR B 91 -20.42 -16.01 49.30
N CYS B 92 -21.18 -17.03 48.92
CA CYS B 92 -20.95 -17.74 47.66
C CYS B 92 -21.97 -17.27 46.63
N PHE B 93 -21.47 -16.84 45.47
CA PHE B 93 -22.25 -16.12 44.48
C PHE B 93 -22.17 -16.86 43.15
N GLN B 94 -23.34 -17.12 42.56
CA GLN B 94 -23.42 -17.80 41.28
C GLN B 94 -22.94 -16.89 40.14
N ASP B 95 -22.13 -17.45 39.24
CA ASP B 95 -21.72 -16.75 38.02
C ASP B 95 -21.98 -17.57 36.77
N LEU B 96 -22.96 -18.50 36.79
CA LEU B 96 -23.26 -19.25 35.57
C LEU B 96 -24.02 -18.40 34.57
N GLN B 97 -25.23 -17.98 34.93
CA GLN B 97 -26.13 -17.31 34.00
C GLN B 97 -27.10 -16.47 34.81
N PRO B 98 -27.64 -15.40 34.23
CA PRO B 98 -28.67 -14.63 34.94
C PRO B 98 -29.97 -15.40 34.99
N PRO B 99 -30.73 -15.28 36.10
CA PRO B 99 -30.45 -14.41 37.25
C PRO B 99 -29.48 -15.03 38.27
N ASN B 100 -28.39 -14.31 38.52
CA ASN B 100 -27.41 -14.76 39.50
C ASN B 100 -27.96 -14.62 40.91
N GLY B 101 -27.33 -15.30 41.86
CA GLY B 101 -27.78 -15.27 43.23
C GLY B 101 -26.64 -15.49 44.21
N PHE B 102 -26.88 -15.09 45.44
CA PHE B 102 -25.95 -15.26 46.54
C PHE B 102 -26.33 -16.48 47.37
N GLY B 103 -25.39 -16.93 48.20
CA GLY B 103 -25.66 -17.99 49.13
C GLY B 103 -26.37 -17.48 50.37
N ALA B 104 -26.40 -18.33 51.40
CA ALA B 104 -27.05 -17.97 52.65
C ALA B 104 -26.30 -16.85 53.36
N GLY B 105 -24.97 -16.88 53.33
CA GLY B 105 -24.18 -15.89 54.03
C GLY B 105 -23.69 -16.40 55.37
N THR B 106 -22.41 -16.76 55.46
CA THR B 106 -21.87 -17.37 56.66
C THR B 106 -21.08 -16.33 57.45
N LYS B 107 -21.42 -16.15 58.72
CA LYS B 107 -20.80 -15.14 59.57
C LYS B 107 -19.70 -15.78 60.40
N LEU B 108 -18.47 -15.30 60.24
CA LEU B 108 -17.33 -15.76 61.01
C LEU B 108 -17.02 -14.73 62.09
N GLU B 109 -16.98 -15.19 63.34
CA GLU B 109 -16.62 -14.39 64.50
C GLU B 109 -15.74 -15.24 65.41
N LEU B 110 -14.67 -14.64 65.92
CA LEU B 110 -13.70 -15.38 66.71
C LEU B 110 -14.27 -15.77 68.07
N LYS B 111 -13.59 -16.72 68.71
CA LYS B 111 -13.96 -17.17 70.05
C LYS B 111 -12.74 -17.74 70.78
N GLU C 1 -8.69 5.98 39.80
CA GLU C 1 -9.38 4.89 40.48
C GLU C 1 -10.85 4.84 40.07
N VAL C 2 -11.32 3.64 39.73
CA VAL C 2 -12.72 3.43 39.38
C VAL C 2 -13.54 3.56 40.66
N LYS C 3 -14.38 4.61 40.73
CA LYS C 3 -15.18 4.88 41.91
C LYS C 3 -16.65 4.98 41.53
N LEU C 4 -17.53 4.61 42.47
CA LEU C 4 -18.95 4.59 42.24
C LEU C 4 -19.65 5.33 43.39
N VAL C 5 -20.71 6.07 43.05
CA VAL C 5 -21.46 6.85 44.03
C VAL C 5 -22.95 6.58 43.80
N GLU C 6 -23.65 6.17 44.86
CA GLU C 6 -25.08 5.89 44.80
C GLU C 6 -25.88 7.06 45.35
N SER C 7 -27.03 7.34 44.74
CA SER C 7 -27.94 8.37 45.25
C SER C 7 -29.34 8.19 44.67
N GLY C 8 -30.36 8.01 45.51
CA GLY C 8 -30.22 7.93 46.95
C GLY C 8 -31.49 7.37 47.55
N GLY C 9 -31.40 6.84 48.76
CA GLY C 9 -32.57 6.26 49.42
C GLY C 9 -33.17 7.18 50.45
N GLY C 10 -34.43 6.92 50.81
CA GLY C 10 -35.09 7.75 51.79
C GLY C 10 -36.41 7.17 52.21
N LEU C 11 -37.15 7.95 53.00
CA LEU C 11 -38.45 7.52 53.49
C LEU C 11 -39.46 7.47 52.35
N VAL C 12 -39.93 6.27 52.04
CA VAL C 12 -40.85 6.04 50.94
C VAL C 12 -42.06 5.28 51.48
N GLN C 13 -43.26 5.77 51.15
CA GLN C 13 -44.48 5.10 51.53
C GLN C 13 -44.62 3.77 50.80
N PRO C 14 -45.39 2.82 51.34
CA PRO C 14 -45.48 1.48 50.73
C PRO C 14 -46.11 1.44 49.33
N GLY C 15 -46.53 2.57 48.76
CA GLY C 15 -46.87 2.58 47.34
C GLY C 15 -46.21 3.74 46.61
N GLY C 16 -45.30 3.44 45.70
CA GLY C 16 -44.59 4.49 45.01
C GLY C 16 -43.50 3.94 44.11
N SER C 17 -42.60 4.85 43.72
CA SER C 17 -41.53 4.51 42.78
C SER C 17 -40.29 5.31 43.16
N LEU C 18 -39.11 4.72 42.91
CA LEU C 18 -37.84 5.38 43.17
C LEU C 18 -36.98 5.32 41.92
N LYS C 19 -36.03 6.26 41.82
CA LYS C 19 -35.13 6.37 40.68
C LYS C 19 -33.72 6.53 41.25
N LEU C 20 -33.02 5.42 41.39
CA LEU C 20 -31.70 5.40 42.00
C LEU C 20 -30.63 5.60 40.92
N SER C 21 -29.76 6.57 41.13
CA SER C 21 -28.64 6.86 40.24
C SER C 21 -27.35 6.29 40.81
N CYS C 22 -26.51 5.79 39.92
CA CYS C 22 -25.19 5.27 40.26
C CYS C 22 -24.19 5.91 39.30
N VAL C 23 -23.44 6.89 39.79
CA VAL C 23 -22.50 7.66 38.98
C VAL C 23 -21.12 7.06 39.14
N GLY C 24 -20.46 6.78 38.01
CA GLY C 24 -19.16 6.13 38.02
C GLY C 24 -18.10 7.03 37.42
N SER C 25 -16.89 6.96 38.00
CA SER C 25 -15.70 7.64 37.49
C SER C 25 -14.60 6.59 37.41
N GLY C 26 -14.47 5.96 36.25
CA GLY C 26 -13.46 4.94 36.05
C GLY C 26 -12.85 4.93 34.66
N SER C 27 -13.27 5.88 33.83
CA SER C 27 -12.86 6.11 32.44
C SER C 27 -13.31 5.00 31.48
N THR C 28 -13.94 3.94 31.97
CA THR C 28 -14.52 2.91 31.12
C THR C 28 -15.92 2.52 31.56
N PHE C 29 -16.63 3.42 32.25
CA PHE C 29 -17.93 3.06 32.84
C PHE C 29 -18.97 2.74 31.77
N SER C 30 -18.81 3.30 30.57
CA SER C 30 -19.79 3.05 29.52
C SER C 30 -19.64 1.66 28.91
N SER C 31 -18.45 1.06 29.05
CA SER C 31 -18.19 -0.29 28.54
C SER C 31 -18.20 -1.34 29.64
N ASP C 32 -18.73 -1.00 30.80
CA ASP C 32 -18.67 -1.86 31.97
C ASP C 32 -20.09 -2.23 32.39
N ALA C 33 -20.32 -3.52 32.61
CA ALA C 33 -21.61 -4.00 33.06
C ALA C 33 -21.89 -3.56 34.48
N VAL C 34 -23.14 -3.21 34.76
CA VAL C 34 -23.54 -2.65 36.05
C VAL C 34 -24.61 -3.55 36.66
N SER C 35 -24.39 -3.97 37.90
CA SER C 35 -25.33 -4.79 38.64
C SER C 35 -25.89 -4.00 39.81
N TRP C 36 -27.15 -4.26 40.15
CA TRP C 36 -27.77 -3.74 41.35
C TRP C 36 -28.07 -4.89 42.29
N VAL C 37 -27.58 -4.78 43.53
CA VAL C 37 -27.62 -5.81 44.56
C VAL C 37 -28.19 -5.17 45.83
N ARG C 38 -28.88 -5.95 46.65
CA ARG C 38 -29.38 -5.44 47.92
C ARG C 38 -28.98 -6.35 49.07
N GLN C 39 -28.95 -5.77 50.26
CA GLN C 39 -28.78 -6.51 51.52
C GLN C 39 -29.84 -6.03 52.50
N ALA C 40 -30.76 -6.91 52.85
CA ALA C 40 -31.78 -6.56 53.82
C ALA C 40 -31.23 -6.69 55.24
N PRO C 41 -31.73 -5.90 56.19
CA PRO C 41 -31.32 -6.11 57.59
C PRO C 41 -31.81 -7.45 58.11
N GLY C 42 -30.90 -8.18 58.76
CA GLY C 42 -31.21 -9.52 59.20
C GLY C 42 -31.33 -10.54 58.08
N LYS C 43 -30.72 -10.27 56.93
CA LYS C 43 -30.82 -11.13 55.77
C LYS C 43 -29.56 -10.97 54.94
N GLY C 44 -29.23 -12.00 54.17
CA GLY C 44 -28.04 -11.97 53.35
C GLY C 44 -28.19 -11.10 52.11
N LEU C 45 -27.10 -11.00 51.36
CA LEU C 45 -27.09 -10.27 50.10
C LEU C 45 -28.04 -10.92 49.11
N GLU C 46 -28.72 -10.09 48.32
CA GLU C 46 -29.65 -10.57 47.31
C GLU C 46 -29.42 -9.82 46.01
N TRP C 47 -29.10 -10.54 44.95
CA TRP C 47 -28.93 -9.95 43.63
C TRP C 47 -30.28 -9.50 43.09
N LEU C 48 -30.30 -8.32 42.47
CA LEU C 48 -31.53 -7.76 41.92
C LEU C 48 -31.55 -7.65 40.41
N ALA C 49 -30.56 -6.98 39.82
CA ALA C 49 -30.64 -6.71 38.39
C ALA C 49 -29.24 -6.54 37.81
N GLY C 50 -29.15 -6.57 36.49
CA GLY C 50 -27.90 -6.36 35.81
C GLY C 50 -28.12 -5.86 34.40
N ILE C 51 -27.13 -5.10 33.91
CA ILE C 51 -27.20 -4.51 32.58
C ILE C 51 -25.82 -4.52 31.96
N ASP C 52 -25.77 -4.68 30.64
CA ASP C 52 -24.52 -4.74 29.89
C ASP C 52 -24.00 -3.34 29.59
N GLY C 53 -22.79 -3.29 29.03
CA GLY C 53 -22.23 -2.05 28.53
C GLY C 53 -22.40 -1.91 27.03
N ASP C 54 -21.86 -0.81 26.50
CA ASP C 54 -21.93 -0.57 25.07
C ASP C 54 -21.02 -1.52 24.30
N GLY C 55 -21.48 -1.95 23.14
CA GLY C 55 -20.77 -2.92 22.33
C GLY C 55 -21.39 -4.30 22.45
N GLY C 56 -22.18 -4.68 21.45
CA GLY C 56 -22.85 -5.96 21.48
C GLY C 56 -24.35 -5.84 21.68
N GLY C 57 -24.77 -4.93 22.55
CA GLY C 57 -26.18 -4.74 22.81
C GLY C 57 -26.39 -4.01 24.13
N GLY C 58 -27.66 -4.01 24.56
CA GLY C 58 -28.05 -3.36 25.79
C GLY C 58 -29.01 -4.21 26.61
N SER C 59 -28.79 -5.53 26.59
CA SER C 59 -29.71 -6.45 27.23
C SER C 59 -29.71 -6.29 28.76
N THR C 60 -30.89 -6.41 29.35
CA THR C 60 -31.09 -6.27 30.78
C THR C 60 -31.56 -7.59 31.37
N TYR C 61 -31.02 -7.95 32.53
CA TYR C 61 -31.33 -9.20 33.19
C TYR C 61 -31.85 -8.91 34.59
N TYR C 62 -32.82 -9.70 35.03
CA TYR C 62 -33.59 -9.36 36.22
C TYR C 62 -33.72 -10.58 37.12
N ALA C 63 -33.78 -10.32 38.43
CA ALA C 63 -34.12 -11.40 39.36
C ALA C 63 -35.60 -11.70 39.27
N ASP C 64 -35.95 -12.98 39.48
CA ASP C 64 -37.33 -13.40 39.32
C ASP C 64 -38.24 -12.85 40.41
N SER C 65 -37.69 -12.42 41.54
CA SER C 65 -38.52 -11.86 42.60
C SER C 65 -39.03 -10.47 42.22
N VAL C 66 -38.22 -9.68 41.51
CA VAL C 66 -38.55 -8.30 41.18
C VAL C 66 -38.66 -8.08 39.68
N LYS C 67 -38.79 -9.15 38.89
CA LYS C 67 -38.92 -9.00 37.44
C LYS C 67 -40.25 -8.37 37.09
N GLY C 68 -40.22 -7.36 36.22
CA GLY C 68 -41.38 -6.58 35.86
C GLY C 68 -41.60 -5.38 36.76
N ARG C 69 -41.33 -5.55 38.05
CA ARG C 69 -41.45 -4.43 38.98
C ARG C 69 -40.32 -3.43 38.79
N PHE C 70 -39.11 -3.91 38.51
CA PHE C 70 -37.93 -3.07 38.41
C PHE C 70 -37.64 -2.77 36.95
N THR C 71 -36.90 -1.67 36.74
CA THR C 71 -36.51 -1.28 35.38
C THR C 71 -35.11 -0.68 35.45
N ILE C 72 -34.12 -1.41 34.95
CA ILE C 72 -32.74 -0.93 34.96
C ILE C 72 -32.45 -0.24 33.64
N SER C 73 -31.59 0.78 33.71
CA SER C 73 -31.23 1.56 32.53
C SER C 73 -29.85 2.16 32.75
N ARG C 74 -29.33 2.82 31.73
CA ARG C 74 -28.07 3.54 31.86
C ARG C 74 -28.04 4.71 30.88
N ASP C 75 -27.45 5.81 31.33
CA ASP C 75 -27.16 6.97 30.49
C ASP C 75 -25.66 7.19 30.56
N ASN C 76 -24.96 6.81 29.49
CA ASN C 76 -23.51 6.85 29.49
C ASN C 76 -22.94 8.23 29.20
N SER C 77 -23.78 9.19 28.79
CA SER C 77 -23.31 10.54 28.56
C SER C 77 -22.87 11.21 29.86
N GLN C 78 -23.58 10.96 30.95
CA GLN C 78 -23.19 11.43 32.27
C GLN C 78 -22.55 10.34 33.11
N LYS C 79 -22.28 9.17 32.51
CA LYS C 79 -21.70 8.00 33.20
C LYS C 79 -22.54 7.56 34.39
N THR C 80 -23.84 7.43 34.17
CA THR C 80 -24.77 7.04 35.23
C THR C 80 -25.53 5.78 34.84
N ALA C 81 -25.86 4.99 35.86
CA ALA C 81 -26.79 3.88 35.74
C ALA C 81 -28.02 4.18 36.59
N TYR C 82 -29.16 3.66 36.17
CA TYR C 82 -30.43 4.02 36.76
C TYR C 82 -31.21 2.76 37.13
N LEU C 83 -31.89 2.82 38.28
CA LEU C 83 -32.77 1.76 38.74
C LEU C 83 -34.13 2.37 39.08
N GLN C 84 -35.15 2.01 38.31
CA GLN C 84 -36.52 2.43 38.57
C GLN C 84 -37.24 1.33 39.35
N MET C 85 -37.83 1.71 40.48
CA MET C 85 -38.46 0.77 41.40
C MET C 85 -39.93 1.12 41.53
N ASN C 86 -40.80 0.25 41.01
CA ASN C 86 -42.23 0.53 40.92
C ASN C 86 -43.00 -0.39 41.85
N SER C 87 -43.92 0.21 42.62
CA SER C 87 -44.84 -0.52 43.50
C SER C 87 -44.11 -1.39 44.51
N LEU C 88 -43.07 -0.82 45.13
CA LEU C 88 -42.30 -1.55 46.12
C LEU C 88 -43.13 -1.79 47.38
N ARG C 89 -43.01 -2.99 47.95
CA ARG C 89 -43.75 -3.36 49.14
C ARG C 89 -42.92 -3.07 50.39
N THR C 90 -43.38 -3.57 51.53
CA THR C 90 -42.76 -3.20 52.81
C THR C 90 -41.44 -3.90 53.05
N ASP C 91 -41.18 -5.00 52.34
CA ASP C 91 -39.94 -5.74 52.55
C ASP C 91 -38.79 -5.26 51.67
N ASP C 92 -38.99 -4.19 50.90
CA ASP C 92 -37.93 -3.67 50.05
C ASP C 92 -36.96 -2.77 50.78
N THR C 93 -37.16 -2.52 52.07
CA THR C 93 -36.19 -1.76 52.84
C THR C 93 -34.90 -2.55 53.02
N ALA C 94 -33.79 -1.99 52.52
CA ALA C 94 -32.51 -2.67 52.46
C ALA C 94 -31.45 -1.66 52.07
N ARG C 95 -30.19 -2.09 52.17
CA ARG C 95 -29.06 -1.31 51.68
C ARG C 95 -28.76 -1.74 50.25
N TYR C 96 -28.77 -0.79 49.32
CA TYR C 96 -28.64 -1.07 47.90
C TYR C 96 -27.26 -0.64 47.42
N TYR C 97 -26.62 -1.51 46.66
CA TYR C 97 -25.32 -1.25 46.06
C TYR C 97 -25.41 -1.40 44.55
N CYS C 98 -24.65 -0.58 43.84
CA CYS C 98 -24.37 -0.79 42.43
C CYS C 98 -22.92 -1.26 42.33
N ALA C 99 -22.72 -2.33 41.56
CA ALA C 99 -21.41 -2.94 41.40
C ALA C 99 -21.03 -2.91 39.92
N GLU C 100 -19.83 -2.47 39.63
CA GLU C 100 -19.37 -2.32 38.26
C GLU C 100 -18.38 -3.44 37.94
N CYS C 101 -18.85 -4.45 37.22
CA CYS C 101 -17.93 -5.41 36.64
C CYS C 101 -17.08 -4.72 35.58
N PRO C 102 -15.77 -4.99 35.54
CA PRO C 102 -14.91 -4.46 34.47
C PRO C 102 -15.00 -5.26 33.18
N MET C 103 -16.23 -5.61 32.79
CA MET C 103 -16.54 -6.46 31.65
C MET C 103 -17.74 -5.87 30.92
N VAL C 104 -17.80 -6.14 29.61
CA VAL C 104 -18.84 -5.54 28.78
C VAL C 104 -20.18 -6.23 29.01
N LEU C 105 -20.24 -7.52 28.68
CA LEU C 105 -21.47 -8.28 28.85
C LEU C 105 -21.64 -8.72 30.29
N LEU C 106 -22.88 -8.65 30.78
CA LEU C 106 -23.20 -9.15 32.12
C LEU C 106 -23.80 -10.54 31.95
N ALA C 107 -22.91 -11.50 31.74
CA ALA C 107 -23.27 -12.91 31.72
C ALA C 107 -22.58 -13.70 32.82
N LYS C 108 -21.26 -13.58 32.91
CA LYS C 108 -20.48 -14.27 33.93
C LYS C 108 -19.47 -13.32 34.59
N CYS C 109 -19.83 -12.06 34.76
CA CYS C 109 -18.88 -11.09 35.28
C CYS C 109 -18.73 -11.21 36.80
N SER C 110 -17.59 -10.75 37.29
CA SER C 110 -17.31 -10.65 38.71
C SER C 110 -17.44 -9.20 39.14
N MET C 111 -18.26 -8.98 40.17
CA MET C 111 -18.58 -7.63 40.65
C MET C 111 -17.40 -7.09 41.45
N GLU C 112 -16.49 -6.43 40.74
CA GLU C 112 -15.22 -6.00 41.34
C GLU C 112 -15.39 -4.70 42.12
N PHE C 113 -15.77 -3.63 41.44
CA PHE C 113 -15.83 -2.30 42.03
C PHE C 113 -17.23 -2.04 42.57
N TRP C 114 -17.32 -1.59 43.80
CA TRP C 114 -18.58 -1.31 44.48
C TRP C 114 -18.62 0.16 44.92
N GLY C 115 -19.70 0.50 45.61
CA GLY C 115 -19.84 1.80 46.22
C GLY C 115 -20.35 1.68 47.63
N PRO C 116 -20.48 2.80 48.34
CA PRO C 116 -21.04 2.77 49.70
C PRO C 116 -22.50 2.33 49.75
N GLY C 117 -23.26 2.53 48.68
CA GLY C 117 -24.67 2.16 48.66
C GLY C 117 -25.53 3.17 49.39
N VAL C 118 -26.84 3.04 49.21
CA VAL C 118 -27.81 3.87 49.90
C VAL C 118 -28.84 3.00 50.59
N GLU C 119 -29.27 3.41 51.77
CA GLU C 119 -30.24 2.66 52.54
C GLU C 119 -31.65 3.14 52.19
N VAL C 120 -32.44 2.27 51.58
CA VAL C 120 -33.81 2.58 51.20
C VAL C 120 -34.73 2.01 52.26
N VAL C 121 -35.50 2.87 52.91
CA VAL C 121 -36.44 2.49 53.95
C VAL C 121 -37.85 2.66 53.40
N VAL C 122 -38.71 1.70 53.67
CA VAL C 122 -40.09 1.70 53.18
C VAL C 122 -41.01 1.82 54.40
N SER C 123 -41.74 2.93 54.47
CA SER C 123 -42.65 3.16 55.59
C SER C 123 -43.75 4.13 55.19
N GLY D 118 28.96 -10.97 -42.92
CA GLY D 118 28.41 -9.68 -42.54
C GLY D 118 26.93 -9.56 -42.81
N PHE D 119 26.32 -8.51 -42.26
CA PHE D 119 24.90 -8.28 -42.44
C PHE D 119 24.59 -6.80 -42.26
N GLU D 120 23.53 -6.34 -42.93
CA GLU D 120 23.07 -4.96 -42.80
C GLU D 120 21.55 -4.96 -42.74
N TYR D 121 20.95 -3.78 -42.68
CA TYR D 121 19.50 -3.67 -42.57
C TYR D 121 18.97 -2.76 -43.67
N ASN D 122 17.74 -3.05 -44.12
CA ASN D 122 17.08 -2.24 -45.13
C ASN D 122 15.61 -2.10 -44.78
N LYS D 123 14.98 -1.11 -45.42
CA LYS D 123 13.61 -0.72 -45.15
C LYS D 123 12.72 -1.08 -46.32
N VAL D 124 11.45 -1.37 -46.03
CA VAL D 124 10.45 -1.66 -47.05
C VAL D 124 9.27 -0.73 -46.83
N ARG D 125 8.96 0.08 -47.85
CA ARG D 125 7.81 0.96 -47.78
C ARG D 125 6.53 0.16 -48.01
N PRO D 126 5.42 0.57 -47.41
CA PRO D 126 4.15 -0.13 -47.64
C PRO D 126 3.64 0.09 -49.06
N HIS D 127 3.30 -1.01 -49.72
CA HIS D 127 2.82 -0.97 -51.11
C HIS D 127 1.35 -0.57 -51.21
N THR D 128 0.61 -0.58 -50.11
CA THR D 128 -0.81 -0.24 -50.15
C THR D 128 -1.02 1.24 -50.41
N GLY D 129 -0.31 2.09 -49.69
CA GLY D 129 -0.52 3.52 -49.78
C GLY D 129 -1.56 4.00 -48.79
N THR D 130 -1.17 4.93 -47.91
CA THR D 130 -1.93 5.39 -46.75
C THR D 130 -2.51 4.25 -45.90
N PRO D 131 -1.70 3.57 -45.08
CA PRO D 131 -2.26 2.59 -44.14
C PRO D 131 -3.34 3.18 -43.24
N THR D 132 -4.36 2.37 -42.97
CA THR D 132 -5.48 2.73 -42.11
C THR D 132 -5.81 1.51 -41.27
N LEU D 133 -6.21 1.72 -40.01
CA LEU D 133 -6.57 0.62 -39.13
C LEU D 133 -7.80 -0.11 -39.67
N GLY D 134 -7.73 -1.44 -39.66
CA GLY D 134 -8.78 -2.27 -40.22
C GLY D 134 -8.62 -2.60 -41.69
N ASN D 135 -7.56 -2.11 -42.33
CA ASN D 135 -7.33 -2.35 -43.75
C ASN D 135 -6.03 -3.11 -43.95
N LYS D 136 -5.95 -3.82 -45.08
CA LYS D 136 -4.78 -4.65 -45.36
C LYS D 136 -3.61 -3.81 -45.82
N LEU D 137 -2.43 -4.12 -45.29
CA LEU D 137 -1.17 -3.50 -45.70
C LEU D 137 -0.33 -4.53 -46.44
N THR D 138 0.24 -4.12 -47.56
CA THR D 138 1.07 -4.97 -48.40
C THR D 138 2.50 -4.45 -48.34
N PHE D 139 3.44 -5.33 -47.98
CA PHE D 139 4.86 -5.04 -47.99
C PHE D 139 5.55 -5.90 -49.04
N GLY D 140 6.50 -5.32 -49.76
CA GLY D 140 7.18 -6.03 -50.83
C GLY D 140 8.66 -6.23 -50.58
N ILE D 141 9.10 -7.49 -50.60
CA ILE D 141 10.49 -7.83 -50.35
C ILE D 141 11.31 -7.57 -51.62
N PRO D 142 12.33 -6.70 -51.55
CA PRO D 142 13.17 -6.49 -52.74
C PRO D 142 14.30 -7.51 -52.84
N GLN D 143 15.15 -7.36 -53.85
CA GLN D 143 16.32 -8.21 -54.03
C GLN D 143 17.56 -7.42 -53.66
N TYR D 144 18.19 -7.77 -52.53
CA TYR D 144 19.40 -7.08 -52.10
C TYR D 144 20.46 -8.07 -51.60
N GLY D 145 20.15 -9.35 -51.52
CA GLY D 145 21.11 -10.32 -51.03
C GLY D 145 20.66 -11.73 -51.30
N ASP D 146 21.29 -12.67 -50.60
CA ASP D 146 21.00 -14.09 -50.75
C ASP D 146 20.17 -14.67 -49.62
N PHE D 147 20.38 -14.23 -48.39
CA PHE D 147 19.67 -14.78 -47.23
C PHE D 147 19.09 -13.65 -46.39
N PHE D 148 17.84 -13.82 -45.98
CA PHE D 148 17.18 -12.89 -45.06
C PHE D 148 16.18 -13.68 -44.24
N HIS D 149 16.23 -13.54 -42.92
CA HIS D 149 15.38 -14.34 -42.04
C HIS D 149 14.44 -13.51 -41.19
N ASP D 150 14.93 -12.52 -40.44
CA ASP D 150 14.11 -11.82 -39.47
C ASP D 150 13.74 -10.43 -39.96
N MET D 151 12.57 -9.96 -39.52
CA MET D 151 12.03 -8.69 -39.96
C MET D 151 11.06 -8.17 -38.91
N VAL D 152 10.96 -6.85 -38.84
CA VAL D 152 10.15 -6.18 -37.82
C VAL D 152 9.31 -5.09 -38.48
N GLY D 153 8.00 -5.15 -38.26
CA GLY D 153 7.13 -4.06 -38.67
C GLY D 153 7.13 -2.94 -37.64
N HIS D 154 7.44 -1.73 -38.09
CA HIS D 154 7.53 -0.57 -37.21
C HIS D 154 6.40 0.39 -37.56
N HIS D 155 5.60 0.76 -36.54
CA HIS D 155 4.52 1.71 -36.72
C HIS D 155 4.60 2.75 -35.62
N ILE D 156 4.11 3.95 -35.92
CA ILE D 156 3.95 5.02 -34.93
C ILE D 156 2.47 5.38 -34.93
N LEU D 157 1.73 4.77 -34.01
CA LEU D 157 0.32 5.09 -33.87
C LEU D 157 0.14 6.49 -33.30
N GLY D 158 -0.76 7.25 -33.90
CA GLY D 158 -0.92 8.65 -33.56
C GLY D 158 -1.53 8.86 -32.20
N ALA D 159 -1.45 10.11 -31.75
CA ALA D 159 -2.02 10.50 -30.47
C ALA D 159 -3.54 10.44 -30.51
N CYS D 160 -4.13 10.00 -29.40
CA CYS D 160 -5.58 9.83 -29.33
C CYS D 160 -6.11 10.46 -28.05
N HIS D 161 -7.37 10.86 -28.12
CA HIS D 161 -8.08 11.46 -27.00
C HIS D 161 -9.57 11.29 -27.24
N SER D 162 -10.33 11.24 -26.16
CA SER D 162 -11.77 11.15 -26.28
C SER D 162 -12.36 12.53 -26.57
N SER D 163 -13.57 12.52 -27.11
CA SER D 163 -14.27 13.77 -27.40
C SER D 163 -14.77 14.41 -26.10
N TRP D 164 -14.98 15.72 -26.16
CA TRP D 164 -15.56 16.44 -25.03
C TRP D 164 -17.01 16.04 -24.85
N GLN D 165 -17.41 15.86 -23.58
CA GLN D 165 -18.76 15.40 -23.28
C GLN D 165 -19.37 16.29 -22.20
N ASP D 166 -20.67 16.46 -22.28
CA ASP D 166 -21.40 17.32 -21.36
C ASP D 166 -21.71 16.57 -20.07
N ALA D 167 -21.62 17.28 -18.96
CA ALA D 167 -21.93 16.69 -17.66
C ALA D 167 -23.43 16.42 -17.57
N PRO D 168 -23.84 15.21 -17.17
CA PRO D 168 -25.28 14.90 -17.15
C PRO D 168 -26.02 15.62 -16.05
N ILE D 169 -27.32 15.75 -16.26
CA ILE D 169 -28.23 16.28 -15.24
C ILE D 169 -28.53 15.18 -14.24
N GLN D 170 -28.72 15.57 -12.99
CA GLN D 170 -29.08 14.61 -11.94
C GLN D 170 -30.49 14.06 -12.18
N GLY D 171 -30.69 12.81 -11.77
CA GLY D 171 -31.95 12.15 -11.97
C GLY D 171 -32.18 11.60 -13.35
N THR D 172 -31.15 11.57 -14.20
CA THR D 172 -31.26 11.10 -15.56
C THR D 172 -30.47 9.81 -15.71
N SER D 173 -31.06 8.82 -16.36
CA SER D 173 -30.38 7.58 -16.72
C SER D 173 -30.16 7.55 -18.22
N GLN D 174 -28.91 7.43 -18.63
CA GLN D 174 -28.54 7.47 -20.03
C GLN D 174 -27.93 6.13 -20.43
N MET D 175 -28.18 5.72 -21.67
CA MET D 175 -27.79 4.39 -22.12
C MET D 175 -26.27 4.32 -22.29
N GLY D 176 -25.66 3.33 -21.64
CA GLY D 176 -24.21 3.20 -21.62
C GLY D 176 -23.70 2.11 -22.55
N ALA D 177 -22.43 1.76 -22.34
CA ALA D 177 -21.77 0.80 -23.20
C ALA D 177 -22.08 -0.63 -22.75
N HIS D 178 -21.98 -1.56 -23.71
CA HIS D 178 -22.14 -3.00 -23.50
C HIS D 178 -23.51 -3.36 -22.92
N GLY D 179 -24.51 -2.54 -23.23
CA GLY D 179 -25.87 -2.81 -22.78
C GLY D 179 -26.10 -2.55 -21.31
N GLN D 180 -25.15 -1.89 -20.66
CA GLN D 180 -25.21 -1.64 -19.21
C GLN D 180 -25.59 -0.17 -19.02
N LEU D 181 -26.74 0.06 -18.39
CA LEU D 181 -27.28 1.40 -18.26
C LEU D 181 -26.49 2.21 -17.25
N GLN D 182 -26.16 3.45 -17.62
CA GLN D 182 -25.56 4.40 -16.70
C GLN D 182 -26.64 5.30 -16.09
N THR D 183 -26.39 5.74 -14.87
CA THR D 183 -27.39 6.52 -14.15
C THR D 183 -26.71 7.46 -13.17
N PHE D 184 -27.35 8.61 -12.96
CA PHE D 184 -26.91 9.63 -12.00
C PHE D 184 -28.08 9.79 -11.04
N PRO D 185 -28.06 9.10 -9.90
CA PRO D 185 -29.27 8.99 -9.08
C PRO D 185 -29.64 10.29 -8.38
N ARG D 186 -30.91 10.38 -8.03
CA ARG D 186 -31.41 11.49 -7.22
C ARG D 186 -30.93 11.35 -5.78
N ASN D 187 -30.98 12.45 -5.04
CA ASN D 187 -30.60 12.42 -3.64
C ASN D 187 -31.61 11.60 -2.83
N GLY D 188 -31.10 10.87 -1.85
CA GLY D 188 -31.95 10.02 -1.06
C GLY D 188 -32.38 8.74 -1.74
N TYR D 189 -31.64 8.29 -2.74
CA TYR D 189 -31.96 7.07 -3.47
C TYR D 189 -30.72 6.20 -3.58
N ASP D 190 -30.93 4.94 -3.95
CA ASP D 190 -29.84 4.02 -4.20
C ASP D 190 -29.28 4.28 -5.60
N TRP D 191 -28.41 3.37 -6.07
CA TRP D 191 -27.81 3.55 -7.39
C TRP D 191 -28.85 3.40 -8.50
N ASP D 192 -29.78 2.45 -8.35
CA ASP D 192 -30.77 2.17 -9.40
C ASP D 192 -31.87 3.24 -9.52
N ASN D 193 -31.77 4.37 -8.82
CA ASN D 193 -32.74 5.47 -8.85
C ASN D 193 -34.11 5.07 -8.33
N GLN D 194 -34.18 3.94 -7.62
CA GLN D 194 -35.36 3.49 -6.90
C GLN D 194 -34.88 2.94 -5.56
N THR D 195 -35.81 2.41 -4.75
CA THR D 195 -35.56 1.84 -3.43
C THR D 195 -34.78 2.81 -2.57
N PRO D 196 -35.43 3.85 -2.04
CA PRO D 196 -34.70 5.01 -1.50
C PRO D 196 -33.77 4.67 -0.35
N LEU D 197 -32.61 5.35 -0.34
CA LEU D 197 -31.56 5.13 0.65
C LEU D 197 -31.34 6.45 1.38
N GLU D 198 -31.53 6.44 2.69
CA GLU D 198 -31.50 7.68 3.46
C GLU D 198 -30.09 8.24 3.55
N GLY D 199 -29.96 9.54 3.30
CA GLY D 199 -28.70 10.23 3.47
C GLY D 199 -27.76 10.21 2.27
N ALA D 200 -28.17 9.60 1.15
CA ALA D 200 -27.30 9.50 -0.01
C ALA D 200 -27.32 10.80 -0.80
N VAL D 201 -26.13 11.37 -1.03
CA VAL D 201 -25.98 12.62 -1.76
C VAL D 201 -25.02 12.37 -2.92
N TYR D 202 -25.45 12.69 -4.13
CA TYR D 202 -24.70 12.35 -5.34
C TYR D 202 -24.19 13.61 -6.02
N THR D 203 -22.88 13.66 -6.25
CA THR D 203 -22.24 14.72 -7.02
C THR D 203 -21.40 14.08 -8.12
N LEU D 204 -20.78 14.91 -8.95
CA LEU D 204 -19.90 14.45 -10.02
C LEU D 204 -18.46 14.87 -9.72
N VAL D 205 -17.52 13.95 -9.89
CA VAL D 205 -16.12 14.23 -9.66
C VAL D 205 -15.29 13.71 -10.84
N ASP D 206 -14.11 14.30 -10.99
CA ASP D 206 -13.10 13.82 -11.92
C ASP D 206 -12.51 12.53 -11.35
N PRO D 207 -11.85 11.70 -12.19
CA PRO D 207 -11.16 10.51 -11.65
C PRO D 207 -10.06 10.81 -10.65
N PHE D 208 -9.58 12.05 -10.55
CA PHE D 208 -8.59 12.43 -9.56
C PHE D 208 -9.17 13.31 -8.45
N GLY D 209 -10.49 13.34 -8.33
CA GLY D 209 -11.14 14.00 -7.21
C GLY D 209 -11.56 15.44 -7.44
N ARG D 210 -11.47 15.93 -8.65
CA ARG D 210 -11.82 17.32 -8.91
C ARG D 210 -13.30 17.43 -9.24
N PRO D 211 -14.02 18.38 -8.63
CA PRO D 211 -15.47 18.48 -8.87
C PRO D 211 -15.80 18.90 -10.30
N ILE D 212 -16.92 18.37 -10.79
CA ILE D 212 -17.45 18.71 -12.11
C ILE D 212 -18.88 19.17 -11.94
N VAL D 213 -19.19 20.36 -12.44
CA VAL D 213 -20.53 20.94 -12.31
C VAL D 213 -21.47 20.26 -13.30
N PRO D 214 -22.60 19.71 -12.85
CA PRO D 214 -23.54 19.08 -13.78
C PRO D 214 -24.15 20.07 -14.75
N GLY D 215 -24.44 19.60 -15.96
CA GLY D 215 -25.00 20.43 -17.00
C GLY D 215 -24.00 21.28 -17.76
N THR D 216 -22.73 21.21 -17.41
CA THR D 216 -21.72 22.02 -18.09
C THR D 216 -21.46 21.47 -19.49
N LYS D 217 -21.44 22.37 -20.47
CA LYS D 217 -21.09 22.00 -21.84
C LYS D 217 -19.59 21.78 -21.95
N ASN D 218 -19.20 20.65 -22.53
CA ASN D 218 -17.81 20.23 -22.70
C ASN D 218 -17.07 20.22 -21.36
N ALA D 219 -17.56 19.38 -20.46
CA ALA D 219 -17.09 19.36 -19.08
C ALA D 219 -16.00 18.35 -18.81
N TYR D 220 -15.95 17.25 -19.56
CA TYR D 220 -14.98 16.19 -19.26
C TYR D 220 -14.69 15.41 -20.53
N ARG D 221 -13.60 14.65 -20.48
CA ARG D 221 -13.27 13.67 -21.50
C ARG D 221 -13.10 12.30 -20.85
N ASN D 222 -13.40 11.26 -21.62
CA ASN D 222 -13.00 9.93 -21.21
C ASN D 222 -11.48 9.77 -21.37
N LEU D 223 -10.92 8.84 -20.63
CA LEU D 223 -9.49 8.63 -20.61
C LEU D 223 -9.15 7.46 -21.53
N VAL D 224 -8.47 7.74 -22.62
CA VAL D 224 -8.13 6.69 -23.58
C VAL D 224 -6.96 5.87 -23.05
N TYR D 225 -7.07 4.55 -23.17
CA TYR D 225 -5.98 3.66 -22.82
C TYR D 225 -5.88 2.55 -23.85
N TYR D 226 -4.65 2.18 -24.18
CA TYR D 226 -4.43 1.14 -25.17
C TYR D 226 -4.74 -0.23 -24.57
N CYS D 227 -4.76 -1.23 -25.46
CA CYS D 227 -4.85 -2.61 -25.00
C CYS D 227 -3.56 -3.01 -24.30
N GLU D 228 -3.65 -4.05 -23.48
CA GLU D 228 -2.46 -4.77 -23.06
C GLU D 228 -1.91 -5.59 -24.22
N TYR D 229 -0.63 -5.37 -24.51
CA TYR D 229 0.11 -5.83 -25.68
C TYR D 229 -0.60 -5.42 -26.97
N PRO D 230 -0.64 -4.12 -27.32
CA PRO D 230 -1.23 -3.74 -28.60
C PRO D 230 -0.37 -4.10 -29.80
N GLY D 231 0.90 -4.44 -29.59
CA GLY D 231 1.71 -4.95 -30.70
C GLY D 231 1.21 -6.29 -31.21
N GLU D 232 0.84 -7.18 -30.29
CA GLU D 232 0.28 -8.45 -30.72
C GLU D 232 -1.16 -8.29 -31.21
N ARG D 233 -1.92 -7.37 -30.60
CA ARG D 233 -3.32 -7.16 -31.01
C ARG D 233 -3.40 -6.50 -32.38
N LEU D 234 -2.44 -5.64 -32.72
CA LEU D 234 -2.51 -4.88 -33.96
C LEU D 234 -2.44 -5.79 -35.17
N TYR D 235 -1.54 -6.77 -35.15
CA TYR D 235 -1.36 -7.68 -36.28
C TYR D 235 -2.34 -8.86 -36.16
N GLU D 236 -3.60 -8.60 -36.52
CA GLU D 236 -4.63 -9.64 -36.46
C GLU D 236 -4.37 -10.77 -37.45
N ASN D 237 -3.92 -10.46 -38.66
CA ASN D 237 -3.72 -11.52 -39.65
C ASN D 237 -2.48 -11.22 -40.46
N VAL D 238 -1.42 -12.00 -40.24
CA VAL D 238 -0.18 -11.86 -40.99
C VAL D 238 -0.10 -13.01 -42.00
N ARG D 239 0.10 -12.67 -43.27
CA ARG D 239 0.12 -13.67 -44.34
C ARG D 239 1.30 -13.41 -45.26
N PHE D 240 1.98 -14.48 -45.67
CA PHE D 240 3.11 -14.39 -46.59
C PHE D 240 2.69 -15.03 -47.91
N ASP D 241 2.43 -14.19 -48.91
CA ASP D 241 1.88 -14.64 -50.19
C ASP D 241 2.97 -14.63 -51.26
N VAL D 242 2.96 -15.64 -52.11
CA VAL D 242 3.84 -15.71 -53.29
C VAL D 242 2.91 -15.93 -54.48
N ASN D 243 2.41 -14.83 -55.07
CA ASN D 243 1.29 -14.84 -56.00
C ASN D 243 0.14 -15.70 -55.48
N GLY D 244 -0.40 -15.31 -54.34
CA GLY D 244 -1.30 -16.20 -53.63
C GLY D 244 -0.48 -17.31 -52.99
N ASN D 245 -1.17 -18.42 -52.72
CA ASN D 245 -0.56 -19.65 -52.19
C ASN D 245 0.19 -19.37 -50.88
N SER D 246 -0.57 -19.00 -49.86
CA SER D 246 -0.05 -18.51 -48.60
C SER D 246 0.87 -19.52 -47.91
N LEU D 247 2.16 -19.18 -47.84
CA LEU D 247 3.13 -20.05 -47.18
C LEU D 247 2.87 -20.14 -45.69
N ASP D 248 2.70 -18.98 -45.05
CA ASP D 248 2.35 -18.93 -43.63
C ASP D 248 1.32 -17.83 -43.41
N GLU D 249 0.20 -18.20 -42.79
CA GLU D 249 -0.83 -17.28 -42.35
C GLU D 249 -1.10 -17.54 -40.87
N TYR D 250 -0.92 -16.52 -40.04
CA TYR D 250 -1.13 -16.69 -38.61
C TYR D 250 -1.84 -15.46 -38.04
N SER D 251 -2.22 -15.57 -36.78
CA SER D 251 -3.04 -14.56 -36.13
C SER D 251 -2.42 -14.06 -34.84
N SER D 252 -3.18 -13.28 -34.07
CA SER D 252 -2.67 -12.73 -32.82
C SER D 252 -2.61 -13.78 -31.72
N ASP D 253 -3.46 -14.81 -31.80
CA ASP D 253 -3.57 -15.76 -30.70
C ASP D 253 -2.36 -16.70 -30.65
N VAL D 254 -1.83 -17.09 -31.81
CA VAL D 254 -0.60 -17.88 -31.80
C VAL D 254 0.58 -17.03 -31.35
N THR D 255 0.53 -15.72 -31.61
CA THR D 255 1.56 -14.81 -31.07
C THR D 255 1.49 -14.74 -29.56
N THR D 256 0.27 -14.73 -29.00
CA THR D 256 0.12 -14.79 -27.55
C THR D 256 0.59 -16.13 -26.99
N LEU D 257 0.35 -17.22 -27.71
CA LEU D 257 0.83 -18.53 -27.29
C LEU D 257 2.36 -18.57 -27.23
N VAL D 258 3.02 -18.07 -28.28
CA VAL D 258 4.48 -18.09 -28.27
C VAL D 258 5.04 -17.03 -27.33
N ARG D 259 4.23 -16.04 -26.93
CA ARG D 259 4.65 -15.15 -25.86
C ARG D 259 4.65 -15.87 -24.52
N LYS D 260 3.55 -16.58 -24.22
CA LYS D 260 3.43 -17.24 -22.94
C LYS D 260 4.30 -18.49 -22.82
N PHE D 261 4.74 -19.06 -23.93
CA PHE D 261 5.57 -20.26 -23.89
C PHE D 261 7.00 -20.02 -24.35
N CYS D 262 7.21 -19.49 -25.55
CA CYS D 262 8.53 -19.48 -26.15
C CYS D 262 9.42 -18.33 -25.71
N ILE D 263 8.86 -17.20 -25.32
CA ILE D 263 9.67 -16.07 -24.86
C ILE D 263 10.29 -16.41 -23.50
N PRO D 264 11.61 -16.27 -23.34
CA PRO D 264 12.26 -16.74 -22.10
C PRO D 264 11.80 -16.06 -20.82
N GLY D 265 11.43 -14.79 -20.89
CA GLY D 265 11.11 -14.02 -19.70
C GLY D 265 12.29 -13.26 -19.13
N ASP D 266 13.51 -13.67 -19.48
CA ASP D 266 14.68 -12.81 -19.24
C ASP D 266 14.65 -11.61 -20.16
N LYS D 267 14.35 -11.84 -21.44
CA LYS D 267 14.18 -10.78 -22.42
C LYS D 267 12.71 -10.37 -22.54
N MET D 268 12.08 -10.09 -21.41
CA MET D 268 10.65 -9.82 -21.39
C MET D 268 10.35 -8.32 -21.45
N THR D 269 10.98 -7.54 -20.57
CA THR D 269 10.67 -6.10 -20.47
C THR D 269 10.97 -5.38 -21.78
N GLY D 270 12.09 -5.73 -22.41
CA GLY D 270 12.38 -5.19 -23.73
C GLY D 270 11.33 -5.59 -24.74
N TYR D 271 10.88 -6.85 -24.70
CA TYR D 271 9.75 -7.25 -25.53
C TYR D 271 8.50 -6.47 -25.13
N LYS D 272 8.33 -6.22 -23.83
CA LYS D 272 7.23 -5.38 -23.38
C LYS D 272 7.39 -3.95 -23.89
N HIS D 273 8.63 -3.51 -24.12
CA HIS D 273 8.86 -2.23 -24.77
C HIS D 273 8.58 -2.31 -26.26
N LEU D 274 8.74 -3.49 -26.87
CA LEU D 274 8.56 -3.61 -28.31
C LEU D 274 7.10 -3.56 -28.69
N VAL D 275 6.24 -4.24 -27.94
CA VAL D 275 4.83 -4.34 -28.27
C VAL D 275 3.98 -3.35 -27.46
N GLY D 276 4.59 -2.32 -26.90
CA GLY D 276 3.82 -1.27 -26.25
C GLY D 276 3.22 -1.62 -24.91
N GLN D 277 3.81 -2.58 -24.19
CA GLN D 277 3.33 -2.98 -22.88
C GLN D 277 4.04 -2.17 -21.80
N GLU D 278 3.29 -1.72 -20.79
CA GLU D 278 3.89 -0.99 -19.70
C GLU D 278 4.69 -1.92 -18.80
N VAL D 279 5.82 -1.42 -18.30
CA VAL D 279 6.68 -2.15 -17.38
C VAL D 279 6.65 -1.43 -16.04
N SER D 280 6.50 -2.21 -14.97
CA SER D 280 6.36 -1.62 -13.64
C SER D 280 7.68 -1.02 -13.16
N VAL D 281 7.59 0.20 -12.63
CA VAL D 281 8.74 0.94 -12.11
C VAL D 281 8.69 0.89 -10.59
N GLU D 282 9.82 0.56 -9.98
CA GLU D 282 9.92 0.40 -8.53
C GLU D 282 10.32 1.71 -7.88
N GLY D 283 9.60 2.09 -6.82
CA GLY D 283 9.96 3.22 -6.01
C GLY D 283 10.03 2.82 -4.54
N THR D 284 10.66 3.68 -3.75
CA THR D 284 10.87 3.42 -2.34
C THR D 284 10.40 4.61 -1.52
N SER D 285 9.77 4.32 -0.38
CA SER D 285 9.38 5.36 0.57
C SER D 285 10.58 5.74 1.42
N GLY D 286 10.32 6.50 2.49
CA GLY D 286 11.36 6.88 3.41
C GLY D 286 11.69 5.75 4.37
N PRO D 287 12.67 6.00 5.25
CA PRO D 287 12.96 5.04 6.30
C PRO D 287 11.79 4.93 7.28
N LEU D 288 11.58 3.71 7.78
CA LEU D 288 10.47 3.42 8.67
C LEU D 288 10.94 2.53 9.81
N LEU D 289 10.30 2.69 10.98
CA LEU D 289 10.65 1.97 12.18
C LEU D 289 9.89 0.64 12.24
N CYS D 290 10.60 -0.42 12.60
CA CYS D 290 10.01 -1.75 12.74
C CYS D 290 10.49 -2.36 14.05
N ASN D 291 9.69 -3.23 14.62
CA ASN D 291 10.11 -4.02 15.77
C ASN D 291 10.38 -5.47 15.34
N ILE D 292 11.58 -5.95 15.65
CA ILE D 292 11.99 -7.30 15.30
C ILE D 292 11.64 -8.23 16.44
N HIS D 293 10.86 -9.28 16.15
CA HIS D 293 10.42 -10.23 17.16
C HIS D 293 11.18 -11.53 16.98
N ASP D 294 11.91 -11.94 18.01
CA ASP D 294 12.64 -13.19 18.02
C ASP D 294 12.24 -14.00 19.24
N LEU D 295 11.92 -15.27 19.02
CA LEU D 295 11.45 -16.12 20.11
C LEU D 295 11.79 -17.59 19.86
N LEU D 351 13.22 -0.81 16.28
CA LEU D 351 14.39 -1.63 16.54
C LEU D 351 15.14 -1.86 15.24
N ASP D 352 14.44 -1.69 14.12
CA ASP D 352 15.02 -1.90 12.80
C ASP D 352 14.50 -0.79 11.90
N ILE D 353 15.27 -0.50 10.84
CA ILE D 353 14.91 0.51 9.86
C ILE D 353 14.69 -0.19 8.52
N ARG D 354 13.48 -0.06 7.97
CA ARG D 354 13.16 -0.67 6.69
C ARG D 354 12.42 0.34 5.81
N ARG D 355 12.56 0.17 4.50
CA ARG D 355 11.90 1.01 3.51
C ARG D 355 10.86 0.20 2.76
N ASN D 356 9.67 0.76 2.59
CA ASN D 356 8.65 0.12 1.78
C ASN D 356 9.00 0.21 0.31
N VAL D 357 8.65 -0.82 -0.45
CA VAL D 357 8.90 -0.89 -1.88
C VAL D 357 7.54 -0.92 -2.58
N HIS D 358 7.30 0.05 -3.45
CA HIS D 358 6.07 0.16 -4.20
C HIS D 358 6.36 0.05 -5.69
N TYR D 359 5.35 -0.30 -6.46
CA TYR D 359 5.47 -0.44 -7.90
C TYR D 359 4.38 0.37 -8.58
N SER D 360 4.73 0.99 -9.71
CA SER D 360 3.78 1.83 -10.41
C SER D 360 4.11 1.86 -11.90
N CYS D 361 3.07 1.89 -12.73
CA CYS D 361 3.20 1.86 -14.18
C CYS D 361 2.87 3.23 -14.78
N ASN D 362 3.34 3.43 -16.01
CA ASN D 362 3.19 4.70 -16.70
C ASN D 362 2.80 4.58 -18.17
N GLY D 363 2.65 3.37 -18.70
CA GLY D 363 2.59 3.16 -20.12
C GLY D 363 1.24 3.45 -20.74
N PRO D 364 1.04 2.97 -21.97
CA PRO D 364 -0.22 3.22 -22.68
C PRO D 364 -1.44 2.58 -22.03
N GLN D 365 -1.24 1.51 -21.27
CA GLN D 365 -2.34 0.83 -20.61
C GLN D 365 -2.87 1.61 -19.41
N THR D 366 -2.12 2.57 -18.90
CA THR D 366 -2.63 3.50 -17.91
C THR D 366 -3.57 4.49 -18.61
N PRO D 367 -4.81 4.64 -18.15
CA PRO D 367 -5.72 5.59 -18.78
C PRO D 367 -5.24 7.02 -18.64
N LYS D 368 -5.12 7.70 -19.78
CA LYS D 368 -4.65 9.08 -19.82
C LYS D 368 -5.62 9.92 -20.64
N TYR D 369 -5.65 11.22 -20.35
CA TYR D 369 -6.44 12.15 -21.14
C TYR D 369 -5.91 12.24 -22.56
N TYR D 370 -4.58 12.21 -22.71
CA TYR D 370 -3.94 12.38 -24.00
C TYR D 370 -2.85 11.32 -24.12
N GLN D 371 -3.09 10.29 -24.91
CA GLN D 371 -2.09 9.27 -25.14
C GLN D 371 -1.03 9.78 -26.11
N PRO D 372 0.25 9.69 -25.78
CA PRO D 372 1.29 10.08 -26.73
C PRO D 372 1.36 9.10 -27.90
N PRO D 373 1.97 9.48 -29.02
CA PRO D 373 2.14 8.54 -30.13
C PRO D 373 2.99 7.34 -29.73
N LEU D 374 2.49 6.16 -30.04
CA LEU D 374 3.07 4.90 -29.57
C LEU D 374 3.88 4.26 -30.69
N ALA D 375 5.15 3.98 -30.41
CA ALA D 375 6.02 3.29 -31.36
C ALA D 375 5.92 1.79 -31.11
N LEU D 376 5.28 1.08 -32.02
CA LEU D 376 5.12 -0.37 -31.93
C LEU D 376 6.09 -1.05 -32.88
N TRP D 377 6.91 -1.95 -32.33
CA TRP D 377 7.86 -2.75 -33.09
C TRP D 377 7.42 -4.20 -32.95
N ILE D 378 6.89 -4.77 -34.04
CA ILE D 378 6.20 -6.05 -34.01
C ILE D 378 7.01 -7.05 -34.83
N LYS D 379 7.40 -8.15 -34.22
CA LYS D 379 8.20 -9.15 -34.92
C LYS D 379 7.30 -10.06 -35.73
N LEU D 380 7.84 -10.55 -36.85
CA LEU D 380 7.15 -11.47 -37.74
C LEU D 380 7.75 -12.86 -37.58
N ARG D 381 6.88 -13.86 -37.41
CA ARG D 381 7.31 -15.22 -37.10
C ARG D 381 6.99 -16.13 -38.28
N PHE D 382 8.02 -16.80 -38.79
CA PHE D 382 7.89 -17.76 -39.88
C PHE D 382 8.80 -18.94 -39.58
N TRP D 383 8.97 -19.83 -40.56
CA TRP D 383 9.78 -21.02 -40.32
C TRP D 383 11.27 -20.68 -40.32
N PHE D 384 11.68 -19.58 -40.95
CA PHE D 384 13.09 -19.22 -41.04
C PHE D 384 13.53 -18.25 -39.95
N ASN D 385 12.63 -17.83 -39.06
CA ASN D 385 12.99 -16.86 -38.03
C ASN D 385 13.67 -17.50 -36.83
N GLU D 386 13.66 -18.83 -36.71
CA GLU D 386 14.22 -19.48 -35.54
C GLU D 386 15.74 -19.42 -35.53
N ASN D 387 16.36 -19.70 -36.68
CA ASN D 387 17.81 -19.73 -36.79
C ASN D 387 18.26 -18.92 -38.00
N VAL D 388 19.51 -18.45 -37.94
CA VAL D 388 20.06 -17.69 -39.05
C VAL D 388 20.44 -18.60 -40.21
N ASN D 389 20.64 -19.90 -39.93
CA ASN D 389 21.02 -20.84 -40.97
C ASN D 389 19.84 -21.36 -41.77
N LEU D 390 18.61 -21.05 -41.36
CA LEU D 390 17.41 -21.54 -42.02
C LEU D 390 16.82 -20.55 -43.00
N ALA D 391 17.54 -19.48 -43.32
CA ALA D 391 17.02 -18.45 -44.22
C ALA D 391 16.89 -18.99 -45.64
N ILE D 392 15.73 -18.76 -46.24
CA ILE D 392 15.44 -19.23 -47.60
C ILE D 392 16.23 -18.37 -48.59
N PRO D 393 16.70 -18.96 -49.69
CA PRO D 393 17.39 -18.15 -50.72
C PRO D 393 16.41 -17.24 -51.45
N SER D 394 16.88 -16.04 -51.79
CA SER D 394 16.09 -15.08 -52.55
C SER D 394 16.37 -15.14 -54.04
N VAL D 395 17.23 -16.06 -54.49
CA VAL D 395 17.55 -16.16 -55.91
C VAL D 395 16.73 -17.25 -56.60
N SER D 396 16.12 -18.17 -55.84
CA SER D 396 15.31 -19.22 -56.44
C SER D 396 14.01 -18.66 -57.01
N ILE D 397 13.49 -17.60 -56.42
CA ILE D 397 12.26 -16.96 -56.91
C ILE D 397 12.52 -15.48 -57.09
N PRO D 398 11.86 -14.82 -58.04
CA PRO D 398 12.08 -13.37 -58.22
C PRO D 398 11.53 -12.55 -57.06
N PHE D 399 12.14 -11.39 -56.87
CA PHE D 399 11.73 -10.48 -55.80
C PHE D 399 10.42 -9.76 -56.11
N GLY D 400 9.97 -9.76 -57.36
CA GLY D 400 8.71 -9.16 -57.72
C GLY D 400 7.55 -10.13 -57.61
N GLU D 401 7.64 -11.06 -56.65
CA GLU D 401 6.64 -12.09 -56.48
C GLU D 401 6.18 -12.27 -55.03
N ARG D 402 6.99 -11.89 -54.04
CA ARG D 402 6.67 -12.10 -52.63
C ARG D 402 6.03 -10.85 -52.05
N PHE D 403 4.91 -11.04 -51.34
CA PHE D 403 4.22 -9.96 -50.66
C PHE D 403 3.86 -10.40 -49.25
N ILE D 404 3.72 -9.42 -48.37
CA ILE D 404 3.27 -9.63 -47.00
C ILE D 404 1.99 -8.85 -46.81
N THR D 405 0.91 -9.55 -46.45
CA THR D 405 -0.40 -8.95 -46.23
C THR D 405 -0.70 -8.99 -44.74
N ILE D 406 -0.87 -7.81 -44.15
CA ILE D 406 -1.20 -7.69 -42.73
C ILE D 406 -2.57 -7.04 -42.63
N LYS D 407 -3.55 -7.80 -42.16
CA LYS D 407 -4.86 -7.27 -41.81
C LYS D 407 -4.80 -6.84 -40.35
N LEU D 408 -4.95 -5.54 -40.12
CA LEU D 408 -4.79 -4.95 -38.80
C LEU D 408 -6.11 -4.95 -38.02
N ALA D 409 -5.97 -4.71 -36.72
CA ALA D 409 -7.12 -4.59 -35.84
C ALA D 409 -7.87 -3.30 -36.10
N SER D 410 -9.14 -3.29 -35.73
CA SER D 410 -9.94 -2.09 -35.82
C SER D 410 -9.49 -1.08 -34.77
N GLN D 411 -9.88 0.18 -34.98
CA GLN D 411 -9.59 1.22 -34.00
C GLN D 411 -10.32 0.98 -32.69
N LYS D 412 -11.43 0.24 -32.73
CA LYS D 412 -12.17 -0.15 -31.53
C LYS D 412 -11.55 -1.35 -30.81
N ASP D 413 -10.64 -2.08 -31.46
CA ASP D 413 -10.01 -3.25 -30.86
C ASP D 413 -8.59 -2.96 -30.36
N LEU D 414 -8.16 -1.70 -30.39
CA LEU D 414 -6.83 -1.32 -29.92
C LEU D 414 -6.88 -0.40 -28.71
N VAL D 415 -7.66 0.67 -28.78
CA VAL D 415 -7.79 1.61 -27.68
C VAL D 415 -9.20 1.50 -27.12
N ASN D 416 -9.34 1.74 -25.82
CA ASN D 416 -10.61 1.75 -25.13
C ASN D 416 -10.72 3.02 -24.30
N GLU D 417 -11.95 3.32 -23.89
CA GLU D 417 -12.23 4.47 -23.05
C GLU D 417 -12.35 4.04 -21.60
N PHE D 418 -11.95 4.93 -20.71
CA PHE D 418 -12.06 4.82 -19.27
C PHE D 418 -12.92 5.97 -18.78
N PRO D 419 -13.74 5.76 -17.75
CA PRO D 419 -14.64 6.82 -17.28
C PRO D 419 -13.90 8.04 -16.78
N GLY D 420 -14.11 9.17 -17.47
CA GLY D 420 -13.62 10.46 -17.06
C GLY D 420 -14.56 11.20 -16.13
N LEU D 421 -15.61 10.54 -15.67
CA LEU D 421 -16.55 11.13 -14.73
C LEU D 421 -17.00 10.05 -13.76
N PHE D 422 -17.05 10.39 -12.48
CA PHE D 422 -17.48 9.45 -11.44
C PHE D 422 -18.59 10.08 -10.63
N VAL D 423 -19.71 9.36 -10.49
CA VAL D 423 -20.75 9.76 -9.56
C VAL D 423 -20.29 9.40 -8.16
N ARG D 424 -20.12 10.41 -7.32
CA ARG D 424 -19.64 10.25 -5.95
C ARG D 424 -20.83 10.38 -5.02
N GLN D 425 -21.05 9.38 -4.17
CA GLN D 425 -22.10 9.43 -3.17
C GLN D 425 -21.48 9.57 -1.80
N SER D 426 -22.05 10.47 -1.00
CA SER D 426 -21.77 10.58 0.41
C SER D 426 -23.03 10.20 1.16
N ARG D 427 -22.93 9.18 2.00
CA ARG D 427 -24.06 8.71 2.80
C ARG D 427 -23.78 9.03 4.25
N PHE D 428 -24.72 9.72 4.89
CA PHE D 428 -24.65 10.04 6.30
C PHE D 428 -25.57 9.06 7.04
N ILE D 429 -24.98 8.27 7.93
CA ILE D 429 -25.72 7.32 8.75
C ILE D 429 -25.74 7.88 10.16
N ALA D 430 -26.93 8.25 10.63
CA ALA D 430 -27.08 8.93 11.91
C ALA D 430 -27.05 7.92 13.06
N GLY D 431 -27.07 8.45 14.28
CA GLY D 431 -27.05 7.62 15.47
C GLY D 431 -25.72 7.70 16.20
N ARG D 432 -25.26 6.58 16.72
CA ARG D 432 -23.96 6.52 17.36
C ARG D 432 -23.32 5.16 17.11
N PRO D 433 -22.17 5.09 16.41
CA PRO D 433 -21.42 6.20 15.83
C PRO D 433 -22.03 6.79 14.55
N SER D 434 -21.85 8.09 14.38
CA SER D 434 -22.35 8.81 13.21
C SER D 434 -21.37 8.62 12.06
N ARG D 435 -21.78 7.87 11.04
CA ARG D 435 -20.87 7.46 9.98
C ARG D 435 -21.05 8.33 8.74
N ARG D 436 -19.93 8.63 8.08
CA ARG D 436 -19.92 9.29 6.78
C ARG D 436 -19.20 8.38 5.80
N ASN D 437 -19.95 7.76 4.89
CA ASN D 437 -19.41 6.81 3.93
C ASN D 437 -19.36 7.47 2.56
N ILE D 438 -18.17 7.55 1.98
CA ILE D 438 -17.97 8.14 0.66
C ILE D 438 -17.62 7.02 -0.31
N ARG D 439 -18.46 6.80 -1.31
CA ARG D 439 -18.27 5.78 -2.32
C ARG D 439 -18.39 6.40 -3.70
N PHE D 440 -17.94 5.66 -4.71
CA PHE D 440 -17.92 6.14 -6.08
C PHE D 440 -18.43 5.08 -7.03
N LYS D 441 -18.98 5.52 -8.16
CA LYS D 441 -19.38 4.60 -9.23
C LYS D 441 -19.18 5.34 -10.54
N PRO D 442 -18.57 4.71 -11.54
CA PRO D 442 -18.27 5.42 -12.80
C PRO D 442 -19.52 5.76 -13.60
N TRP D 443 -19.44 6.88 -14.30
CA TRP D 443 -20.42 7.29 -15.32
C TRP D 443 -19.71 7.16 -16.66
N PHE D 444 -20.02 6.09 -17.39
CA PHE D 444 -19.27 5.73 -18.60
C PHE D 444 -20.20 5.76 -19.80
N ILE D 445 -20.32 6.93 -20.42
CA ILE D 445 -21.02 7.10 -21.69
C ILE D 445 -19.98 7.09 -22.80
N PRO D 446 -20.14 6.26 -23.83
CA PRO D 446 -19.10 6.16 -24.87
C PRO D 446 -19.00 7.43 -25.70
N GLY D 447 -17.81 8.03 -25.70
CA GLY D 447 -17.51 9.18 -26.51
C GLY D 447 -16.94 8.79 -27.86
N VAL D 448 -16.29 9.75 -28.50
CA VAL D 448 -15.67 9.56 -29.82
C VAL D 448 -14.17 9.73 -29.68
N ILE D 449 -13.42 8.76 -30.19
CA ILE D 449 -11.97 8.81 -30.27
C ILE D 449 -11.60 9.16 -31.70
N ASN D 450 -10.66 10.10 -31.86
CA ASN D 450 -10.21 10.49 -33.19
C ASN D 450 -9.48 9.34 -33.87
N GLU D 451 -9.45 9.39 -35.20
CA GLU D 451 -8.85 8.31 -35.98
C GLU D 451 -7.35 8.21 -35.74
N ILE D 452 -6.87 6.99 -35.56
CA ILE D 452 -5.44 6.75 -35.34
C ILE D 452 -4.71 6.88 -36.67
N SER D 453 -3.71 7.76 -36.69
CA SER D 453 -2.92 8.00 -37.90
C SER D 453 -1.63 7.20 -37.78
N LEU D 454 -1.51 6.15 -38.58
CA LEU D 454 -0.29 5.36 -38.61
C LEU D 454 0.83 6.15 -39.31
N THR D 455 1.99 6.20 -38.68
CA THR D 455 3.09 7.03 -39.12
C THR D 455 4.37 6.19 -39.17
N ASN D 456 5.21 6.48 -40.17
CA ASN D 456 6.53 5.86 -40.32
C ASN D 456 6.44 4.34 -40.41
N ASN D 457 5.45 3.86 -41.15
CA ASN D 457 5.19 2.43 -41.31
C ASN D 457 6.31 1.81 -42.13
N GLU D 458 7.16 1.03 -41.47
CA GLU D 458 8.37 0.50 -42.09
C GLU D 458 8.45 -1.00 -41.82
N LEU D 459 9.30 -1.68 -42.59
CA LEU D 459 9.52 -3.12 -42.42
C LEU D 459 11.02 -3.35 -42.46
N TYR D 460 11.64 -3.36 -41.28
CA TYR D 460 13.07 -3.56 -41.16
C TYR D 460 13.41 -5.02 -41.48
N ILE D 461 14.30 -5.23 -42.45
CA ILE D 461 14.75 -6.56 -42.83
C ILE D 461 16.27 -6.62 -42.75
N ASN D 462 16.78 -7.68 -42.13
CA ASN D 462 18.21 -7.94 -42.07
C ASN D 462 18.63 -8.74 -43.30
N ASN D 463 19.62 -8.21 -44.02
CA ASN D 463 20.19 -8.87 -45.20
C ASN D 463 21.57 -9.41 -44.85
N LEU D 464 21.77 -10.70 -45.08
CA LEU D 464 23.05 -11.36 -44.92
C LEU D 464 23.74 -11.46 -46.28
N PHE D 465 25.03 -11.17 -46.31
CA PHE D 465 25.82 -11.19 -47.54
C PHE D 465 26.83 -12.32 -47.48
N VAL D 466 26.83 -13.17 -48.50
CA VAL D 466 27.74 -14.30 -48.58
C VAL D 466 28.74 -14.09 -49.70
N LEU D 482 12.96 -31.05 -41.84
CA LEU D 482 14.04 -30.14 -42.19
C LEU D 482 13.82 -28.76 -41.56
N ILE D 483 12.59 -28.23 -41.70
CA ILE D 483 12.25 -26.92 -41.16
C ILE D 483 11.03 -27.06 -40.26
N ARG D 484 10.89 -26.12 -39.34
CA ARG D 484 9.82 -26.13 -38.34
C ARG D 484 8.80 -25.04 -38.70
N VAL D 485 7.59 -25.46 -39.05
CA VAL D 485 6.56 -24.56 -39.53
C VAL D 485 5.42 -24.52 -38.52
N HIS D 486 4.99 -23.32 -38.15
CA HIS D 486 3.86 -23.15 -37.24
C HIS D 486 2.57 -23.45 -38.01
N LYS D 487 2.23 -24.73 -38.05
CA LYS D 487 1.01 -25.20 -38.71
C LYS D 487 -0.13 -25.08 -37.70
N THR D 488 -0.88 -23.99 -37.77
CA THR D 488 -1.84 -23.62 -36.74
C THR D 488 -3.26 -23.64 -37.28
N GLN D 489 -4.21 -23.88 -36.37
CA GLN D 489 -5.63 -23.88 -36.68
C GLN D 489 -6.40 -23.50 -35.43
N VAL D 490 -7.26 -22.48 -35.54
CA VAL D 490 -8.03 -21.97 -34.42
C VAL D 490 -9.50 -22.25 -34.71
N THR D 491 -10.16 -23.00 -33.82
CA THR D 491 -11.55 -23.35 -34.09
C THR D 491 -12.44 -22.96 -32.91
N HIS D 492 -13.75 -22.96 -33.16
CA HIS D 492 -14.76 -22.48 -32.23
C HIS D 492 -15.65 -23.63 -31.80
N THR D 493 -15.90 -23.73 -30.50
CA THR D 493 -16.62 -24.85 -29.89
C THR D 493 -17.74 -24.30 -29.01
N ASN D 494 -18.94 -24.85 -29.17
CA ASN D 494 -20.12 -24.36 -28.46
C ASN D 494 -20.83 -25.40 -27.61
N ASN D 495 -20.36 -26.66 -27.60
CA ASN D 495 -21.05 -27.71 -26.86
C ASN D 495 -20.85 -27.53 -25.36
N ASN D 496 -21.82 -28.00 -24.58
CA ASN D 496 -21.84 -27.76 -23.14
C ASN D 496 -21.22 -28.93 -22.38
N HIS D 497 -20.27 -28.61 -21.50
CA HIS D 497 -19.72 -29.48 -20.46
C HIS D 497 -18.82 -30.59 -20.99
N HIS D 498 -18.77 -30.75 -22.32
CA HIS D 498 -17.92 -31.70 -23.02
C HIS D 498 -17.99 -31.39 -24.50
N ASP D 499 -16.88 -31.59 -25.20
CA ASP D 499 -16.86 -31.33 -26.64
C ASP D 499 -15.74 -32.11 -27.29
N GLU D 500 -15.91 -32.36 -28.59
CA GLU D 500 -14.93 -33.00 -29.46
C GLU D 500 -15.14 -32.51 -30.88
N LYS D 501 -14.05 -32.17 -31.56
CA LYS D 501 -14.12 -31.61 -32.91
C LYS D 501 -13.66 -32.61 -33.97
N LEU D 502 -13.70 -32.15 -35.22
CA LEU D 502 -13.34 -32.93 -36.39
C LEU D 502 -12.30 -32.17 -37.19
N MET D 503 -11.17 -32.80 -37.46
CA MET D 503 -10.09 -32.16 -38.20
C MET D 503 -9.23 -33.23 -38.88
N SER D 504 -8.76 -32.90 -40.09
CA SER D 504 -7.87 -33.80 -40.82
C SER D 504 -6.77 -33.06 -41.57
N ALA D 505 -6.57 -31.77 -41.32
CA ALA D 505 -5.60 -30.99 -42.11
C ALA D 505 -4.16 -31.28 -41.71
N LEU D 506 -3.91 -31.58 -40.44
CA LEU D 506 -2.54 -31.78 -39.97
C LEU D 506 -2.04 -33.16 -40.40
N LYS D 507 -1.02 -33.18 -41.27
CA LYS D 507 -0.41 -34.41 -41.76
C LYS D 507 1.09 -34.47 -41.54
N TRP D 508 1.77 -33.34 -41.48
CA TRP D 508 3.22 -33.34 -41.27
C TRP D 508 3.54 -33.74 -39.84
N PRO D 509 4.67 -34.43 -39.63
CA PRO D 509 5.05 -34.83 -38.26
C PRO D 509 5.41 -33.62 -37.41
N ILE D 510 5.11 -33.73 -36.12
CA ILE D 510 5.27 -32.64 -35.17
C ILE D 510 6.26 -33.06 -34.08
N GLU D 511 6.58 -32.11 -33.20
CA GLU D 511 7.50 -32.34 -32.09
C GLU D 511 6.95 -31.93 -30.73
N TYR D 512 6.14 -30.87 -30.66
CA TYR D 512 5.45 -30.47 -29.44
C TYR D 512 4.06 -30.00 -29.84
N MET D 513 3.27 -29.55 -28.85
CA MET D 513 2.00 -28.93 -29.17
C MET D 513 1.56 -28.03 -28.02
N PHE D 514 1.41 -26.74 -28.30
CA PHE D 514 0.91 -25.77 -27.33
C PHE D 514 -0.56 -25.50 -27.63
N ILE D 515 -1.40 -25.65 -26.61
CA ILE D 515 -2.83 -25.43 -26.71
C ILE D 515 -3.21 -24.21 -25.88
N GLY D 516 -4.14 -23.43 -26.40
CA GLY D 516 -4.70 -22.34 -25.63
C GLY D 516 -6.20 -22.27 -25.80
N LEU D 517 -6.95 -22.40 -24.71
CA LEU D 517 -8.40 -22.26 -24.75
C LEU D 517 -8.79 -20.89 -24.23
N LYS D 518 -9.54 -20.17 -25.04
CA LYS D 518 -10.00 -18.83 -24.68
C LYS D 518 -11.50 -18.78 -24.85
N PRO D 519 -12.27 -18.45 -23.80
CA PRO D 519 -13.70 -18.19 -24.00
C PRO D 519 -13.90 -17.05 -24.99
N THR D 520 -14.94 -17.18 -25.83
CA THR D 520 -15.20 -16.15 -26.83
C THR D 520 -15.67 -14.84 -26.20
N TRP D 521 -16.04 -14.85 -24.93
CA TRP D 521 -16.34 -13.63 -24.21
C TRP D 521 -15.09 -12.83 -23.87
N ASN D 522 -13.90 -13.42 -23.98
CA ASN D 522 -12.67 -12.66 -23.78
C ASN D 522 -12.47 -11.62 -24.87
N ILE D 523 -12.78 -11.98 -26.12
CA ILE D 523 -12.60 -11.08 -27.25
C ILE D 523 -13.92 -10.52 -27.75
N SER D 524 -15.03 -10.82 -27.08
CA SER D 524 -16.33 -10.27 -27.47
C SER D 524 -16.41 -8.79 -27.10
N ASP D 525 -17.02 -8.01 -27.99
CA ASP D 525 -17.13 -6.57 -27.76
C ASP D 525 -18.15 -6.23 -26.68
N GLN D 526 -19.00 -7.17 -26.27
CA GLN D 526 -19.89 -6.93 -25.14
C GLN D 526 -19.18 -7.03 -23.80
N ASN D 527 -17.94 -7.52 -23.77
CA ASN D 527 -17.17 -7.60 -22.54
C ASN D 527 -16.58 -6.23 -22.22
N PRO D 528 -16.89 -5.65 -21.05
CA PRO D 528 -16.24 -4.38 -20.68
C PRO D 528 -14.74 -4.50 -20.47
N HIS D 529 -14.25 -5.68 -20.08
CA HIS D 529 -12.83 -5.90 -19.87
C HIS D 529 -12.19 -6.68 -21.02
N GLN D 530 -12.72 -6.56 -22.24
CA GLN D 530 -12.21 -7.37 -23.34
C GLN D 530 -10.83 -6.90 -23.80
N HIS D 531 -10.50 -5.63 -23.56
CA HIS D 531 -9.17 -5.15 -23.90
C HIS D 531 -8.14 -5.67 -22.92
N ARG D 532 -8.55 -5.93 -21.68
CA ARG D 532 -7.65 -6.47 -20.68
C ARG D 532 -7.48 -7.97 -20.81
N ASP D 533 -8.53 -8.68 -21.21
CA ASP D 533 -8.55 -10.13 -21.16
C ASP D 533 -8.56 -10.80 -22.53
N TRP D 534 -8.23 -10.06 -23.60
CA TRP D 534 -8.24 -10.67 -24.94
C TRP D 534 -7.14 -11.72 -25.07
N HIS D 535 -6.02 -11.52 -24.38
CA HIS D 535 -4.88 -12.41 -24.47
C HIS D 535 -4.91 -13.51 -23.42
N LYS D 536 -5.86 -13.46 -22.49
CA LYS D 536 -5.84 -14.35 -21.34
C LYS D 536 -6.52 -15.67 -21.69
N PHE D 537 -5.78 -16.77 -21.54
CA PHE D 537 -6.30 -18.10 -21.80
C PHE D 537 -6.90 -18.65 -20.51
N GLY D 538 -8.20 -18.45 -20.37
CA GLY D 538 -8.90 -18.92 -19.19
C GLY D 538 -10.09 -18.04 -18.89
N HIS D 539 -10.78 -18.40 -17.81
CA HIS D 539 -11.97 -17.67 -17.36
C HIS D 539 -11.50 -16.59 -16.39
N VAL D 540 -11.67 -15.33 -16.77
CA VAL D 540 -11.11 -14.21 -16.01
C VAL D 540 -12.24 -13.59 -15.20
N VAL D 541 -12.28 -13.93 -13.91
CA VAL D 541 -13.15 -13.23 -12.96
C VAL D 541 -12.39 -12.05 -12.40
N ASN D 542 -13.08 -11.13 -11.73
CA ASN D 542 -12.45 -9.93 -11.18
C ASN D 542 -12.55 -9.95 -9.66
N ALA D 543 -11.41 -9.80 -8.99
CA ALA D 543 -11.34 -9.65 -7.55
C ALA D 543 -11.12 -8.18 -7.23
N ILE D 544 -11.99 -7.61 -6.38
CA ILE D 544 -11.99 -6.18 -6.14
C ILE D 544 -11.58 -5.91 -4.70
N MET D 545 -10.40 -5.33 -4.52
CA MET D 545 -10.04 -4.64 -3.28
C MET D 545 -10.65 -3.25 -3.32
N GLN D 546 -11.28 -2.85 -2.21
CA GLN D 546 -11.71 -1.47 -2.06
C GLN D 546 -10.95 -0.87 -0.90
N PRO D 547 -9.80 -0.22 -1.15
CA PRO D 547 -9.04 0.38 -0.05
C PRO D 547 -9.76 1.57 0.54
N THR D 548 -10.24 1.41 1.78
CA THR D 548 -11.09 2.41 2.43
C THR D 548 -10.39 2.96 3.65
N HIS D 549 -10.25 4.28 3.70
CA HIS D 549 -9.72 4.97 4.85
C HIS D 549 -10.79 5.04 5.93
N HIS D 550 -10.46 4.58 7.13
CA HIS D 550 -11.37 4.56 8.26
C HIS D 550 -10.83 5.43 9.39
N ALA D 551 -11.70 6.22 10.00
CA ALA D 551 -11.31 7.03 11.16
C ALA D 551 -12.45 7.07 12.17
N GLU D 552 -12.10 7.14 13.44
CA GLU D 552 -13.07 7.16 14.54
C GLU D 552 -12.71 8.28 15.50
N ILE D 553 -13.61 9.25 15.64
CA ILE D 553 -13.35 10.48 16.39
C ILE D 553 -14.38 10.62 17.51
N SER D 554 -13.90 10.90 18.72
CA SER D 554 -14.75 11.16 19.88
C SER D 554 -14.64 12.64 20.24
N PHE D 555 -15.77 13.32 20.35
CA PHE D 555 -15.78 14.75 20.63
C PHE D 555 -15.71 15.07 22.11
N GLN D 556 -15.85 14.07 22.98
CA GLN D 556 -15.98 14.30 24.41
C GLN D 556 -15.43 13.10 25.17
N ASP D 557 -15.10 13.33 26.43
CA ASP D 557 -14.37 12.37 27.25
C ASP D 557 -15.23 11.69 28.31
N ARG D 558 -16.55 11.80 28.23
CA ARG D 558 -17.41 11.15 29.22
C ARG D 558 -17.95 9.82 28.71
N ASP D 559 -18.46 9.79 27.49
CA ASP D 559 -18.99 8.57 26.87
C ASP D 559 -18.05 8.18 25.74
N THR D 560 -17.02 7.39 26.09
CA THR D 560 -15.97 7.02 25.16
C THR D 560 -16.01 5.54 24.79
N ALA D 561 -17.12 4.85 25.03
CA ALA D 561 -17.23 3.45 24.65
C ALA D 561 -17.24 3.29 23.14
N LEU D 562 -18.09 4.04 22.47
CA LEU D 562 -18.20 4.07 21.02
C LEU D 562 -17.72 5.41 20.49
N PRO D 563 -17.16 5.45 19.29
CA PRO D 563 -16.76 6.73 18.71
C PRO D 563 -17.97 7.61 18.44
N ASP D 564 -17.75 8.93 18.54
CA ASP D 564 -18.84 9.86 18.26
C ASP D 564 -19.12 9.97 16.78
N ALA D 565 -18.06 9.88 15.95
CA ALA D 565 -18.20 9.94 14.51
C ALA D 565 -17.20 9.00 13.86
N CYS D 566 -17.51 8.59 12.63
CA CYS D 566 -16.68 7.69 11.86
C CYS D 566 -16.65 8.17 10.42
N SER D 567 -15.49 8.04 9.78
CA SER D 567 -15.33 8.32 8.37
C SER D 567 -14.88 7.06 7.66
N SER D 568 -15.53 6.77 6.53
CA SER D 568 -15.24 5.59 5.72
C SER D 568 -15.18 6.05 4.27
N ILE D 569 -13.99 6.40 3.80
CA ILE D 569 -13.79 7.00 2.48
C ILE D 569 -13.14 5.98 1.57
N SER D 570 -13.82 5.63 0.48
CA SER D 570 -13.24 4.72 -0.48
C SER D 570 -12.45 5.47 -1.54
N ASP D 571 -11.60 4.74 -2.25
CA ASP D 571 -10.92 5.33 -3.40
C ASP D 571 -11.89 5.48 -4.57
N ILE D 572 -11.52 6.34 -5.52
CA ILE D 572 -12.38 6.60 -6.66
C ILE D 572 -12.49 5.37 -7.55
N SER D 573 -11.36 4.76 -7.86
CA SER D 573 -11.34 3.53 -8.62
C SER D 573 -10.73 2.43 -7.77
N PRO D 574 -11.37 1.26 -7.67
CA PRO D 574 -10.86 0.21 -6.80
C PRO D 574 -9.66 -0.52 -7.39
N VAL D 575 -9.10 -1.46 -6.64
CA VAL D 575 -7.98 -2.26 -7.12
C VAL D 575 -8.55 -3.56 -7.68
N THR D 576 -8.30 -3.81 -8.96
CA THR D 576 -8.91 -4.93 -9.67
C THR D 576 -7.84 -5.95 -10.02
N TYR D 577 -8.05 -7.19 -9.60
CA TYR D 577 -7.19 -8.30 -9.94
C TYR D 577 -7.90 -9.20 -10.94
N PRO D 578 -7.36 -9.40 -12.12
CA PRO D 578 -7.90 -10.40 -13.05
C PRO D 578 -7.47 -11.79 -12.62
N ILE D 579 -8.39 -12.55 -12.05
CA ILE D 579 -8.12 -13.91 -11.61
C ILE D 579 -8.52 -14.87 -12.71
N THR D 580 -7.53 -15.59 -13.25
CA THR D 580 -7.74 -16.49 -14.38
C THR D 580 -7.87 -17.90 -13.83
N LEU D 581 -9.10 -18.40 -13.78
CA LEU D 581 -9.52 -19.73 -13.38
C LEU D 581 -9.56 -20.65 -14.60
N PRO D 582 -9.23 -21.93 -14.43
CA PRO D 582 -9.27 -22.86 -15.56
C PRO D 582 -10.70 -23.14 -16.00
N ILE D 583 -10.84 -23.47 -17.28
CA ILE D 583 -12.13 -23.86 -17.84
C ILE D 583 -12.18 -25.37 -18.12
N ILE D 584 -11.05 -25.98 -18.44
CA ILE D 584 -11.02 -27.41 -18.72
C ILE D 584 -10.83 -28.18 -17.43
N LYS D 585 -11.60 -29.26 -17.28
CA LYS D 585 -11.36 -30.25 -16.24
C LYS D 585 -10.56 -31.44 -16.75
N ASN D 586 -10.74 -31.85 -18.00
CA ASN D 586 -9.97 -32.94 -18.58
C ASN D 586 -9.76 -32.69 -20.07
N ILE D 587 -8.54 -32.92 -20.53
CA ILE D 587 -8.18 -32.73 -21.93
C ILE D 587 -7.90 -34.08 -22.55
N SER D 588 -8.16 -34.21 -23.85
CA SER D 588 -7.94 -35.49 -24.55
C SER D 588 -7.75 -35.20 -26.03
N VAL D 589 -6.57 -35.51 -26.57
CA VAL D 589 -6.32 -35.38 -28.00
C VAL D 589 -6.43 -36.80 -28.57
N THR D 590 -7.60 -37.12 -29.11
CA THR D 590 -7.86 -38.46 -29.60
C THR D 590 -7.37 -38.62 -31.03
N ALA D 591 -6.43 -39.53 -31.24
CA ALA D 591 -5.94 -39.82 -32.58
C ALA D 591 -6.80 -40.91 -33.21
N HIS D 592 -6.33 -41.47 -34.33
CA HIS D 592 -7.15 -42.38 -35.11
C HIS D 592 -7.16 -43.79 -34.51
N GLY D 593 -5.99 -44.43 -34.45
CA GLY D 593 -5.91 -45.78 -33.93
C GLY D 593 -5.54 -45.84 -32.46
N ILE D 594 -4.95 -44.76 -31.95
CA ILE D 594 -4.50 -44.67 -30.57
C ILE D 594 -5.23 -43.50 -29.93
N ASN D 595 -5.53 -43.63 -28.63
CA ASN D 595 -6.17 -42.55 -27.90
C ASN D 595 -5.19 -41.47 -27.45
N LEU D 596 -3.92 -41.82 -27.22
CA LEU D 596 -2.84 -40.91 -26.86
C LEU D 596 -3.20 -40.20 -25.57
N ILE D 597 -3.38 -38.88 -25.56
CA ILE D 597 -3.82 -38.18 -24.36
C ILE D 597 -5.26 -38.53 -24.08
N ASP D 598 -5.52 -39.08 -22.89
CA ASP D 598 -6.85 -39.56 -22.51
C ASP D 598 -7.17 -39.07 -21.11
N LYS D 599 -7.97 -37.99 -21.04
CA LYS D 599 -8.54 -37.47 -19.79
C LYS D 599 -7.47 -37.07 -18.77
N PHE D 600 -6.37 -36.50 -19.26
CA PHE D 600 -5.41 -35.89 -18.35
C PHE D 600 -6.01 -34.64 -17.70
N PRO D 601 -5.72 -34.39 -16.44
CA PRO D 601 -6.21 -33.16 -15.80
C PRO D 601 -5.55 -31.93 -16.40
N SER D 602 -6.25 -30.80 -16.29
CA SER D 602 -5.77 -29.55 -16.87
C SER D 602 -4.48 -29.08 -16.20
N LYS D 603 -4.45 -29.14 -14.86
CA LYS D 603 -3.29 -28.65 -14.12
C LYS D 603 -2.06 -29.50 -14.40
N PHE D 604 -2.26 -30.82 -14.56
CA PHE D 604 -1.16 -31.73 -14.84
C PHE D 604 -0.41 -31.33 -16.11
N CYS D 605 -1.13 -31.18 -17.21
CA CYS D 605 -0.53 -30.70 -18.45
C CYS D 605 0.07 -29.32 -18.26
N SER D 606 -0.79 -28.34 -17.91
CA SER D 606 -0.42 -26.93 -17.95
C SER D 606 0.74 -26.57 -17.03
N SER D 607 0.94 -27.34 -15.96
CA SER D 607 2.04 -27.07 -15.05
C SER D 607 3.20 -28.04 -15.21
N TYR D 608 2.93 -29.36 -15.19
CA TYR D 608 4.03 -30.31 -15.18
C TYR D 608 4.74 -30.40 -16.52
N ILE D 609 4.00 -30.33 -17.64
CA ILE D 609 4.64 -30.49 -18.95
C ILE D 609 5.61 -29.35 -19.27
N PRO D 610 5.25 -28.05 -19.10
CA PRO D 610 6.29 -27.02 -19.30
C PRO D 610 7.41 -27.08 -18.29
N PHE D 611 7.14 -27.52 -17.07
CA PHE D 611 8.17 -27.59 -16.03
C PHE D 611 9.22 -28.65 -16.37
N HIS D 612 8.79 -29.79 -16.92
CA HIS D 612 9.68 -30.91 -17.12
C HIS D 612 10.29 -30.95 -18.52
N TYR D 613 9.61 -30.42 -19.54
CA TYR D 613 10.04 -30.56 -20.92
C TYR D 613 10.39 -29.20 -21.51
N GLY D 614 11.21 -29.23 -22.55
CA GLY D 614 11.52 -28.05 -23.34
C GLY D 614 12.86 -27.41 -23.05
N GLY D 615 13.53 -27.79 -21.96
CA GLY D 615 14.76 -27.12 -21.63
C GLY D 615 14.50 -25.71 -21.11
N ASN D 616 15.47 -24.83 -21.31
CA ASN D 616 15.35 -23.45 -20.84
C ASN D 616 14.54 -22.57 -21.78
N ALA D 617 14.14 -23.07 -22.94
CA ALA D 617 13.44 -22.24 -23.91
C ALA D 617 12.00 -21.98 -23.49
N ILE D 618 11.30 -23.00 -23.00
CA ILE D 618 9.87 -22.93 -22.74
C ILE D 618 9.64 -22.36 -21.35
N LYS D 619 9.15 -21.12 -21.30
CA LYS D 619 8.66 -20.56 -20.05
C LYS D 619 7.35 -21.23 -19.67
N THR D 620 7.18 -21.50 -18.38
CA THR D 620 5.92 -22.04 -17.89
C THR D 620 4.90 -20.92 -17.79
N PRO D 621 3.74 -21.03 -18.45
CA PRO D 621 2.76 -19.93 -18.43
C PRO D 621 2.09 -19.76 -17.08
N ASP D 622 1.57 -18.55 -16.87
CA ASP D 622 0.83 -18.21 -15.68
C ASP D 622 -0.68 -18.43 -15.84
N ASP D 623 -1.13 -18.80 -17.04
CA ASP D 623 -2.54 -18.98 -17.31
C ASP D 623 -2.89 -20.46 -17.29
N PRO D 624 -3.96 -20.85 -16.60
CA PRO D 624 -4.33 -22.28 -16.57
C PRO D 624 -4.82 -22.81 -17.90
N GLY D 625 -5.34 -21.96 -18.77
CA GLY D 625 -5.77 -22.40 -20.08
C GLY D 625 -4.67 -22.52 -21.10
N ALA D 626 -3.45 -22.11 -20.76
CA ALA D 626 -2.29 -22.28 -21.64
C ALA D 626 -1.66 -23.63 -21.30
N MET D 627 -1.84 -24.60 -22.17
CA MET D 627 -1.49 -25.99 -21.92
C MET D 627 -0.38 -26.40 -22.87
N MET D 628 0.43 -27.36 -22.44
CA MET D 628 1.50 -27.91 -23.26
C MET D 628 1.38 -29.42 -23.24
N ILE D 629 1.48 -30.04 -24.42
CA ILE D 629 1.38 -31.48 -24.56
C ILE D 629 2.46 -31.96 -25.53
N THR D 630 3.07 -33.10 -25.21
CA THR D 630 4.20 -33.63 -25.96
C THR D 630 3.79 -34.91 -26.64
N PHE D 631 4.10 -35.03 -27.93
CA PHE D 631 3.73 -36.17 -28.75
C PHE D 631 4.91 -37.04 -29.17
N ALA D 632 6.00 -36.43 -29.64
CA ALA D 632 7.05 -37.16 -30.34
C ALA D 632 8.35 -37.22 -29.57
N LEU D 633 8.93 -36.07 -29.20
CA LEU D 633 10.25 -36.04 -28.60
C LEU D 633 10.39 -34.77 -27.76
N LYS D 634 11.62 -34.52 -27.32
CA LYS D 634 11.93 -33.31 -26.57
C LYS D 634 11.69 -32.06 -27.42
N PRO D 635 11.09 -31.01 -26.85
CA PRO D 635 10.59 -29.90 -27.69
C PRO D 635 11.67 -29.07 -28.37
N ARG D 636 12.58 -28.47 -27.60
CA ARG D 636 13.61 -27.60 -28.19
C ARG D 636 14.89 -27.79 -27.40
N GLU D 637 15.70 -28.73 -27.85
CA GLU D 637 17.05 -28.91 -27.32
C GLU D 637 18.10 -29.05 -28.40
N GLU D 638 17.76 -29.66 -29.53
CA GLU D 638 18.73 -29.95 -30.58
C GLU D 638 17.99 -30.06 -31.91
N TYR D 639 18.77 -29.99 -32.99
CA TYR D 639 18.23 -30.08 -34.35
C TYR D 639 18.42 -31.50 -34.90
N GLN D 640 17.74 -32.45 -34.26
CA GLN D 640 17.73 -33.83 -34.71
C GLN D 640 16.49 -34.56 -34.21
N PRO D 641 15.63 -35.03 -35.10
CA PRO D 641 14.43 -35.76 -34.67
C PRO D 641 14.77 -37.18 -34.23
N SER D 642 14.32 -37.55 -33.03
CA SER D 642 14.48 -38.90 -32.50
C SER D 642 13.26 -39.76 -32.70
N GLY D 643 12.23 -39.25 -33.37
CA GLY D 643 11.01 -39.99 -33.58
C GLY D 643 9.83 -39.06 -33.74
N HIS D 644 8.82 -39.55 -34.44
CA HIS D 644 7.62 -38.77 -34.73
C HIS D 644 6.48 -39.74 -35.03
N ILE D 645 5.36 -39.19 -35.51
CA ILE D 645 4.20 -40.00 -35.86
C ILE D 645 3.56 -39.48 -37.14
N PHE D 653 -5.91 -36.72 -34.02
CA PHE D 653 -5.47 -35.48 -33.41
C PHE D 653 -6.67 -34.58 -33.13
N TYR D 654 -7.80 -35.20 -32.82
CA TYR D 654 -9.04 -34.48 -32.52
C TYR D 654 -8.96 -33.96 -31.10
N ILE D 655 -8.95 -32.63 -30.94
CA ILE D 655 -8.88 -32.03 -29.61
C ILE D 655 -10.25 -32.07 -28.97
N SER D 656 -10.32 -32.60 -27.76
CA SER D 656 -11.58 -32.79 -27.05
C SER D 656 -11.37 -32.51 -25.58
N TRP D 657 -12.45 -32.19 -24.89
CA TRP D 657 -12.31 -31.89 -23.47
C TRP D 657 -13.62 -32.15 -22.75
N ASP D 658 -13.50 -32.32 -21.43
CA ASP D 658 -14.61 -32.31 -20.50
C ASP D 658 -14.38 -31.06 -19.66
N THR D 659 -15.36 -30.16 -19.66
CA THR D 659 -15.27 -28.89 -18.94
C THR D 659 -16.40 -28.77 -17.93
N ASP D 660 -16.23 -27.83 -17.01
CA ASP D 660 -17.30 -27.35 -16.15
C ASP D 660 -17.81 -25.99 -16.59
N TYR D 661 -17.37 -25.50 -17.74
CA TYR D 661 -17.77 -24.19 -18.24
C TYR D 661 -19.10 -24.29 -18.97
N VAL D 662 -19.77 -23.14 -19.07
CA VAL D 662 -21.09 -23.09 -19.70
C VAL D 662 -20.92 -23.26 -21.22
N GLY D 663 -21.99 -23.68 -21.88
CA GLY D 663 -21.95 -24.03 -23.29
C GLY D 663 -22.42 -22.95 -24.23
N SER D 664 -23.67 -23.02 -24.67
CA SER D 664 -24.19 -22.10 -25.68
C SER D 664 -24.28 -20.66 -25.18
N ILE D 665 -24.29 -20.44 -23.87
CA ILE D 665 -24.31 -19.08 -23.35
C ILE D 665 -22.98 -18.38 -23.63
N THR D 666 -21.87 -19.05 -23.32
CA THR D 666 -20.54 -18.54 -23.61
C THR D 666 -19.68 -19.68 -24.11
N THR D 667 -19.19 -19.55 -25.34
CA THR D 667 -18.50 -20.63 -26.03
C THR D 667 -17.01 -20.59 -25.74
N ALA D 668 -16.22 -21.42 -26.43
CA ALA D 668 -14.78 -21.46 -26.21
C ALA D 668 -14.06 -21.77 -27.51
N ASP D 669 -12.96 -21.08 -27.77
CA ASP D 669 -12.15 -21.34 -28.95
C ASP D 669 -10.79 -21.91 -28.58
N LEU D 670 -10.26 -22.75 -29.48
CA LEU D 670 -8.97 -23.40 -29.29
C LEU D 670 -7.97 -22.82 -30.29
N VAL D 671 -6.77 -22.57 -29.77
CA VAL D 671 -5.63 -22.09 -30.54
C VAL D 671 -4.50 -23.11 -30.38
N VAL D 672 -3.83 -23.45 -31.47
CA VAL D 672 -2.76 -24.42 -31.44
C VAL D 672 -1.51 -23.80 -32.04
N SER D 673 -0.35 -24.16 -31.49
CA SER D 673 0.93 -23.71 -32.01
C SER D 673 1.90 -24.88 -32.12
N ALA D 674 1.39 -26.03 -32.56
CA ALA D 674 2.25 -27.18 -32.80
C ALA D 674 3.13 -26.94 -34.02
N SER D 675 4.41 -27.23 -33.88
CA SER D 675 5.37 -27.02 -34.96
C SER D 675 5.53 -28.31 -35.75
N ALA D 676 5.18 -28.25 -37.03
CA ALA D 676 5.29 -29.39 -37.92
C ALA D 676 6.65 -29.39 -38.61
N ILE D 677 7.16 -30.58 -38.89
CA ILE D 677 8.44 -30.77 -39.55
C ILE D 677 8.18 -30.91 -41.05
N ASN D 678 8.72 -29.99 -41.84
CA ASN D 678 8.50 -29.94 -43.27
C ASN D 678 9.81 -30.11 -44.02
N PHE D 679 9.74 -30.78 -45.16
CA PHE D 679 10.89 -30.95 -46.05
C PHE D 679 10.65 -30.19 -47.34
N LEU D 680 11.66 -29.46 -47.79
CA LEU D 680 11.58 -28.65 -49.00
C LEU D 680 12.42 -29.31 -50.10
N LEU D 681 11.81 -29.48 -51.27
CA LEU D 681 12.49 -30.10 -52.40
C LEU D 681 11.91 -29.60 -53.73
N ASP E 1 -38.85 34.79 -22.83
CA ASP E 1 -38.21 33.48 -22.93
C ASP E 1 -39.20 32.42 -23.45
N ILE E 2 -39.13 31.22 -22.88
CA ILE E 2 -40.01 30.14 -23.31
C ILE E 2 -41.41 30.38 -22.74
N VAL E 3 -42.41 30.38 -23.62
CA VAL E 3 -43.80 30.55 -23.24
C VAL E 3 -44.54 29.26 -23.61
N LEU E 4 -45.22 28.67 -22.64
CA LEU E 4 -45.97 27.43 -22.85
C LEU E 4 -47.45 27.76 -23.01
N THR E 5 -48.03 27.29 -24.10
CA THR E 5 -49.43 27.57 -24.44
C THR E 5 -50.23 26.28 -24.32
N GLN E 6 -51.28 26.32 -23.51
CA GLN E 6 -52.19 25.18 -23.35
C GLN E 6 -53.43 25.44 -24.20
N THR E 7 -53.52 24.74 -25.33
CA THR E 7 -54.69 24.89 -26.19
C THR E 7 -55.99 24.40 -25.54
N PRO E 8 -56.05 23.22 -24.84
CA PRO E 8 -57.29 22.93 -24.10
C PRO E 8 -57.35 23.65 -22.77
N ARG E 9 -58.52 24.19 -22.44
CA ARG E 9 -58.75 24.84 -21.14
C ARG E 9 -59.66 24.02 -20.24
N SER E 10 -60.78 23.54 -20.77
CA SER E 10 -61.68 22.66 -20.04
C SER E 10 -62.25 21.65 -21.02
N LEU E 11 -62.25 20.37 -20.63
CA LEU E 11 -62.61 19.31 -21.56
C LEU E 11 -64.05 18.86 -21.39
N SER E 12 -64.48 18.63 -20.14
CA SER E 12 -65.79 18.07 -19.80
C SER E 12 -66.01 16.73 -20.49
N VAL E 13 -65.15 15.76 -20.16
CA VAL E 13 -65.16 14.45 -20.78
C VAL E 13 -65.99 13.51 -19.92
N SER E 14 -66.65 12.55 -20.57
CA SER E 14 -67.44 11.56 -19.86
C SER E 14 -66.53 10.60 -19.10
N PRO E 15 -67.01 10.02 -17.99
CA PRO E 15 -66.23 9.00 -17.29
C PRO E 15 -65.99 7.77 -18.15
N GLY E 16 -64.78 7.21 -18.04
CA GLY E 16 -64.38 6.08 -18.84
C GLY E 16 -63.93 6.40 -20.23
N GLU E 17 -63.90 7.68 -20.61
CA GLU E 17 -63.50 8.15 -21.92
C GLU E 17 -62.16 8.86 -21.86
N PRO E 18 -61.32 8.76 -22.89
CA PRO E 18 -59.97 9.35 -22.80
C PRO E 18 -60.00 10.86 -22.91
N ALA E 19 -58.96 11.48 -22.36
CA ALA E 19 -58.83 12.93 -22.31
C ALA E 19 -57.46 13.33 -22.80
N SER E 20 -57.38 14.51 -23.43
CA SER E 20 -56.14 15.00 -24.01
C SER E 20 -55.94 16.47 -23.65
N ILE E 21 -54.74 16.80 -23.18
CA ILE E 21 -54.34 18.15 -22.85
C ILE E 21 -53.04 18.47 -23.59
N SER E 22 -53.05 19.51 -24.41
CA SER E 22 -51.92 19.86 -25.24
C SER E 22 -51.16 21.05 -24.66
N CYS E 23 -49.84 21.03 -24.81
CA CYS E 23 -48.98 22.12 -24.40
C CYS E 23 -47.91 22.32 -25.47
N ARG E 24 -47.81 23.54 -25.99
CA ARG E 24 -46.85 23.91 -27.01
C ARG E 24 -45.88 24.93 -26.46
N SER E 25 -44.61 24.83 -26.87
CA SER E 25 -43.55 25.68 -26.38
C SER E 25 -43.11 26.68 -27.45
N SER E 26 -42.40 27.72 -27.00
CA SER E 26 -41.89 28.73 -27.92
C SER E 26 -40.81 28.16 -28.83
N GLN E 27 -39.84 27.45 -28.25
CA GLN E 27 -38.86 26.70 -29.04
C GLN E 27 -38.72 25.32 -28.41
N SER E 28 -37.74 24.55 -28.89
CA SER E 28 -37.57 23.17 -28.47
C SER E 28 -37.16 23.08 -27.01
N LEU E 29 -37.77 22.14 -26.29
CA LEU E 29 -37.46 21.88 -24.89
C LEU E 29 -36.50 20.73 -24.71
N GLU E 30 -35.85 20.28 -25.78
CA GLU E 30 -34.99 19.10 -25.74
C GLU E 30 -33.55 19.51 -25.50
N GLU E 31 -32.91 18.82 -24.56
CA GLU E 31 -31.50 19.04 -24.26
C GLU E 31 -30.94 17.76 -23.66
N TYR E 32 -29.72 17.38 -24.08
CA TYR E 32 -29.07 16.12 -23.71
C TYR E 32 -29.93 14.91 -24.05
N GLY E 33 -30.65 14.97 -25.16
CA GLY E 33 -31.38 13.82 -25.67
C GLY E 33 -32.67 13.50 -24.94
N LYS E 34 -33.10 14.33 -23.99
CA LYS E 34 -34.34 14.11 -23.26
C LYS E 34 -35.16 15.37 -23.24
N ASN E 35 -36.49 15.21 -23.35
CA ASN E 35 -37.38 16.36 -23.25
C ASN E 35 -37.46 16.85 -21.82
N TRP E 36 -37.62 18.17 -21.67
CA TRP E 36 -37.61 18.78 -20.35
C TRP E 36 -38.92 19.51 -20.08
N LEU E 37 -40.04 18.85 -20.36
CA LEU E 37 -41.34 19.33 -19.91
C LEU E 37 -41.87 18.36 -18.85
N SER E 38 -42.53 18.90 -17.85
CA SER E 38 -43.14 18.09 -16.79
C SER E 38 -44.62 18.36 -16.72
N TRP E 39 -45.36 17.39 -16.18
CA TRP E 39 -46.79 17.52 -15.96
C TRP E 39 -47.06 17.39 -14.47
N TYR E 40 -47.78 18.37 -13.92
CA TYR E 40 -48.13 18.42 -12.51
C TYR E 40 -49.64 18.36 -12.35
N GLN E 41 -50.09 17.61 -11.37
CA GLN E 41 -51.51 17.45 -11.07
C GLN E 41 -51.83 18.09 -9.73
N GLN E 42 -52.90 18.89 -9.70
CA GLN E 42 -53.39 19.50 -8.46
C GLN E 42 -54.86 19.12 -8.30
N LYS E 43 -55.14 18.28 -7.32
CA LYS E 43 -56.50 17.94 -6.95
C LYS E 43 -57.12 19.08 -6.14
N PRO E 44 -58.44 19.22 -6.16
CA PRO E 44 -59.09 20.30 -5.39
C PRO E 44 -58.88 20.14 -3.90
N GLY E 45 -58.28 21.16 -3.29
CA GLY E 45 -57.97 21.16 -1.88
C GLY E 45 -56.63 20.56 -1.51
N GLN E 46 -55.82 20.13 -2.48
CA GLN E 46 -54.55 19.49 -2.21
C GLN E 46 -53.41 20.26 -2.86
N SER E 47 -52.21 20.03 -2.33
CA SER E 47 -51.00 20.65 -2.86
C SER E 47 -50.66 20.03 -4.21
N PRO E 48 -49.87 20.74 -5.03
CA PRO E 48 -49.43 20.17 -6.31
C PRO E 48 -48.56 18.93 -6.11
N ARG E 49 -48.57 18.07 -7.13
CA ARG E 49 -47.94 16.77 -7.05
C ARG E 49 -47.36 16.44 -8.42
N LEU E 50 -46.13 15.93 -8.45
CA LEU E 50 -45.49 15.59 -9.71
C LEU E 50 -46.15 14.37 -10.33
N LEU E 51 -46.67 14.54 -11.54
CA LEU E 51 -47.34 13.47 -12.27
C LEU E 51 -46.44 12.84 -13.32
N ILE E 52 -45.76 13.65 -14.13
CA ILE E 52 -44.89 13.17 -15.19
C ILE E 52 -43.63 14.02 -15.21
N TYR E 53 -42.46 13.37 -15.19
CA TYR E 53 -41.19 14.06 -15.31
C TYR E 53 -40.48 13.62 -16.58
N GLN E 54 -39.73 14.56 -17.17
CA GLN E 54 -39.01 14.40 -18.44
C GLN E 54 -39.93 14.05 -19.60
N ALA E 55 -41.22 14.40 -19.47
CA ALA E 55 -42.26 14.34 -20.50
C ALA E 55 -42.62 12.94 -20.96
N THR E 56 -41.93 11.91 -20.49
CA THR E 56 -42.30 10.55 -20.87
C THR E 56 -42.27 9.60 -19.67
N ASN E 57 -41.53 9.94 -18.64
CA ASN E 57 -41.49 9.12 -17.44
C ASN E 57 -42.61 9.52 -16.49
N ARG E 58 -42.94 8.61 -15.58
CA ARG E 58 -44.03 8.80 -14.63
C ARG E 58 -43.54 8.54 -13.22
N ALA E 59 -44.24 9.12 -12.25
CA ALA E 59 -43.91 8.92 -10.85
C ALA E 59 -44.32 7.53 -10.40
N SER E 60 -43.85 7.15 -9.21
CA SER E 60 -44.14 5.82 -8.67
C SER E 60 -45.61 5.67 -8.30
N TRP E 61 -46.23 6.76 -7.83
CA TRP E 61 -47.64 6.72 -7.44
C TRP E 61 -48.57 6.62 -8.62
N VAL E 62 -48.10 6.98 -9.82
CA VAL E 62 -48.96 7.17 -10.98
C VAL E 62 -49.42 5.82 -11.53
N PRO E 63 -50.72 5.57 -11.64
CA PRO E 63 -51.18 4.32 -12.27
C PRO E 63 -50.94 4.32 -13.77
N GLU E 64 -50.99 3.12 -14.34
CA GLU E 64 -50.65 2.92 -15.76
C GLU E 64 -51.82 3.36 -16.64
N ARG E 65 -52.10 4.67 -16.61
CA ARG E 65 -53.14 5.24 -17.44
C ARG E 65 -52.79 6.63 -17.99
N PHE E 66 -51.55 7.10 -17.82
CA PHE E 66 -51.14 8.42 -18.28
C PHE E 66 -50.11 8.25 -19.38
N SER E 67 -50.32 8.95 -20.50
CA SER E 67 -49.45 8.79 -21.66
C SER E 67 -48.16 9.58 -21.47
N GLY E 68 -47.15 9.23 -22.27
CA GLY E 68 -45.87 9.90 -22.21
C GLY E 68 -45.74 11.07 -23.17
N SER E 69 -46.80 11.87 -23.27
CA SER E 69 -46.90 13.16 -24.00
C SER E 69 -46.37 12.97 -25.43
N GLY E 70 -45.47 13.83 -25.92
CA GLY E 70 -44.91 13.70 -27.24
C GLY E 70 -43.42 14.02 -27.25
N SER E 71 -42.97 14.74 -28.27
CA SER E 71 -41.56 15.11 -28.39
C SER E 71 -41.42 16.42 -29.14
N GLY E 72 -40.28 17.06 -28.97
CA GLY E 72 -39.97 18.28 -29.69
C GLY E 72 -40.50 19.54 -29.04
N THR E 73 -41.44 20.21 -29.70
CA THR E 73 -42.03 21.43 -29.19
C THR E 73 -43.48 21.27 -28.73
N ASP E 74 -44.18 20.25 -29.20
CA ASP E 74 -45.56 20.00 -28.84
C ASP E 74 -45.65 18.72 -28.02
N PHE E 75 -46.41 18.78 -26.93
CA PHE E 75 -46.63 17.61 -26.08
C PHE E 75 -48.11 17.49 -25.78
N THR E 76 -48.57 16.27 -25.54
CA THR E 76 -50.00 16.04 -25.29
C THR E 76 -50.21 14.93 -24.27
N LEU E 77 -50.56 15.33 -23.06
CA LEU E 77 -50.90 14.38 -22.02
C LEU E 77 -52.24 13.72 -22.33
N LYS E 78 -52.28 12.39 -22.26
CA LYS E 78 -53.49 11.64 -22.56
C LYS E 78 -53.81 10.70 -21.40
N ILE E 79 -55.06 10.71 -20.96
CA ILE E 79 -55.57 9.83 -19.92
C ILE E 79 -56.50 8.84 -20.60
N SER E 80 -56.21 7.54 -20.44
CA SER E 80 -56.99 6.51 -21.14
C SER E 80 -58.39 6.38 -20.55
N ARG E 81 -58.50 6.30 -19.22
CA ARG E 81 -59.79 6.13 -18.55
C ARG E 81 -59.80 6.98 -17.29
N VAL E 82 -60.65 8.01 -17.25
CA VAL E 82 -60.80 8.80 -16.04
C VAL E 82 -61.69 8.03 -15.06
N GLU E 83 -61.25 7.97 -13.80
CA GLU E 83 -61.96 7.23 -12.76
C GLU E 83 -62.46 8.13 -11.64
N ALA E 84 -62.82 9.37 -11.94
CA ALA E 84 -63.41 10.38 -11.06
C ALA E 84 -62.45 10.88 -9.98
N GLU E 85 -61.25 10.32 -9.87
CA GLU E 85 -60.21 10.86 -9.01
C GLU E 85 -59.21 11.72 -9.78
N ASP E 86 -59.35 11.81 -11.10
CA ASP E 86 -58.49 12.63 -11.94
C ASP E 86 -59.04 14.04 -12.13
N VAL E 87 -60.17 14.36 -11.48
CA VAL E 87 -60.74 15.70 -11.57
C VAL E 87 -59.80 16.69 -10.88
N GLY E 88 -59.44 17.75 -11.59
CA GLY E 88 -58.49 18.68 -11.02
C GLY E 88 -57.87 19.63 -12.02
N VAL E 89 -56.63 20.05 -11.80
CA VAL E 89 -55.94 20.96 -12.71
C VAL E 89 -54.61 20.35 -13.10
N TYR E 90 -54.30 20.40 -14.39
CA TYR E 90 -53.06 19.87 -14.95
C TYR E 90 -52.22 21.04 -15.46
N TYR E 91 -50.91 21.00 -15.16
CA TYR E 91 -49.97 22.02 -15.57
C TYR E 91 -48.82 21.41 -16.35
N CYS E 92 -48.43 22.09 -17.43
CA CYS E 92 -47.19 21.76 -18.13
C CYS E 92 -46.11 22.75 -17.69
N PHE E 93 -44.96 22.23 -17.31
CA PHE E 93 -43.93 22.97 -16.62
C PHE E 93 -42.61 22.88 -17.39
N GLN E 94 -42.04 24.04 -17.70
CA GLN E 94 -40.76 24.12 -18.38
C GLN E 94 -39.64 23.69 -17.44
N ASP E 95 -38.73 22.85 -17.93
CA ASP E 95 -37.55 22.46 -17.18
C ASP E 95 -36.26 22.61 -17.97
N LEU E 96 -36.22 23.49 -18.98
CA LEU E 96 -34.99 23.70 -19.72
C LEU E 96 -33.98 24.46 -18.89
N GLN E 97 -34.31 25.71 -18.54
CA GLN E 97 -33.35 26.60 -17.91
C GLN E 97 -34.13 27.62 -17.09
N PRO E 98 -33.54 28.19 -16.05
CA PRO E 98 -34.22 29.24 -15.31
C PRO E 98 -34.25 30.53 -16.11
N PRO E 99 -35.34 31.31 -16.01
CA PRO E 99 -36.51 31.08 -15.15
C PRO E 99 -37.53 30.11 -15.73
N ASN E 100 -37.81 29.04 -14.97
CA ASN E 100 -38.81 28.08 -15.38
C ASN E 100 -40.21 28.67 -15.26
N GLY E 101 -41.17 28.04 -15.94
CA GLY E 101 -42.53 28.54 -15.95
C GLY E 101 -43.53 27.41 -16.09
N PHE E 102 -44.76 27.73 -15.71
CA PHE E 102 -45.89 26.82 -15.83
C PHE E 102 -46.73 27.18 -17.05
N GLY E 103 -47.59 26.25 -17.44
CA GLY E 103 -48.53 26.49 -18.51
C GLY E 103 -49.73 27.27 -18.02
N ALA E 104 -50.76 27.33 -18.88
CA ALA E 104 -51.97 28.04 -18.55
C ALA E 104 -52.74 27.36 -17.42
N GLY E 105 -52.75 26.03 -17.41
CA GLY E 105 -53.49 25.29 -16.41
C GLY E 105 -54.83 24.82 -16.92
N THR E 106 -54.97 23.52 -17.17
CA THR E 106 -56.18 22.95 -17.76
C THR E 106 -56.98 22.23 -16.68
N LYS E 107 -58.24 22.63 -16.52
CA LYS E 107 -59.10 22.06 -15.49
C LYS E 107 -59.95 20.95 -16.08
N LEU E 108 -59.81 19.75 -15.51
CA LEU E 108 -60.56 18.57 -15.95
C LEU E 108 -61.70 18.31 -14.96
N GLU E 109 -62.92 18.29 -15.50
CA GLU E 109 -64.15 17.98 -14.78
C GLU E 109 -64.93 16.95 -15.58
N LEU E 110 -65.60 16.03 -14.88
CA LEU E 110 -66.39 15.02 -15.57
C LEU E 110 -67.73 15.59 -16.01
N LYS E 111 -68.40 14.86 -16.89
CA LYS E 111 -69.73 15.23 -17.36
C LYS E 111 -70.48 14.00 -17.86
N GLU F 1 -39.48 9.77 5.78
CA GLU F 1 -40.17 10.45 4.69
C GLU F 1 -39.80 11.93 4.66
N VAL F 2 -39.50 12.44 3.46
CA VAL F 2 -39.15 13.83 3.30
C VAL F 2 -40.39 14.70 3.47
N LYS F 3 -40.36 15.60 4.45
CA LYS F 3 -41.47 16.49 4.74
C LYS F 3 -41.02 17.95 4.69
N LEU F 4 -41.97 18.82 4.37
CA LEU F 4 -41.74 20.27 4.34
C LEU F 4 -42.85 20.97 5.11
N VAL F 5 -42.45 21.95 5.93
CA VAL F 5 -43.39 22.73 6.75
C VAL F 5 -43.09 24.20 6.51
N GLU F 6 -44.12 24.98 6.16
CA GLU F 6 -43.94 26.36 5.76
C GLU F 6 -44.61 27.30 6.77
N SER F 7 -43.97 28.44 7.00
CA SER F 7 -44.50 29.46 7.89
C SER F 7 -43.87 30.83 7.61
N GLY F 8 -44.67 31.86 7.35
CA GLY F 8 -46.12 31.75 7.26
C GLY F 8 -46.69 33.01 6.65
N GLY F 9 -47.90 32.92 6.12
CA GLY F 9 -48.54 34.07 5.50
C GLY F 9 -49.59 34.70 6.40
N GLY F 10 -49.85 35.98 6.18
CA GLY F 10 -50.83 36.67 6.99
C GLY F 10 -51.21 38.00 6.39
N LEU F 11 -52.00 38.76 7.15
CA LEU F 11 -52.46 40.07 6.69
C LEU F 11 -51.29 41.05 6.63
N VAL F 12 -50.94 41.45 5.42
CA VAL F 12 -49.81 42.34 5.18
C VAL F 12 -50.31 43.54 4.38
N GLN F 13 -49.96 44.74 4.84
CA GLN F 13 -50.32 45.96 4.13
C GLN F 13 -49.54 46.04 2.81
N PRO F 14 -50.05 46.79 1.83
CA PRO F 14 -49.39 46.85 0.51
C PRO F 14 -47.98 47.47 0.50
N GLY F 15 -47.45 47.91 1.64
CA GLY F 15 -46.04 48.25 1.70
C GLY F 15 -45.33 47.55 2.84
N GLY F 16 -44.43 46.62 2.52
CA GLY F 16 -43.76 45.88 3.57
C GLY F 16 -42.90 44.76 3.03
N SER F 17 -42.54 43.85 3.92
CA SER F 17 -41.63 42.75 3.59
C SER F 17 -42.02 41.54 4.42
N LEU F 18 -41.78 40.34 3.87
CA LEU F 18 -42.08 39.10 4.56
C LEU F 18 -40.86 38.19 4.51
N LYS F 19 -40.78 37.26 5.48
CA LYS F 19 -39.68 36.32 5.60
C LYS F 19 -40.29 34.93 5.81
N LEU F 20 -40.56 34.23 4.70
CA LEU F 20 -41.19 32.92 4.73
C LEU F 20 -40.12 31.84 4.94
N SER F 21 -40.38 30.93 5.86
CA SER F 21 -39.49 29.82 6.18
C SER F 21 -40.10 28.52 5.70
N CYS F 22 -39.24 27.65 5.17
CA CYS F 22 -39.61 26.31 4.74
C CYS F 22 -38.63 25.34 5.39
N VAL F 23 -39.08 24.64 6.42
CA VAL F 23 -38.26 23.71 7.19
C VAL F 23 -38.45 22.32 6.62
N GLY F 24 -37.35 21.64 6.34
CA GLY F 24 -37.38 20.33 5.72
C GLY F 24 -36.86 19.25 6.65
N SER F 25 -37.48 18.07 6.58
CA SER F 25 -37.05 16.88 7.31
C SER F 25 -37.01 15.74 6.31
N GLY F 26 -35.87 15.57 5.66
CA GLY F 26 -35.70 14.52 4.68
C GLY F 26 -34.32 13.89 4.67
N SER F 27 -33.47 14.33 5.59
CA SER F 27 -32.08 13.91 5.81
C SER F 27 -31.13 14.29 4.68
N THR F 28 -31.63 14.89 3.59
CA THR F 28 -30.77 15.41 2.54
C THR F 28 -31.20 16.81 2.11
N PHE F 29 -31.83 17.58 3.02
CA PHE F 29 -32.35 18.89 2.66
C PHE F 29 -31.25 19.88 2.33
N SER F 30 -30.07 19.70 2.93
CA SER F 30 -28.97 20.63 2.67
C SER F 30 -28.34 20.42 1.30
N SER F 31 -28.56 19.26 0.68
CA SER F 31 -28.06 18.96 -0.66
C SER F 31 -29.16 18.99 -1.70
N ASP F 32 -30.32 19.54 -1.35
CA ASP F 32 -31.49 19.50 -2.22
C ASP F 32 -31.86 20.91 -2.64
N ALA F 33 -32.04 21.09 -3.95
CA ALA F 33 -32.43 22.39 -4.48
C ALA F 33 -33.86 22.73 -4.06
N VAL F 34 -34.10 23.98 -3.72
CA VAL F 34 -35.36 24.43 -3.17
C VAL F 34 -35.96 25.50 -4.08
N SER F 35 -37.18 25.28 -4.54
CA SER F 35 -37.92 26.24 -5.34
C SER F 35 -39.06 26.83 -4.53
N TRP F 36 -39.42 28.06 -4.86
CA TRP F 36 -40.62 28.71 -4.35
C TRP F 36 -41.54 28.99 -5.52
N VAL F 37 -42.80 28.53 -5.39
CA VAL F 37 -43.83 28.59 -6.41
C VAL F 37 -45.07 29.23 -5.79
N ARG F 38 -45.86 29.94 -6.59
CA ARG F 38 -47.11 30.50 -6.09
C ARG F 38 -48.28 30.13 -6.99
N GLN F 39 -49.48 30.17 -6.41
CA GLN F 39 -50.74 30.01 -7.13
C GLN F 39 -51.68 31.11 -6.67
N ALA F 40 -52.01 32.02 -7.57
CA ALA F 40 -52.97 33.07 -7.25
C ALA F 40 -54.39 32.52 -7.36
N PRO F 41 -55.34 33.07 -6.60
CA PRO F 41 -56.74 32.68 -6.78
C PRO F 41 -57.25 33.10 -8.15
N GLY F 42 -57.95 32.18 -8.81
CA GLY F 42 -58.38 32.42 -10.18
C GLY F 42 -57.26 32.41 -11.19
N LYS F 43 -56.15 31.74 -10.88
CA LYS F 43 -54.98 31.73 -11.74
C LYS F 43 -54.20 30.45 -11.49
N GLY F 44 -53.51 29.96 -12.52
CA GLY F 44 -52.70 28.77 -12.39
C GLY F 44 -51.42 29.01 -11.61
N LEU F 45 -50.63 27.95 -11.50
CA LEU F 45 -49.36 28.01 -10.78
C LEU F 45 -48.39 28.95 -11.48
N GLU F 46 -47.59 29.65 -10.69
CA GLU F 46 -46.58 30.56 -11.20
C GLU F 46 -45.27 30.33 -10.44
N TRP F 47 -44.23 29.95 -11.17
CA TRP F 47 -42.92 29.76 -10.58
C TRP F 47 -42.33 31.10 -10.15
N LEU F 48 -41.72 31.13 -8.97
CA LEU F 48 -41.19 32.37 -8.42
C LEU F 48 -39.68 32.39 -8.32
N ALA F 49 -39.07 31.41 -7.67
CA ALA F 49 -37.63 31.47 -7.43
C ALA F 49 -37.08 30.07 -7.21
N GLY F 50 -35.75 29.97 -7.24
CA GLY F 50 -35.09 28.69 -6.99
C GLY F 50 -33.68 28.90 -6.50
N ILE F 51 -33.20 27.94 -5.71
CA ILE F 51 -31.86 27.99 -5.14
C ILE F 51 -31.28 26.58 -5.12
N ASP F 52 -29.96 26.50 -5.28
CA ASP F 52 -29.25 25.24 -5.32
C ASP F 52 -28.99 24.71 -3.91
N GLY F 53 -28.41 23.51 -3.86
CA GLY F 53 -27.95 22.93 -2.62
C GLY F 53 -26.44 23.08 -2.45
N ASP F 54 -25.95 22.53 -1.35
CA ASP F 54 -24.52 22.57 -1.08
C ASP F 54 -23.76 21.63 -2.00
N GLY F 55 -22.58 22.06 -2.44
CA GLY F 55 -21.79 21.31 -3.40
C GLY F 55 -21.89 21.91 -4.79
N GLY F 56 -20.89 22.68 -5.19
CA GLY F 56 -20.90 23.33 -6.48
C GLY F 56 -21.06 24.83 -6.39
N GLY F 57 -21.93 25.29 -5.49
CA GLY F 57 -22.15 26.71 -5.34
C GLY F 57 -23.45 26.98 -4.60
N GLY F 58 -23.84 28.25 -4.64
CA GLY F 58 -25.06 28.70 -4.00
C GLY F 58 -25.87 29.65 -4.87
N SER F 59 -25.87 29.41 -6.18
CA SER F 59 -26.49 30.32 -7.13
C SER F 59 -28.00 30.36 -6.96
N THR F 60 -28.58 31.54 -7.14
CA THR F 60 -30.00 31.77 -7.03
C THR F 60 -30.56 32.19 -8.38
N TYR F 61 -31.73 31.66 -8.73
CA TYR F 61 -32.37 31.95 -10.00
C TYR F 61 -33.78 32.48 -9.76
N TYR F 62 -34.21 33.41 -10.59
CA TYR F 62 -35.34 34.25 -10.25
C TYR F 62 -36.27 34.38 -11.44
N ALA F 63 -37.56 34.51 -11.16
CA ALA F 63 -38.51 34.88 -12.19
C ALA F 63 -38.37 36.36 -12.52
N ASP F 64 -38.59 36.71 -13.79
CA ASP F 64 -38.38 38.08 -14.23
C ASP F 64 -39.44 39.03 -13.69
N SER F 65 -40.59 38.51 -13.26
CA SER F 65 -41.63 39.38 -12.70
C SER F 65 -41.22 39.90 -11.32
N VAL F 66 -40.55 39.07 -10.53
CA VAL F 66 -40.20 39.41 -9.15
C VAL F 66 -38.70 39.48 -8.92
N LYS F 67 -37.91 39.60 -10.00
CA LYS F 67 -36.47 39.71 -9.84
C LYS F 67 -36.10 41.04 -9.22
N GLY F 68 -35.23 41.00 -8.21
CA GLY F 68 -34.85 42.17 -7.43
C GLY F 68 -35.76 42.42 -6.24
N ARG F 69 -37.06 42.18 -6.40
CA ARG F 69 -37.99 42.34 -5.30
C ARG F 69 -37.83 41.24 -4.27
N PHE F 70 -37.51 40.03 -4.71
CA PHE F 70 -37.42 38.87 -3.84
C PHE F 70 -35.96 38.56 -3.50
N THR F 71 -35.77 37.89 -2.37
CA THR F 71 -34.42 37.52 -1.93
C THR F 71 -34.49 36.12 -1.32
N ILE F 72 -33.98 35.12 -2.03
CA ILE F 72 -34.05 33.76 -1.53
C ILE F 72 -32.75 33.41 -0.83
N SER F 73 -32.83 32.55 0.18
CA SER F 73 -31.68 32.14 0.95
C SER F 73 -31.94 30.77 1.55
N ARG F 74 -30.91 30.22 2.21
CA ARG F 74 -31.10 28.98 2.95
C ARG F 74 -30.11 28.95 4.12
N ASP F 75 -30.57 28.39 5.24
CA ASP F 75 -29.74 28.12 6.40
C ASP F 75 -29.82 26.62 6.64
N ASN F 76 -28.75 25.90 6.30
CA ASN F 76 -28.76 24.45 6.37
C ASN F 76 -28.51 23.92 7.78
N SER F 77 -28.11 24.78 8.71
CA SER F 77 -27.91 24.33 10.09
C SER F 77 -29.22 23.92 10.74
N GLN F 78 -30.31 24.65 10.46
CA GLN F 78 -31.63 24.29 10.93
C GLN F 78 -32.48 23.63 9.85
N LYS F 79 -31.87 23.32 8.69
CA LYS F 79 -32.55 22.73 7.54
C LYS F 79 -33.74 23.58 7.07
N THR F 80 -33.49 24.87 6.91
CA THR F 80 -34.53 25.82 6.52
C THR F 80 -34.13 26.56 5.25
N ALA F 81 -35.14 26.92 4.47
CA ALA F 81 -34.99 27.82 3.33
C ALA F 81 -35.83 29.07 3.58
N TYR F 82 -35.36 30.21 3.08
CA TYR F 82 -35.97 31.50 3.40
C TYR F 82 -36.31 32.24 2.12
N LEU F 83 -37.43 32.96 2.15
CA LEU F 83 -37.85 33.82 1.06
C LEU F 83 -38.21 35.19 1.63
N GLN F 84 -37.43 36.21 1.26
CA GLN F 84 -37.69 37.59 1.63
C GLN F 84 -38.47 38.27 0.51
N MET F 85 -39.57 38.92 0.87
CA MET F 85 -40.45 39.58 -0.08
C MET F 85 -40.47 41.06 0.24
N ASN F 86 -39.87 41.86 -0.62
CA ASN F 86 -39.71 43.29 -0.40
C ASN F 86 -40.61 44.07 -1.33
N SER F 87 -41.33 45.04 -0.76
CA SER F 87 -42.21 45.97 -1.50
C SER F 87 -43.26 45.22 -2.31
N LEU F 88 -43.93 44.26 -1.67
CA LEU F 88 -44.96 43.48 -2.34
C LEU F 88 -46.17 44.34 -2.65
N ARG F 89 -46.76 44.11 -3.82
CA ARG F 89 -47.90 44.89 -4.28
C ARG F 89 -49.19 44.08 -4.07
N THR F 90 -50.31 44.61 -4.57
CA THR F 90 -51.62 44.07 -4.19
C THR F 90 -51.94 42.74 -4.87
N ASP F 91 -51.28 42.42 -5.98
CA ASP F 91 -51.60 41.17 -6.66
C ASP F 91 -50.74 40.00 -6.19
N ASP F 92 -49.91 40.21 -5.16
CA ASP F 92 -49.06 39.15 -4.62
C ASP F 92 -49.79 38.25 -3.65
N THR F 93 -51.06 38.51 -3.37
CA THR F 93 -51.87 37.57 -2.59
C THR F 93 -52.07 36.27 -3.35
N ALA F 94 -51.65 35.16 -2.73
CA ALA F 94 -51.60 33.86 -3.38
C ALA F 94 -51.25 32.82 -2.33
N ARG F 95 -51.37 31.55 -2.73
CA ARG F 95 -50.91 30.43 -1.91
C ARG F 95 -49.50 30.07 -2.37
N TYR F 96 -48.53 30.13 -1.46
CA TYR F 96 -47.14 29.88 -1.78
C TYR F 96 -46.73 28.51 -1.28
N TYR F 97 -45.96 27.80 -2.11
CA TYR F 97 -45.41 26.49 -1.78
C TYR F 97 -43.90 26.53 -1.92
N CYS F 98 -43.22 25.79 -1.06
CA CYS F 98 -41.82 25.46 -1.24
C CYS F 98 -41.74 24.03 -1.74
N ALA F 99 -40.93 23.80 -2.77
CA ALA F 99 -40.76 22.50 -3.37
C ALA F 99 -39.30 22.10 -3.26
N GLU F 100 -39.06 20.83 -2.98
CA GLU F 100 -37.71 20.34 -2.73
C GLU F 100 -37.39 19.30 -3.80
N CYS F 101 -36.64 19.72 -4.82
CA CYS F 101 -36.11 18.76 -5.78
C CYS F 101 -35.08 17.89 -5.06
N PRO F 102 -35.09 16.57 -5.27
CA PRO F 102 -34.03 15.71 -4.71
C PRO F 102 -32.75 15.74 -5.54
N MET F 103 -32.33 16.94 -5.93
CA MET F 103 -31.20 17.19 -6.80
C MET F 103 -30.43 18.37 -6.26
N VAL F 104 -29.13 18.40 -6.53
CA VAL F 104 -28.26 19.43 -5.95
C VAL F 104 -28.46 20.76 -6.68
N LEU F 105 -28.16 20.78 -7.97
CA LEU F 105 -28.27 22.00 -8.75
C LEU F 105 -29.71 22.22 -9.20
N LEU F 106 -30.15 23.48 -9.14
CA LEU F 106 -31.47 23.84 -9.64
C LEU F 106 -31.33 24.41 -11.06
N ALA F 107 -31.16 23.48 -12.00
CA ALA F 107 -31.14 23.81 -13.41
C ALA F 107 -32.25 23.13 -14.17
N LYS F 108 -32.38 21.81 -14.04
CA LYS F 108 -33.42 21.05 -14.70
C LYS F 108 -34.09 20.07 -13.75
N CYS F 109 -34.24 20.46 -12.49
CA CYS F 109 -34.77 19.53 -11.49
C CYS F 109 -36.29 19.43 -11.60
N SER F 110 -36.81 18.32 -11.09
CA SER F 110 -38.25 18.08 -10.98
C SER F 110 -38.66 18.22 -9.53
N MET F 111 -39.70 19.00 -9.28
CA MET F 111 -40.14 19.32 -7.92
C MET F 111 -40.95 18.15 -7.37
N GLU F 112 -40.24 17.22 -6.74
CA GLU F 112 -40.86 15.99 -6.26
C GLU F 112 -41.65 16.23 -4.98
N PHE F 113 -41.01 16.79 -3.96
CA PHE F 113 -41.60 16.93 -2.64
C PHE F 113 -42.09 18.36 -2.45
N TRP F 114 -43.32 18.50 -1.95
CA TRP F 114 -43.95 19.80 -1.73
C TRP F 114 -44.34 19.92 -0.26
N GLY F 115 -44.99 21.04 0.05
CA GLY F 115 -45.52 21.28 1.37
C GLY F 115 -46.99 21.66 1.30
N PRO F 116 -47.63 21.82 2.47
CA PRO F 116 -49.03 22.28 2.48
C PRO F 116 -49.23 23.68 1.94
N GLY F 117 -48.21 24.53 1.99
CA GLY F 117 -48.32 25.89 1.50
C GLY F 117 -48.87 26.83 2.55
N VAL F 118 -48.55 28.11 2.38
CA VAL F 118 -49.09 29.17 3.24
C VAL F 118 -49.75 30.23 2.36
N GLU F 119 -50.88 30.73 2.81
CA GLU F 119 -51.64 31.71 2.05
C GLU F 119 -51.25 33.12 2.49
N VAL F 120 -50.66 33.88 1.58
CA VAL F 120 -50.25 35.25 1.84
C VAL F 120 -51.30 36.18 1.25
N VAL F 121 -51.92 36.98 2.11
CA VAL F 121 -52.94 37.94 1.71
C VAL F 121 -52.34 39.34 1.85
N VAL F 122 -52.60 40.18 0.86
CA VAL F 122 -52.08 41.55 0.81
C VAL F 122 -53.26 42.49 0.91
N SER F 123 -53.32 43.25 1.99
CA SER F 123 -54.41 44.21 2.20
C SER F 123 -53.99 45.32 3.16
N GLY G 118 42.19 -30.35 -10.36
CA GLY G 118 41.77 -29.75 -9.11
C GLY G 118 42.11 -28.28 -9.00
N PHE G 119 41.54 -27.61 -7.99
CA PHE G 119 41.80 -26.19 -7.78
C PHE G 119 41.59 -25.86 -6.31
N GLU G 120 42.26 -24.78 -5.88
CA GLU G 120 42.14 -24.28 -4.52
C GLU G 120 42.09 -22.76 -4.57
N TYR G 121 42.08 -22.11 -3.40
CA TYR G 121 42.03 -20.67 -3.33
C TYR G 121 43.13 -20.15 -2.42
N ASN G 122 43.63 -18.95 -2.74
CA ASN G 122 44.65 -18.31 -1.94
C ASN G 122 44.35 -16.82 -1.80
N LYS G 123 45.01 -16.20 -0.83
CA LYS G 123 44.77 -14.81 -0.46
C LYS G 123 45.97 -13.96 -0.85
N VAL G 124 45.71 -12.71 -1.19
CA VAL G 124 46.77 -11.74 -1.51
C VAL G 124 46.60 -10.54 -0.58
N ARG G 125 47.63 -10.27 0.21
CA ARG G 125 47.63 -9.10 1.07
C ARG G 125 47.90 -7.84 0.26
N PRO G 126 47.33 -6.70 0.66
CA PRO G 126 47.59 -5.45 -0.09
C PRO G 126 49.02 -4.97 0.10
N HIS G 127 49.70 -4.73 -1.02
CA HIS G 127 51.08 -4.27 -1.02
C HIS G 127 51.21 -2.82 -0.59
N THR G 128 50.14 -2.02 -0.72
CA THR G 128 50.22 -0.59 -0.40
C THR G 128 50.42 -0.36 1.09
N GLY G 129 49.64 -1.02 1.92
CA GLY G 129 49.71 -0.81 3.36
C GLY G 129 48.78 0.30 3.80
N THR G 130 47.89 -0.01 4.75
CA THR G 130 46.79 0.85 5.22
C THR G 130 45.97 1.44 4.05
N PRO G 131 45.08 0.67 3.42
CA PRO G 131 44.16 1.28 2.44
C PRO G 131 43.32 2.40 3.02
N THR G 132 43.09 3.42 2.19
CA THR G 132 42.23 4.54 2.51
C THR G 132 41.40 4.84 1.27
N LEU G 133 40.14 5.21 1.47
CA LEU G 133 39.25 5.53 0.35
C LEU G 133 39.79 6.73 -0.42
N GLY G 134 39.81 6.60 -1.74
CA GLY G 134 40.39 7.61 -2.60
C GLY G 134 41.85 7.42 -2.92
N ASN G 135 42.50 6.38 -2.38
CA ASN G 135 43.90 6.12 -2.62
C ASN G 135 44.08 4.78 -3.33
N LYS G 136 45.18 4.67 -4.07
CA LYS G 136 45.43 3.47 -4.85
C LYS G 136 45.89 2.31 -3.98
N LEU G 137 45.31 1.13 -4.24
CA LEU G 137 45.71 -0.11 -3.60
C LEU G 137 46.42 -1.00 -4.61
N THR G 138 47.55 -1.57 -4.20
CA THR G 138 48.34 -2.46 -5.04
C THR G 138 48.26 -3.87 -4.49
N PHE G 139 47.89 -4.82 -5.34
CA PHE G 139 47.87 -6.24 -5.00
C PHE G 139 48.89 -6.97 -5.86
N GLY G 140 49.62 -7.91 -5.25
CA GLY G 140 50.65 -8.64 -5.95
C GLY G 140 50.35 -10.11 -6.14
N ILE G 141 50.35 -10.57 -7.38
CA ILE G 141 50.04 -11.97 -7.71
C ILE G 141 51.27 -12.82 -7.44
N PRO G 142 51.16 -13.83 -6.57
CA PRO G 142 52.31 -14.72 -6.32
C PRO G 142 52.36 -15.86 -7.31
N GLN G 143 53.35 -16.75 -7.14
CA GLN G 143 53.49 -17.95 -7.97
C GLN G 143 53.11 -19.16 -7.13
N TYR G 144 51.97 -19.77 -7.45
CA TYR G 144 51.52 -20.95 -6.71
C TYR G 144 50.99 -22.03 -7.66
N GLY G 145 50.92 -21.76 -8.96
CA GLY G 145 50.40 -22.75 -9.89
C GLY G 145 50.69 -22.35 -11.32
N ASP G 146 49.95 -22.96 -12.24
CA ASP G 146 50.10 -22.72 -13.66
C ASP G 146 49.01 -21.86 -14.26
N PHE G 147 47.77 -21.98 -13.78
CA PHE G 147 46.65 -21.24 -14.35
C PHE G 147 45.83 -20.60 -13.23
N PHE G 148 45.47 -19.34 -13.43
CA PHE G 148 44.58 -18.63 -12.51
C PHE G 148 43.75 -17.63 -13.32
N HIS G 149 42.43 -17.68 -13.17
CA HIS G 149 41.55 -16.87 -14.01
C HIS G 149 40.70 -15.89 -13.23
N ASP G 150 39.93 -16.34 -12.23
CA ASP G 150 39.01 -15.45 -11.55
C ASP G 150 39.54 -15.06 -10.18
N MET G 151 39.16 -13.85 -9.74
CA MET G 151 39.62 -13.31 -8.49
C MET G 151 38.62 -12.28 -7.98
N VAL G 152 38.54 -12.15 -6.66
CA VAL G 152 37.56 -11.28 -6.02
C VAL G 152 38.25 -10.47 -4.94
N GLY G 153 38.12 -9.15 -5.00
CA GLY G 153 38.57 -8.29 -3.93
C GLY G 153 37.54 -8.21 -2.82
N HIS G 154 37.95 -8.54 -1.60
CA HIS G 154 37.07 -8.58 -0.45
C HIS G 154 37.43 -7.42 0.48
N HIS G 155 36.43 -6.60 0.82
CA HIS G 155 36.62 -5.50 1.75
C HIS G 155 35.49 -5.51 2.77
N ILE G 156 35.78 -4.99 3.96
CA ILE G 156 34.77 -4.80 5.01
C ILE G 156 34.80 -3.31 5.34
N LEU G 157 33.91 -2.55 4.71
CA LEU G 157 33.82 -1.13 4.99
C LEU G 157 33.26 -0.91 6.39
N GLY G 158 33.87 0.02 7.12
CA GLY G 158 33.54 0.22 8.51
C GLY G 158 32.20 0.88 8.73
N ALA G 159 31.79 0.90 9.99
CA ALA G 159 30.52 1.51 10.37
C ALA G 159 30.60 3.02 10.23
N CYS G 160 29.50 3.63 9.78
CA CYS G 160 29.45 5.06 9.57
C CYS G 160 28.19 5.64 10.19
N HIS G 161 28.28 6.91 10.56
CA HIS G 161 27.18 7.66 11.16
C HIS G 161 27.50 9.13 11.00
N SER G 162 26.45 9.94 10.89
CA SER G 162 26.63 11.38 10.79
C SER G 162 26.92 11.97 12.17
N SER G 163 27.51 13.16 12.16
CA SER G 163 27.82 13.86 13.40
C SER G 163 26.53 14.41 14.03
N TRP G 164 26.58 14.63 15.34
CA TRP G 164 25.47 15.25 16.03
C TRP G 164 25.33 16.70 15.62
N GLN G 165 24.10 17.14 15.38
CA GLN G 165 23.83 18.48 14.90
C GLN G 165 22.77 19.14 15.77
N ASP G 166 22.93 20.44 15.98
CA ASP G 166 22.01 21.21 16.81
C ASP G 166 20.73 21.51 16.04
N ALA G 167 19.61 21.52 16.74
CA ALA G 167 18.34 21.84 16.11
C ALA G 167 18.28 23.33 15.79
N PRO G 168 17.88 23.71 14.58
CA PRO G 168 17.88 25.12 14.21
C PRO G 168 16.80 25.92 14.92
N ILE G 169 17.03 27.22 15.01
CA ILE G 169 16.05 28.16 15.53
C ILE G 169 15.04 28.46 14.42
N GLN G 170 13.80 28.76 14.81
CA GLN G 170 12.77 29.12 13.84
C GLN G 170 13.11 30.45 13.18
N GLY G 171 12.65 30.61 11.95
CA GLY G 171 12.87 31.86 11.24
C GLY G 171 14.25 32.03 10.69
N THR G 172 15.07 30.98 10.68
CA THR G 172 16.45 31.04 10.22
C THR G 172 16.58 30.24 8.94
N SER G 173 17.28 30.81 7.97
CA SER G 173 17.62 30.13 6.74
C SER G 173 19.12 29.86 6.73
N GLN G 174 19.49 28.60 6.60
CA GLN G 174 20.88 28.18 6.65
C GLN G 174 21.25 27.52 5.34
N MET G 175 22.49 27.72 4.89
CA MET G 175 22.90 27.28 3.57
C MET G 175 23.05 25.76 3.53
N GLY G 176 22.29 25.12 2.64
CA GLY G 176 22.24 23.68 2.55
C GLY G 176 23.15 23.11 1.47
N ALA G 177 22.95 21.83 1.20
CA ALA G 177 23.78 21.12 0.25
C ALA G 177 23.35 21.40 -1.19
N HIS G 178 24.30 21.23 -2.11
CA HIS G 178 24.08 21.34 -3.56
C HIS G 178 23.55 22.71 -3.97
N GLY G 179 23.90 23.74 -3.22
CA GLY G 179 23.49 25.09 -3.54
C GLY G 179 22.03 25.39 -3.29
N GLN G 180 21.35 24.52 -2.56
CA GLN G 180 19.92 24.64 -2.31
C GLN G 180 19.73 25.06 -0.87
N LEU G 181 19.16 26.25 -0.66
CA LEU G 181 19.04 26.81 0.68
C LEU G 181 17.99 26.07 1.50
N GLN G 182 18.32 25.79 2.75
CA GLN G 182 17.38 25.25 3.71
C GLN G 182 16.82 26.36 4.58
N THR G 183 15.57 26.18 5.01
CA THR G 183 14.90 27.22 5.77
C THR G 183 13.88 26.59 6.72
N PHE G 184 13.71 27.23 7.88
CA PHE G 184 12.75 26.83 8.90
C PHE G 184 11.82 28.03 9.05
N PRO G 185 10.67 28.04 8.39
CA PRO G 185 9.88 29.27 8.28
C PRO G 185 9.19 29.65 9.58
N ARG G 186 8.86 30.93 9.67
CA ARG G 186 8.05 31.44 10.77
C ARG G 186 6.60 31.01 10.60
N ASN G 187 5.84 31.12 11.69
CA ASN G 187 4.43 30.77 11.64
C ASN G 187 3.66 31.78 10.80
N GLY G 188 2.67 31.30 10.07
CA GLY G 188 1.90 32.17 9.20
C GLY G 188 2.60 32.54 7.91
N TYR G 189 3.62 31.78 7.50
CA TYR G 189 4.34 32.05 6.27
C TYR G 189 4.40 30.79 5.43
N ASP G 190 4.78 30.96 4.16
CA ASP G 190 4.96 29.83 3.27
C ASP G 190 6.34 29.21 3.51
N TRP G 191 6.77 28.32 2.62
CA TRP G 191 8.08 27.68 2.80
C TRP G 191 9.22 28.66 2.62
N ASP G 192 9.10 29.61 1.70
CA ASP G 192 10.20 30.53 1.40
C ASP G 192 10.36 31.65 2.42
N ASN G 193 9.68 31.57 3.56
CA ASN G 193 9.72 32.55 4.66
C ASN G 193 9.24 33.94 4.22
N GLN G 194 8.55 34.01 3.09
CA GLN G 194 7.84 35.22 2.63
C GLN G 194 6.51 34.74 2.08
N THR G 195 5.73 35.69 1.50
CA THR G 195 4.39 35.47 0.91
C THR G 195 3.51 34.73 1.91
N PRO G 196 2.99 35.42 2.93
CA PRO G 196 2.45 34.73 4.11
C PRO G 196 1.29 33.81 3.81
N LEU G 197 1.28 32.67 4.48
CA LEU G 197 0.29 31.61 4.30
C LEU G 197 -0.48 31.47 5.61
N GLU G 198 -1.78 31.71 5.57
CA GLU G 198 -2.58 31.77 6.79
C GLU G 198 -2.74 30.38 7.40
N GLY G 199 -2.47 30.28 8.70
CA GLY G 199 -2.67 29.06 9.44
C GLY G 199 -1.49 28.09 9.48
N ALA G 200 -0.38 28.42 8.82
CA ALA G 200 0.76 27.51 8.77
C ALA G 200 1.55 27.57 10.08
N VAL G 201 1.78 26.41 10.68
CA VAL G 201 2.52 26.28 11.92
C VAL G 201 3.64 25.27 11.71
N TYR G 202 4.87 25.67 12.00
CA TYR G 202 6.05 24.87 11.69
C TYR G 202 6.72 24.38 12.97
N THR G 203 6.91 23.06 13.06
CA THR G 203 7.66 22.42 14.15
C THR G 203 8.73 21.53 13.52
N LEU G 204 9.54 20.91 14.37
CA LEU G 204 10.58 19.99 13.94
C LEU G 204 10.23 18.57 14.39
N VAL G 205 10.39 17.61 13.48
CA VAL G 205 10.12 16.21 13.80
C VAL G 205 11.26 15.34 13.29
N ASP G 206 11.38 14.17 13.90
CA ASP G 206 12.29 13.12 13.44
C ASP G 206 11.70 12.52 12.16
N PRO G 207 12.53 11.82 11.36
CA PRO G 207 11.96 11.12 10.19
C PRO G 207 10.93 10.05 10.52
N PHE G 208 10.83 9.61 11.77
CA PHE G 208 9.81 8.66 12.18
C PHE G 208 8.74 9.30 13.05
N GLY G 209 8.65 10.64 13.04
CA GLY G 209 7.57 11.35 13.69
C GLY G 209 7.82 11.80 15.11
N ARG G 210 9.03 11.64 15.61
CA ARG G 210 9.31 12.01 17.00
C ARG G 210 9.68 13.49 17.08
N PRO G 211 9.10 14.24 18.02
CA PRO G 211 9.38 15.68 18.09
C PRO G 211 10.82 15.97 18.49
N ILE G 212 11.35 17.07 17.95
CA ILE G 212 12.68 17.57 18.27
C ILE G 212 12.55 19.02 18.67
N VAL G 213 13.05 19.36 19.86
CA VAL G 213 12.95 20.72 20.38
C VAL G 213 13.97 21.60 19.70
N PRO G 214 13.55 22.74 19.12
CA PRO G 214 14.51 23.64 18.46
C PRO G 214 15.49 24.25 19.45
N GLY G 215 16.71 24.49 18.97
CA GLY G 215 17.76 25.05 19.79
C GLY G 215 18.49 24.06 20.66
N THR G 216 18.11 22.78 20.62
CA THR G 216 18.76 21.77 21.45
C THR G 216 20.14 21.46 20.90
N LYS G 217 21.14 21.42 21.79
CA LYS G 217 22.48 21.04 21.41
C LYS G 217 22.55 19.53 21.23
N ASN G 218 23.12 19.10 20.09
CA ASN G 218 23.23 17.69 19.70
C ASN G 218 21.86 17.01 19.71
N ALA G 219 20.97 17.52 18.86
CA ALA G 219 19.58 17.11 18.87
C ALA G 219 19.27 15.96 17.90
N TYR G 220 20.00 15.85 16.81
CA TYR G 220 19.67 14.86 15.79
C TYR G 220 20.93 14.50 15.02
N ARG G 221 20.85 13.38 14.30
CA ARG G 221 21.86 12.95 13.36
C ARG G 221 21.23 12.75 11.99
N ASN G 222 22.01 13.03 10.94
CA ASN G 222 21.58 12.64 9.62
C ASN G 222 21.71 11.13 9.45
N LEU G 223 20.92 10.56 8.56
CA LEU G 223 20.87 9.13 8.35
C LEU G 223 21.77 8.76 7.18
N VAL G 224 22.85 8.05 7.47
CA VAL G 224 23.79 7.69 6.42
C VAL G 224 23.24 6.51 5.64
N TYR G 225 23.34 6.58 4.31
CA TYR G 225 22.96 5.46 3.46
C TYR G 225 24.00 5.30 2.37
N TYR G 226 24.31 4.06 2.04
CA TYR G 226 25.29 3.79 1.01
C TYR G 226 24.70 4.06 -0.38
N CYS G 227 25.57 4.02 -1.38
CA CYS G 227 25.12 4.10 -2.75
C CYS G 227 24.32 2.85 -3.11
N GLU G 228 23.51 2.98 -4.15
CA GLU G 228 22.98 1.83 -4.85
C GLU G 228 24.06 1.20 -5.73
N TYR G 229 24.30 -0.09 -5.50
CA TYR G 229 25.47 -0.85 -5.92
C TYR G 229 26.75 -0.12 -5.53
N PRO G 230 27.06 0.01 -4.24
CA PRO G 230 28.28 0.73 -3.85
C PRO G 230 29.54 -0.06 -4.17
N GLY G 231 29.41 -1.37 -4.39
CA GLY G 231 30.58 -2.15 -4.74
C GLY G 231 31.11 -1.83 -6.13
N GLU G 232 30.22 -1.60 -7.09
CA GLU G 232 30.67 -1.16 -8.41
C GLU G 232 31.21 0.25 -8.37
N ARG G 233 30.61 1.12 -7.54
CA ARG G 233 31.12 2.47 -7.38
C ARG G 233 32.48 2.48 -6.70
N LEU G 234 32.76 1.48 -5.86
CA LEU G 234 34.01 1.44 -5.09
C LEU G 234 35.22 1.32 -6.00
N TYR G 235 35.19 0.34 -6.91
CA TYR G 235 36.35 0.09 -7.78
C TYR G 235 36.28 1.03 -8.98
N GLU G 236 36.69 2.28 -8.75
CA GLU G 236 36.55 3.32 -9.76
C GLU G 236 37.52 3.12 -10.91
N ASN G 237 38.72 2.60 -10.64
CA ASN G 237 39.68 2.39 -11.72
C ASN G 237 40.51 1.14 -11.40
N VAL G 238 40.21 0.04 -12.08
CA VAL G 238 40.96 -1.20 -11.92
C VAL G 238 41.94 -1.33 -13.07
N ARG G 239 43.21 -1.55 -12.75
CA ARG G 239 44.26 -1.62 -13.75
C ARG G 239 45.17 -2.81 -13.46
N PHE G 240 45.53 -3.53 -14.52
CA PHE G 240 46.43 -4.68 -14.41
C PHE G 240 47.76 -4.30 -15.05
N ASP G 241 48.77 -4.06 -14.22
CA ASP G 241 50.06 -3.56 -14.67
C ASP G 241 51.11 -4.67 -14.64
N VAL G 242 51.96 -4.70 -15.67
CA VAL G 242 53.10 -5.62 -15.72
C VAL G 242 54.32 -4.72 -15.98
N ASN G 243 54.93 -4.21 -14.92
CA ASN G 243 55.90 -3.11 -14.96
C ASN G 243 55.41 -1.97 -15.86
N GLY G 244 54.27 -1.40 -15.46
CA GLY G 244 53.59 -0.51 -16.37
C GLY G 244 52.91 -1.34 -17.46
N ASN G 245 52.67 -0.68 -18.59
CA ASN G 245 52.11 -1.32 -19.80
C ASN G 245 50.79 -2.03 -19.49
N SER G 246 49.78 -1.22 -19.13
CA SER G 246 48.50 -1.70 -18.63
C SER G 246 47.80 -2.63 -19.60
N LEU G 247 47.68 -3.91 -19.22
CA LEU G 247 47.00 -4.89 -20.06
C LEU G 247 45.51 -4.59 -20.15
N ASP G 248 44.87 -4.36 -19.01
CA ASP G 248 43.47 -3.98 -18.97
C ASP G 248 43.27 -2.92 -17.90
N GLU G 249 42.65 -1.81 -18.29
CA GLU G 249 42.23 -0.76 -17.37
C GLU G 249 40.76 -0.48 -17.62
N TYR G 250 39.95 -0.61 -16.59
CA TYR G 250 38.51 -0.40 -16.72
C TYR G 250 37.99 0.37 -15.51
N SER G 251 36.73 0.82 -15.61
CA SER G 251 36.14 1.69 -14.61
C SER G 251 34.81 1.15 -14.11
N SER G 252 34.08 1.97 -13.35
CA SER G 252 32.80 1.54 -12.80
C SER G 252 31.71 1.50 -13.87
N ASP G 253 31.84 2.33 -14.90
CA ASP G 253 30.77 2.46 -15.89
C ASP G 253 30.67 1.22 -16.77
N VAL G 254 31.80 0.65 -17.16
CA VAL G 254 31.76 -0.59 -17.93
C VAL G 254 31.28 -1.74 -17.07
N THR G 255 31.53 -1.69 -15.75
CA THR G 255 31.01 -2.70 -14.85
C THR G 255 29.49 -2.61 -14.75
N THR G 256 28.96 -1.39 -14.72
CA THR G 256 27.51 -1.21 -14.75
C THR G 256 26.92 -1.67 -16.08
N LEU G 257 27.64 -1.44 -17.19
CA LEU G 257 27.19 -1.89 -18.50
C LEU G 257 27.10 -3.42 -18.57
N VAL G 258 28.13 -4.11 -18.08
CA VAL G 258 28.10 -5.56 -18.10
C VAL G 258 27.16 -6.10 -17.03
N ARG G 259 26.81 -5.29 -16.03
CA ARG G 259 25.74 -5.70 -15.12
C ARG G 259 24.39 -5.68 -15.82
N LYS G 260 24.10 -4.58 -16.53
CA LYS G 260 22.81 -4.45 -17.20
C LYS G 260 22.69 -5.34 -18.43
N PHE G 261 23.81 -5.85 -18.95
CA PHE G 261 23.75 -6.70 -20.14
C PHE G 261 24.16 -8.15 -19.87
N CYS G 262 25.33 -8.38 -19.27
CA CYS G 262 25.91 -9.71 -19.28
C CYS G 262 25.46 -10.60 -18.13
N ILE G 263 25.09 -10.04 -16.98
CA ILE G 263 24.63 -10.87 -15.86
C ILE G 263 23.25 -11.47 -16.21
N PRO G 264 23.08 -12.79 -16.07
CA PRO G 264 21.85 -13.43 -16.59
C PRO G 264 20.55 -12.97 -15.95
N GLY G 265 20.59 -12.49 -14.71
CA GLY G 265 19.41 -12.09 -13.99
C GLY G 265 18.85 -13.16 -13.09
N ASP G 266 19.12 -14.44 -13.40
CA ASP G 266 18.88 -15.50 -12.44
C ASP G 266 19.82 -15.37 -11.24
N LYS G 267 21.08 -15.06 -11.50
CA LYS G 267 22.08 -14.85 -10.45
C LYS G 267 22.25 -13.36 -10.16
N MET G 268 21.13 -12.72 -9.81
CA MET G 268 21.18 -11.28 -9.52
C MET G 268 21.22 -10.99 -8.03
N THR G 269 20.32 -11.62 -7.26
CA THR G 269 20.20 -11.33 -5.82
C THR G 269 21.49 -11.64 -5.09
N GLY G 270 22.11 -12.79 -5.39
CA GLY G 270 23.42 -13.09 -4.85
C GLY G 270 24.46 -12.09 -5.29
N TYR G 271 24.41 -11.68 -6.56
CA TYR G 271 25.25 -10.58 -7.01
C TYR G 271 24.91 -9.30 -6.27
N LYS G 272 23.62 -9.08 -5.99
CA LYS G 272 23.23 -7.96 -5.16
C LYS G 272 23.74 -8.11 -3.74
N HIS G 273 23.96 -9.34 -3.27
CA HIS G 273 24.63 -9.54 -2.00
C HIS G 273 26.13 -9.32 -2.12
N LEU G 274 26.70 -9.53 -3.30
CA LEU G 274 28.14 -9.38 -3.47
C LEU G 274 28.56 -7.91 -3.50
N VAL G 275 27.74 -7.05 -4.10
CA VAL G 275 28.08 -5.65 -4.24
C VAL G 275 27.33 -4.79 -3.22
N GLY G 276 26.67 -5.41 -2.24
CA GLY G 276 26.05 -4.65 -1.18
C GLY G 276 24.75 -3.95 -1.53
N GLN G 277 24.05 -4.42 -2.56
CA GLN G 277 22.75 -3.87 -2.92
C GLN G 277 21.65 -4.59 -2.13
N GLU G 278 20.69 -3.83 -1.64
CA GLU G 278 19.58 -4.41 -0.89
C GLU G 278 18.67 -5.20 -1.82
N VAL G 279 18.15 -6.31 -1.31
CA VAL G 279 17.21 -7.17 -2.02
C VAL G 279 15.87 -7.09 -1.31
N SER G 280 14.79 -6.96 -2.07
CA SER G 280 13.47 -6.78 -1.50
C SER G 280 12.98 -8.06 -0.84
N VAL G 281 12.46 -7.94 0.38
CA VAL G 281 11.91 -9.05 1.14
C VAL G 281 10.40 -8.95 1.11
N GLU G 282 9.74 -10.08 0.81
CA GLU G 282 8.30 -10.14 0.63
C GLU G 282 7.63 -10.50 1.95
N GLY G 283 6.60 -9.73 2.32
CA GLY G 283 5.77 -10.04 3.46
C GLY G 283 4.31 -10.06 3.06
N THR G 284 3.49 -10.61 3.94
CA THR G 284 2.06 -10.76 3.68
C THR G 284 1.26 -10.24 4.86
N SER G 285 0.11 -9.66 4.55
CA SER G 285 -0.83 -9.19 5.56
C SER G 285 -1.70 -10.36 6.02
N GLY G 286 -2.76 -10.07 6.75
CA GLY G 286 -3.69 -11.09 7.15
C GLY G 286 -4.67 -11.42 6.05
N PRO G 287 -5.55 -12.38 6.33
CA PRO G 287 -6.64 -12.67 5.40
C PRO G 287 -7.60 -11.49 5.27
N LEU G 288 -8.11 -11.28 4.05
CA LEU G 288 -8.98 -10.16 3.77
C LEU G 288 -10.12 -10.61 2.86
N LEU G 289 -11.27 -9.97 3.03
CA LEU G 289 -12.48 -10.30 2.28
C LEU G 289 -12.51 -9.53 0.98
N CYS G 290 -12.77 -10.23 -0.13
CA CYS G 290 -12.89 -9.63 -1.44
C CYS G 290 -14.13 -10.19 -2.11
N ASN G 291 -14.83 -9.34 -2.88
CA ASN G 291 -15.96 -9.80 -3.66
C ASN G 291 -15.53 -10.09 -5.10
N ILE G 292 -15.97 -11.24 -5.61
CA ILE G 292 -15.61 -11.68 -6.96
C ILE G 292 -16.76 -11.35 -7.89
N HIS G 293 -16.47 -10.60 -8.95
CA HIS G 293 -17.48 -10.18 -9.91
C HIS G 293 -17.31 -10.98 -11.19
N ASP G 294 -18.40 -11.62 -11.64
CA ASP G 294 -18.38 -12.42 -12.85
C ASP G 294 -19.60 -12.09 -13.68
N LEU G 295 -19.39 -11.94 -14.98
CA LEU G 295 -20.48 -11.62 -15.91
C LEU G 295 -20.15 -12.10 -17.32
N LEU G 351 -16.66 -12.82 -0.30
CA LEU G 351 -16.99 -13.97 -1.15
C LEU G 351 -15.72 -14.79 -1.37
N ASP G 352 -14.56 -14.14 -1.19
CA ASP G 352 -13.27 -14.79 -1.40
C ASP G 352 -12.28 -14.21 -0.41
N ILE G 353 -11.23 -14.98 -0.11
CA ILE G 353 -10.23 -14.60 0.88
C ILE G 353 -8.90 -14.41 0.16
N ARG G 354 -8.32 -13.22 0.30
CA ARG G 354 -7.02 -12.92 -0.31
C ARG G 354 -6.12 -12.21 0.69
N ARG G 355 -4.82 -12.35 0.49
CA ARG G 355 -3.81 -11.69 1.30
C ARG G 355 -3.01 -10.73 0.43
N ASN G 356 -2.83 -9.50 0.92
CA ASN G 356 -1.97 -8.55 0.22
C ASN G 356 -0.51 -8.92 0.38
N VAL G 357 0.27 -8.69 -0.68
CA VAL G 357 1.69 -8.98 -0.71
C VAL G 357 2.43 -7.65 -0.77
N HIS G 358 3.26 -7.39 0.24
CA HIS G 358 4.05 -6.18 0.32
C HIS G 358 5.53 -6.52 0.22
N TYR G 359 6.33 -5.52 -0.12
CA TYR G 359 7.77 -5.68 -0.26
C TYR G 359 8.47 -4.60 0.55
N SER G 360 9.61 -4.97 1.14
CA SER G 360 10.35 -4.01 1.95
C SER G 360 11.83 -4.38 1.96
N CYS G 361 12.68 -3.36 1.98
CA CYS G 361 14.12 -3.52 1.92
C CYS G 361 14.76 -3.16 3.26
N ASN G 362 15.98 -3.66 3.47
CA ASN G 362 16.66 -3.51 4.74
C ASN G 362 18.15 -3.16 4.59
N GLY G 363 18.69 -3.16 3.39
CA GLY G 363 20.12 -3.11 3.21
C GLY G 363 20.75 -1.75 3.42
N PRO G 364 22.00 -1.59 2.94
CA PRO G 364 22.72 -0.32 3.18
C PRO G 364 22.12 0.88 2.49
N GLN G 365 21.32 0.66 1.45
CA GLN G 365 20.68 1.76 0.73
C GLN G 365 19.53 2.38 1.50
N THR G 366 18.98 1.65 2.47
CA THR G 366 18.00 2.24 3.38
C THR G 366 18.72 3.18 4.33
N PRO G 367 18.28 4.43 4.47
CA PRO G 367 18.94 5.36 5.39
C PRO G 367 18.80 4.91 6.84
N LYS G 368 19.94 4.82 7.53
CA LYS G 368 19.98 4.38 8.92
C LYS G 368 20.82 5.35 9.73
N TYR G 369 20.51 5.41 11.03
CA TYR G 369 21.34 6.19 11.95
C TYR G 369 22.74 5.60 12.08
N TYR G 370 22.85 4.27 12.02
CA TYR G 370 24.13 3.58 12.21
C TYR G 370 24.20 2.46 11.17
N GLN G 371 25.00 2.67 10.14
CA GLN G 371 25.22 1.63 9.14
C GLN G 371 26.18 0.58 9.69
N PRO G 372 25.84 -0.70 9.63
CA PRO G 372 26.78 -1.75 10.05
C PRO G 372 27.93 -1.86 9.06
N PRO G 373 29.04 -2.48 9.45
CA PRO G 373 30.14 -2.72 8.50
C PRO G 373 29.69 -3.58 7.33
N LEU G 374 29.86 -3.04 6.12
CA LEU G 374 29.34 -3.65 4.91
C LEU G 374 30.44 -4.46 4.23
N ALA G 375 30.16 -5.74 3.96
CA ALA G 375 31.11 -6.63 3.33
C ALA G 375 30.89 -6.61 1.82
N LEU G 376 31.90 -6.18 1.07
CA LEU G 376 31.84 -6.09 -0.38
C LEU G 376 32.77 -7.12 -0.99
N TRP G 377 32.25 -7.89 -1.94
CA TRP G 377 33.00 -8.92 -2.66
C TRP G 377 32.93 -8.56 -4.14
N ILE G 378 33.99 -7.96 -4.67
CA ILE G 378 33.97 -7.32 -5.98
C ILE G 378 34.74 -8.19 -6.96
N LYS G 379 34.07 -8.64 -8.01
CA LYS G 379 34.72 -9.46 -9.02
C LYS G 379 35.54 -8.59 -9.96
N LEU G 380 36.66 -9.14 -10.43
CA LEU G 380 37.55 -8.47 -11.36
C LEU G 380 37.36 -9.07 -12.74
N ARG G 381 37.20 -8.21 -13.75
CA ARG G 381 36.88 -8.63 -15.10
C ARG G 381 38.06 -8.35 -16.02
N PHE G 382 38.54 -9.41 -16.68
CA PHE G 382 39.63 -9.32 -17.65
C PHE G 382 39.30 -10.24 -18.81
N TRP G 383 40.29 -10.48 -19.69
CA TRP G 383 40.02 -11.33 -20.84
C TRP G 383 39.96 -12.80 -20.48
N PHE G 384 40.60 -13.20 -19.37
CA PHE G 384 40.65 -14.59 -18.97
C PHE G 384 39.57 -14.99 -17.97
N ASN G 385 38.69 -14.07 -17.60
CA ASN G 385 37.66 -14.39 -16.61
C ASN G 385 36.44 -15.06 -17.21
N GLU G 386 36.33 -15.08 -18.54
CA GLU G 386 35.13 -15.63 -19.17
C GLU G 386 35.08 -17.15 -19.06
N ASN G 387 36.20 -17.82 -19.33
CA ASN G 387 36.25 -19.28 -19.32
C ASN G 387 37.45 -19.73 -18.51
N VAL G 388 37.37 -20.98 -18.03
CA VAL G 388 38.46 -21.56 -17.25
C VAL G 388 39.60 -21.98 -18.17
N ASN G 389 39.32 -22.19 -19.46
CA ASN G 389 40.35 -22.62 -20.40
C ASN G 389 41.17 -21.47 -20.95
N LEU G 390 40.79 -20.22 -20.67
CA LEU G 390 41.48 -19.06 -21.20
C LEU G 390 42.47 -18.45 -20.21
N ALA G 391 42.78 -19.16 -19.12
CA ALA G 391 43.68 -18.63 -18.11
C ALA G 391 45.11 -18.57 -18.66
N ILE G 392 45.75 -17.41 -18.47
CA ILE G 392 47.11 -17.20 -18.95
C ILE G 392 48.09 -17.98 -18.08
N PRO G 393 49.17 -18.51 -18.65
CA PRO G 393 50.17 -19.20 -17.82
C PRO G 393 50.96 -18.23 -16.96
N SER G 394 51.27 -18.66 -15.75
CA SER G 394 52.06 -17.86 -14.81
C SER G 394 53.55 -18.18 -14.89
N VAL G 395 53.95 -19.11 -15.76
CA VAL G 395 55.35 -19.48 -15.87
C VAL G 395 56.07 -18.69 -16.96
N SER G 396 55.32 -18.07 -17.88
CA SER G 396 55.95 -17.31 -18.96
C SER G 396 56.62 -16.04 -18.43
N ILE G 397 56.01 -15.40 -17.45
CA ILE G 397 56.58 -14.19 -16.84
C ILE G 397 56.70 -14.40 -15.34
N PRO G 398 57.67 -13.77 -14.67
CA PRO G 398 57.82 -13.97 -13.23
C PRO G 398 56.68 -13.36 -12.43
N PHE G 399 56.48 -13.92 -11.23
CA PHE G 399 55.41 -13.45 -10.34
C PHE G 399 55.77 -12.14 -9.66
N GLY G 400 57.05 -11.74 -9.67
CA GLY G 400 57.44 -10.47 -9.10
C GLY G 400 57.36 -9.33 -10.09
N GLU G 401 56.39 -9.42 -11.00
CA GLU G 401 56.23 -8.43 -12.07
C GLU G 401 54.79 -7.96 -12.24
N ARG G 402 53.79 -8.73 -11.83
CA ARG G 402 52.39 -8.39 -12.04
C ARG G 402 51.85 -7.68 -10.81
N PHE G 403 51.17 -6.55 -11.02
CA PHE G 403 50.50 -5.81 -9.96
C PHE G 403 49.10 -5.43 -10.41
N ILE G 404 48.23 -5.24 -9.43
CA ILE G 404 46.86 -4.76 -9.65
C ILE G 404 46.72 -3.45 -8.90
N THR G 405 46.41 -2.38 -9.62
CA THR G 405 46.22 -1.06 -9.05
C THR G 405 44.75 -0.71 -9.09
N ILE G 406 44.15 -0.51 -7.92
CA ILE G 406 42.74 -0.14 -7.82
C ILE G 406 42.68 1.25 -7.21
N LYS G 407 42.20 2.21 -8.00
CA LYS G 407 41.89 3.55 -7.51
C LYS G 407 40.44 3.54 -7.07
N LEU G 408 40.21 3.78 -5.78
CA LEU G 408 38.88 3.67 -5.20
C LEU G 408 38.14 4.99 -5.26
N ALA G 409 36.83 4.90 -5.01
CA ALA G 409 35.99 6.09 -4.92
C ALA G 409 36.28 6.86 -3.65
N SER G 410 35.94 8.14 -3.67
CA SER G 410 36.07 8.96 -2.48
C SER G 410 35.02 8.57 -1.45
N GLN G 411 35.25 9.01 -0.21
CA GLN G 411 34.30 8.78 0.87
C GLN G 411 32.98 9.50 0.61
N LYS G 412 33.00 10.59 -0.16
CA LYS G 412 31.79 11.31 -0.52
C LYS G 412 31.07 10.69 -1.72
N ASP G 413 31.69 9.74 -2.42
CA ASP G 413 31.09 9.08 -3.57
C ASP G 413 30.53 7.71 -3.23
N LEU G 414 30.56 7.31 -1.96
CA LEU G 414 30.06 6.01 -1.55
C LEU G 414 28.88 6.12 -0.60
N VAL G 415 28.97 6.96 0.44
CA VAL G 415 27.91 7.15 1.41
C VAL G 415 27.37 8.56 1.27
N ASN G 416 26.05 8.70 1.39
CA ASN G 416 25.38 9.98 1.39
C ASN G 416 24.59 10.13 2.67
N GLU G 417 24.17 11.36 2.95
CA GLU G 417 23.34 11.66 4.10
C GLU G 417 21.91 11.90 3.66
N PHE G 418 20.98 11.43 4.48
CA PHE G 418 19.56 11.61 4.38
C PHE G 418 19.11 12.48 5.55
N PRO G 419 18.13 13.38 5.34
CA PRO G 419 17.73 14.30 6.41
C PRO G 419 17.22 13.63 7.66
N GLY G 420 17.91 13.86 8.77
CA GLY G 420 17.49 13.41 10.08
C GLY G 420 16.57 14.38 10.79
N LEU G 421 16.13 15.43 10.11
CA LEU G 421 15.21 16.40 10.68
C LEU G 421 14.26 16.85 9.59
N PHE G 422 12.98 17.00 9.95
CA PHE G 422 11.96 17.42 9.01
C PHE G 422 11.18 18.58 9.61
N VAL G 423 11.03 19.66 8.83
CA VAL G 423 10.14 20.74 9.21
C VAL G 423 8.72 20.31 8.86
N ARG G 424 7.87 20.22 9.87
CA ARG G 424 6.48 19.77 9.74
C ARG G 424 5.58 20.99 9.84
N GLN G 425 4.76 21.21 8.81
CA GLN G 425 3.78 22.28 8.84
C GLN G 425 2.38 21.69 9.02
N SER G 426 1.64 22.28 9.94
CA SER G 426 0.22 22.04 10.08
C SER G 426 -0.49 23.31 9.65
N ARG G 427 -1.35 23.20 8.64
CA ARG G 427 -2.11 24.32 8.13
C ARG G 427 -3.59 24.11 8.44
N PHE G 428 -4.19 25.09 9.08
CA PHE G 428 -5.61 25.08 9.41
C PHE G 428 -6.32 25.98 8.42
N ILE G 429 -7.23 25.41 7.64
CA ILE G 429 -8.03 26.16 6.67
C ILE G 429 -9.45 26.20 7.23
N ALA G 430 -9.91 27.39 7.59
CA ALA G 430 -11.19 27.56 8.27
C ALA G 430 -12.33 27.54 7.26
N GLY G 431 -13.55 27.64 7.77
CA GLY G 431 -14.74 27.62 6.94
C GLY G 431 -15.51 26.32 7.07
N ARG G 432 -16.04 25.82 5.96
CA ARG G 432 -16.71 24.53 5.95
C ARG G 432 -16.47 23.84 4.60
N PRO G 433 -15.80 22.68 4.58
CA PRO G 433 -15.23 21.96 5.72
C PRO G 433 -13.94 22.56 6.28
N SER G 434 -13.75 22.42 7.59
CA SER G 434 -12.58 22.90 8.29
C SER G 434 -11.45 21.90 8.12
N ARG G 435 -10.41 22.26 7.36
CA ARG G 435 -9.38 21.31 6.97
C ARG G 435 -8.13 21.48 7.83
N ARG G 436 -7.55 20.36 8.23
CA ARG G 436 -6.24 20.31 8.89
C ARG G 436 -5.30 19.54 7.98
N ASN G 437 -4.33 20.23 7.39
CA ASN G 437 -3.39 19.63 6.45
C ASN G 437 -2.02 19.56 7.09
N ILE G 438 -1.46 18.36 7.19
CA ILE G 438 -0.13 18.16 7.74
C ILE G 438 0.80 17.75 6.60
N ARG G 439 1.82 18.59 6.37
CA ARG G 439 2.81 18.35 5.32
C ARG G 439 4.20 18.46 5.93
N PHE G 440 5.19 17.94 5.21
CA PHE G 440 6.56 17.88 5.69
C PHE G 440 7.52 18.35 4.59
N LYS G 441 8.66 18.89 5.02
CA LYS G 441 9.74 19.21 4.09
C LYS G 441 11.06 18.99 4.83
N PRO G 442 12.02 18.31 4.23
CA PRO G 442 13.26 18.01 4.95
C PRO G 442 14.11 19.24 5.22
N TRP G 443 14.80 19.20 6.35
CA TRP G 443 15.84 20.17 6.71
C TRP G 443 17.16 19.43 6.62
N PHE G 444 17.94 19.72 5.57
CA PHE G 444 19.13 18.94 5.26
C PHE G 444 20.36 19.86 5.23
N ILE G 445 20.98 20.01 6.39
CA ILE G 445 22.28 20.67 6.52
C ILE G 445 23.35 19.58 6.54
N PRO G 446 24.39 19.67 5.71
CA PRO G 446 25.38 18.58 5.65
C PRO G 446 26.20 18.49 6.92
N GLY G 447 26.18 17.31 7.53
CA GLY G 447 26.97 17.00 8.69
C GLY G 447 28.30 16.38 8.32
N VAL G 448 28.92 15.73 9.30
CA VAL G 448 30.22 15.10 9.12
C VAL G 448 30.06 13.59 9.32
N ILE G 449 30.56 12.82 8.37
CA ILE G 449 30.61 11.37 8.45
C ILE G 449 32.03 10.97 8.82
N ASN G 450 32.15 10.04 9.77
CA ASN G 450 33.48 9.56 10.16
C ASN G 450 34.12 8.77 9.03
N GLU G 451 35.45 8.69 9.07
CA GLU G 451 36.21 8.06 8.00
C GLU G 451 35.94 6.57 7.93
N ILE G 452 35.73 6.07 6.71
CA ILE G 452 35.49 4.65 6.52
C ILE G 452 36.81 3.90 6.67
N SER G 453 36.83 2.90 7.56
CA SER G 453 38.01 2.10 7.82
C SER G 453 37.87 0.80 7.06
N LEU G 454 38.65 0.64 6.00
CA LEU G 454 38.64 -0.60 5.23
C LEU G 454 39.30 -1.71 6.02
N THR G 455 38.64 -2.86 6.09
CA THR G 455 39.03 -3.95 6.97
C THR G 455 39.00 -5.26 6.18
N ASN G 456 39.98 -6.13 6.46
CA ASN G 456 40.08 -7.47 5.87
C ASN G 456 40.15 -7.39 4.34
N ASN G 457 41.03 -6.52 3.85
CA ASN G 457 41.15 -6.25 2.43
C ASN G 457 41.97 -7.36 1.78
N GLU G 458 41.28 -8.37 1.27
CA GLU G 458 41.93 -9.53 0.68
C GLU G 458 41.63 -9.61 -0.80
N LEU G 459 42.33 -10.51 -1.49
CA LEU G 459 42.14 -10.75 -2.92
C LEU G 459 42.14 -12.25 -3.14
N TYR G 460 40.94 -12.85 -3.12
CA TYR G 460 40.80 -14.29 -3.31
C TYR G 460 41.11 -14.64 -4.76
N ILE G 461 42.06 -15.54 -4.97
CA ILE G 461 42.42 -16.01 -6.31
C ILE G 461 42.31 -17.53 -6.35
N ASN G 462 41.65 -18.04 -7.39
CA ASN G 462 41.56 -19.47 -7.65
C ASN G 462 42.81 -19.93 -8.38
N ASN G 463 43.46 -20.96 -7.84
CA ASN G 463 44.63 -21.57 -8.45
C ASN G 463 44.27 -22.95 -8.96
N LEU G 464 44.48 -23.18 -10.25
CA LEU G 464 44.28 -24.48 -10.90
C LEU G 464 45.62 -25.19 -10.97
N PHE G 465 45.63 -26.48 -10.62
CA PHE G 465 46.83 -27.29 -10.62
C PHE G 465 46.72 -28.36 -11.70
N VAL G 466 47.72 -28.40 -12.59
CA VAL G 466 47.74 -29.36 -13.67
C VAL G 466 48.87 -30.37 -13.46
N LEU G 482 41.43 -14.85 -30.76
CA LEU G 482 41.79 -15.91 -29.81
C LEU G 482 41.19 -15.65 -28.44
N ILE G 483 41.32 -14.42 -27.96
CA ILE G 483 40.80 -14.03 -26.65
C ILE G 483 39.92 -12.80 -26.83
N ARG G 484 39.00 -12.63 -25.88
CA ARG G 484 38.02 -11.55 -25.91
C ARG G 484 38.38 -10.50 -24.86
N VAL G 485 38.76 -9.31 -25.31
CA VAL G 485 39.28 -8.25 -24.44
C VAL G 485 38.28 -7.11 -24.42
N HIS G 486 37.97 -6.62 -23.22
CA HIS G 486 37.10 -5.45 -23.07
C HIS G 486 37.91 -4.19 -23.39
N LYS G 487 37.95 -3.86 -24.68
CA LYS G 487 38.64 -2.67 -25.16
C LYS G 487 37.69 -1.49 -25.02
N THR G 488 37.81 -0.76 -23.92
CA THR G 488 36.82 0.24 -23.53
C THR G 488 37.40 1.65 -23.60
N GLN G 489 36.51 2.63 -23.81
CA GLN G 489 36.84 4.04 -23.85
C GLN G 489 35.59 4.84 -23.55
N VAL G 490 35.65 5.70 -22.54
CA VAL G 490 34.52 6.50 -22.08
C VAL G 490 34.85 7.96 -22.36
N THR G 491 34.03 8.63 -23.17
CA THR G 491 34.35 9.99 -23.56
C THR G 491 33.19 10.93 -23.24
N HIS G 492 33.49 12.22 -23.27
CA HIS G 492 32.59 13.29 -22.83
C HIS G 492 32.20 14.15 -24.02
N THR G 493 30.90 14.44 -24.16
CA THR G 493 30.33 15.14 -25.30
C THR G 493 29.47 16.28 -24.79
N ASN G 494 29.67 17.48 -25.37
CA ASN G 494 28.99 18.68 -24.90
C ASN G 494 28.15 19.38 -25.96
N ASN G 495 28.10 18.88 -27.19
CA ASN G 495 27.36 19.58 -28.25
C ASN G 495 25.86 19.44 -28.05
N ASN G 496 25.12 20.41 -28.57
CA ASN G 496 23.68 20.49 -28.34
C ASN G 496 22.90 19.88 -29.48
N HIS G 497 21.98 18.97 -29.14
CA HIS G 497 20.91 18.43 -29.99
C HIS G 497 21.41 17.48 -31.07
N HIS G 498 22.73 17.38 -31.24
CA HIS G 498 23.40 16.50 -32.18
C HIS G 498 24.89 16.54 -31.88
N ASP G 499 25.56 15.40 -32.04
CA ASP G 499 27.00 15.34 -31.79
C ASP G 499 27.61 14.17 -32.54
N GLU G 500 28.92 14.30 -32.80
CA GLU G 500 29.74 13.28 -33.44
C GLU G 500 31.17 13.45 -32.94
N LYS G 501 31.83 12.33 -32.62
CA LYS G 501 33.16 12.36 -32.06
C LYS G 501 34.22 11.89 -33.06
N LEU G 502 35.47 11.86 -32.59
CA LEU G 502 36.62 11.48 -33.39
C LEU G 502 37.46 10.49 -32.59
N MET G 503 37.73 9.33 -33.19
CA MET G 503 38.47 8.28 -32.50
C MET G 503 39.11 7.35 -33.53
N SER G 504 40.29 6.83 -33.19
CA SER G 504 40.99 5.88 -34.05
C SER G 504 41.67 4.76 -33.28
N ALA G 505 41.39 4.60 -31.99
CA ALA G 505 42.13 3.65 -31.17
C ALA G 505 41.73 2.21 -31.44
N LEU G 506 40.45 1.95 -31.74
CA LEU G 506 39.97 0.58 -31.94
C LEU G 506 40.39 0.08 -33.32
N LYS G 507 41.23 -0.95 -33.34
CA LYS G 507 41.70 -1.55 -34.58
C LYS G 507 41.43 -3.05 -34.58
N TRP G 508 41.33 -3.65 -33.40
CA TRP G 508 41.08 -5.08 -33.29
C TRP G 508 39.64 -5.40 -33.70
N PRO G 509 39.41 -6.55 -34.33
CA PRO G 509 38.05 -6.92 -34.73
C PRO G 509 37.17 -7.21 -33.53
N ILE G 510 35.87 -6.89 -33.67
CA ILE G 510 34.91 -7.00 -32.58
C ILE G 510 33.82 -7.99 -32.94
N GLU G 511 32.91 -8.26 -32.00
CA GLU G 511 31.78 -9.16 -32.21
C GLU G 511 30.43 -8.54 -31.85
N TYR G 512 30.37 -7.74 -30.80
CA TYR G 512 29.16 -7.00 -30.43
C TYR G 512 29.59 -5.59 -30.02
N MET G 513 28.63 -4.77 -29.59
CA MET G 513 28.97 -3.38 -29.32
C MET G 513 27.95 -2.84 -28.32
N PHE G 514 28.34 -2.68 -27.05
CA PHE G 514 27.44 -2.21 -26.00
C PHE G 514 27.68 -0.73 -25.76
N ILE G 515 26.62 0.05 -25.78
CA ILE G 515 26.69 1.50 -25.65
C ILE G 515 25.93 1.92 -24.40
N GLY G 516 26.49 2.89 -23.69
CA GLY G 516 25.77 3.49 -22.58
C GLY G 516 25.95 4.99 -22.54
N LEU G 517 24.86 5.74 -22.66
CA LEU G 517 24.90 7.20 -22.57
C LEU G 517 24.39 7.61 -21.21
N LYS G 518 25.23 8.33 -20.47
CA LYS G 518 24.90 8.83 -19.15
C LYS G 518 25.11 10.33 -19.13
N PRO G 519 24.09 11.13 -18.83
CA PRO G 519 24.34 12.56 -18.59
C PRO G 519 25.32 12.75 -17.45
N THR G 520 26.20 13.76 -17.59
CA THR G 520 27.19 14.02 -16.56
C THR G 520 26.58 14.54 -15.27
N TRP G 521 25.32 14.97 -15.30
CA TRP G 521 24.59 15.30 -14.09
C TRP G 521 24.22 14.09 -13.26
N ASN G 522 24.30 12.88 -13.83
CA ASN G 522 24.09 11.68 -13.02
C ASN G 522 25.20 11.49 -12.00
N ILE G 523 26.44 11.76 -12.39
CA ILE G 523 27.59 11.59 -11.52
C ILE G 523 28.12 12.91 -11.00
N SER G 524 27.43 14.02 -11.27
CA SER G 524 27.85 15.32 -10.77
C SER G 524 27.61 15.43 -9.27
N ASP G 525 28.51 16.09 -8.56
CA ASP G 525 28.37 16.25 -7.12
C ASP G 525 27.28 17.25 -6.76
N GLN G 526 26.84 18.09 -7.70
CA GLN G 526 25.75 19.01 -7.46
C GLN G 526 24.38 18.33 -7.53
N ASN G 527 24.33 17.08 -7.99
CA ASN G 527 23.08 16.34 -8.07
C ASN G 527 22.72 15.81 -6.69
N PRO G 528 21.55 16.17 -6.15
CA PRO G 528 21.14 15.60 -4.85
C PRO G 528 20.87 14.10 -4.91
N HIS G 529 20.59 13.54 -6.08
CA HIS G 529 20.32 12.12 -6.24
C HIS G 529 21.44 11.40 -6.99
N GLN G 530 22.67 11.90 -6.93
CA GLN G 530 23.74 11.32 -7.73
C GLN G 530 24.14 9.94 -7.23
N HIS G 531 23.91 9.66 -5.94
CA HIS G 531 24.17 8.32 -5.42
C HIS G 531 23.13 7.33 -5.94
N ARG G 532 21.90 7.79 -6.13
CA ARG G 532 20.86 6.92 -6.66
C ARG G 532 21.00 6.73 -8.16
N ASP G 533 21.60 7.70 -8.85
CA ASP G 533 21.54 7.75 -10.29
C ASP G 533 22.89 7.68 -10.98
N TRP G 534 23.97 7.34 -10.27
CA TRP G 534 25.28 7.26 -10.91
C TRP G 534 25.34 6.14 -11.93
N HIS G 535 24.59 5.06 -11.70
CA HIS G 535 24.60 3.89 -12.55
C HIS G 535 23.57 3.93 -13.66
N LYS G 536 22.69 4.94 -13.66
CA LYS G 536 21.53 4.93 -14.55
C LYS G 536 21.89 5.57 -15.88
N PHE G 537 21.71 4.82 -16.96
CA PHE G 537 21.97 5.28 -18.31
C PHE G 537 20.70 5.91 -18.87
N GLY G 538 20.55 7.21 -18.65
CA GLY G 538 19.42 7.93 -19.18
C GLY G 538 19.15 9.18 -18.37
N HIS G 539 18.14 9.92 -18.81
CA HIS G 539 17.71 11.13 -18.11
C HIS G 539 16.64 10.72 -17.10
N VAL G 540 16.94 10.86 -15.81
CA VAL G 540 16.06 10.36 -14.78
C VAL G 540 15.34 11.53 -14.14
N VAL G 541 14.05 11.66 -14.43
CA VAL G 541 13.16 12.55 -13.70
C VAL G 541 12.63 11.81 -12.48
N ASN G 542 12.01 12.53 -11.56
CA ASN G 542 11.48 11.94 -10.35
C ASN G 542 9.96 12.08 -10.32
N ALA G 543 9.27 10.96 -10.12
CA ALA G 543 7.82 10.95 -9.95
C ALA G 543 7.51 10.78 -8.47
N ILE G 544 6.72 11.68 -7.91
CA ILE G 544 6.48 11.72 -6.48
C ILE G 544 5.02 11.37 -6.20
N MET G 545 4.78 10.17 -5.67
CA MET G 545 3.54 9.88 -4.97
C MET G 545 3.59 10.50 -3.59
N GLN G 546 2.51 11.16 -3.20
CA GLN G 546 2.35 11.67 -1.84
C GLN G 546 1.16 10.95 -1.23
N PRO G 547 1.36 9.81 -0.57
CA PRO G 547 0.24 9.09 0.05
C PRO G 547 -0.30 9.87 1.23
N THR G 548 -1.54 10.33 1.09
CA THR G 548 -2.17 11.20 2.07
C THR G 548 -3.38 10.50 2.67
N HIS G 549 -3.43 10.46 4.00
CA HIS G 549 -4.57 9.95 4.73
C HIS G 549 -5.63 11.04 4.83
N HIS G 550 -6.85 10.72 4.41
CA HIS G 550 -7.96 11.67 4.39
C HIS G 550 -9.08 11.17 5.27
N ALA G 551 -9.72 12.09 5.99
CA ALA G 551 -10.87 11.75 6.81
C ALA G 551 -11.85 12.92 6.85
N GLU G 552 -13.14 12.61 6.88
CA GLU G 552 -14.21 13.61 6.88
C GLU G 552 -15.17 13.31 8.03
N ILE G 553 -15.28 14.25 8.96
CA ILE G 553 -16.01 14.04 10.20
C ILE G 553 -17.11 15.09 10.33
N SER G 554 -18.33 14.64 10.63
CA SER G 554 -19.46 15.53 10.87
C SER G 554 -19.83 15.48 12.34
N PHE G 555 -19.92 16.65 12.98
CA PHE G 555 -20.20 16.71 14.41
C PHE G 555 -21.68 16.68 14.73
N GLN G 556 -22.55 16.78 13.72
CA GLN G 556 -23.98 16.96 13.94
C GLN G 556 -24.74 16.41 12.75
N ASP G 557 -26.03 16.14 12.98
CA ASP G 557 -26.86 15.41 12.02
C ASP G 557 -27.91 16.27 11.33
N ARG G 558 -27.74 17.60 11.36
CA ARG G 558 -28.70 18.47 10.70
C ARG G 558 -28.17 18.98 9.35
N ASP G 559 -26.93 19.44 9.32
CA ASP G 559 -26.29 19.92 8.11
C ASP G 559 -25.19 18.91 7.75
N THR G 560 -25.57 17.87 7.02
CA THR G 560 -24.67 16.78 6.66
C THR G 560 -24.29 16.79 5.19
N ALA G 561 -24.53 17.89 4.48
CA ALA G 561 -24.17 17.98 3.07
C ALA G 561 -22.65 17.97 2.90
N LEU G 562 -21.96 18.82 3.63
CA LEU G 562 -20.51 18.88 3.65
C LEU G 562 -20.00 18.39 5.00
N PRO G 563 -18.82 17.79 5.05
CA PRO G 563 -18.26 17.41 6.35
C PRO G 563 -17.94 18.63 7.20
N ASP G 564 -18.06 18.46 8.52
CA ASP G 564 -17.75 19.55 9.42
C ASP G 564 -16.24 19.79 9.50
N ALA G 565 -15.45 18.72 9.48
CA ALA G 565 -14.01 18.82 9.52
C ALA G 565 -13.40 17.78 8.60
N CYS G 566 -12.17 18.06 8.15
CA CYS G 566 -11.41 17.18 7.29
C CYS G 566 -9.98 17.12 7.79
N SER G 567 -9.38 15.94 7.70
CA SER G 567 -7.97 15.74 7.99
C SER G 567 -7.27 15.24 6.74
N SER G 568 -6.13 15.86 6.42
CA SER G 568 -5.33 15.51 5.26
C SER G 568 -3.88 15.43 5.73
N ILE G 569 -3.42 14.23 6.07
CA ILE G 569 -2.11 14.02 6.67
C ILE G 569 -1.22 13.33 5.65
N SER G 570 -0.12 13.96 5.27
CA SER G 570 0.82 13.32 4.37
C SER G 570 1.88 12.57 5.15
N ASP G 571 2.55 11.65 4.48
CA ASP G 571 3.68 10.96 5.08
C ASP G 571 4.88 11.90 5.17
N ILE G 572 5.84 11.53 6.03
CA ILE G 572 7.01 12.38 6.25
C ILE G 572 7.88 12.41 5.00
N SER G 573 8.16 11.25 4.42
CA SER G 573 8.90 11.16 3.18
C SER G 573 8.02 10.53 2.11
N PRO G 574 7.92 11.12 0.93
CA PRO G 574 7.02 10.62 -0.10
C PRO G 574 7.59 9.38 -0.78
N VAL G 575 6.83 8.85 -1.73
CA VAL G 575 7.27 7.72 -2.54
C VAL G 575 7.87 8.27 -3.82
N THR G 576 9.14 7.97 -4.05
CA THR G 576 9.90 8.54 -5.16
C THR G 576 10.22 7.45 -6.17
N TYR G 577 9.78 7.64 -7.41
CA TYR G 577 10.07 6.74 -8.51
C TYR G 577 11.08 7.40 -9.43
N PRO G 578 12.25 6.82 -9.62
CA PRO G 578 13.20 7.31 -10.62
C PRO G 578 12.78 6.86 -12.01
N ILE G 579 12.25 7.79 -12.81
CA ILE G 579 11.77 7.47 -14.14
C ILE G 579 12.88 7.82 -15.13
N THR G 580 13.38 6.81 -15.83
CA THR G 580 14.52 6.96 -16.74
C THR G 580 13.97 7.05 -18.16
N LEU G 581 13.94 8.26 -18.70
CA LEU G 581 13.58 8.68 -20.04
C LEU G 581 14.81 8.69 -20.94
N PRO G 582 14.65 8.33 -22.21
CA PRO G 582 15.81 8.32 -23.12
C PRO G 582 16.28 9.73 -23.45
N ILE G 583 17.57 9.83 -23.77
CA ILE G 583 18.15 11.07 -24.25
C ILE G 583 18.39 11.03 -25.76
N ILE G 584 18.71 9.87 -26.30
CA ILE G 584 18.97 9.73 -27.73
C ILE G 584 17.65 9.59 -28.48
N LYS G 585 17.51 10.35 -29.57
CA LYS G 585 16.46 10.12 -30.54
C LYS G 585 16.93 9.30 -31.73
N ASN G 586 18.19 9.44 -32.13
CA ASN G 586 18.75 8.64 -33.21
C ASN G 586 20.23 8.39 -32.95
N ILE G 587 20.67 7.15 -33.17
CA ILE G 587 22.06 6.76 -32.98
C ILE G 587 22.66 6.43 -34.34
N SER G 588 23.97 6.67 -34.48
CA SER G 588 24.65 6.40 -35.75
C SER G 588 26.14 6.20 -35.46
N VAL G 589 26.64 5.00 -35.72
CA VAL G 589 28.07 4.72 -35.60
C VAL G 589 28.62 4.75 -37.03
N THR G 590 29.18 5.89 -37.40
CA THR G 590 29.67 6.09 -38.75
C THR G 590 31.09 5.54 -38.89
N ALA G 591 31.27 4.56 -39.77
CA ALA G 591 32.58 4.03 -40.04
C ALA G 591 33.25 4.83 -41.15
N HIS G 592 34.37 4.30 -41.67
CA HIS G 592 35.18 5.08 -42.61
C HIS G 592 34.61 5.04 -44.02
N GLY G 593 34.54 3.86 -44.62
CA GLY G 593 34.04 3.72 -45.97
C GLY G 593 32.56 3.38 -46.02
N ILE G 594 32.03 2.86 -44.91
CA ILE G 594 30.65 2.44 -44.81
C ILE G 594 30.01 3.27 -43.70
N ASN G 595 28.70 3.50 -43.82
CA ASN G 595 27.97 4.21 -42.77
C ASN G 595 27.48 3.29 -41.66
N LEU G 596 27.22 2.01 -41.98
CA LEU G 596 26.84 0.96 -41.01
C LEU G 596 25.57 1.39 -40.29
N ILE G 597 25.58 1.61 -38.97
CA ILE G 597 24.39 2.11 -38.29
C ILE G 597 24.18 3.57 -38.66
N ASP G 598 23.02 3.87 -39.24
CA ASP G 598 22.67 5.22 -39.68
C ASP G 598 21.27 5.54 -39.18
N LYS G 599 21.18 6.53 -38.29
CA LYS G 599 19.96 7.11 -37.72
C LYS G 599 18.89 6.09 -37.31
N PHE G 600 19.32 4.97 -36.74
CA PHE G 600 18.37 4.04 -36.12
C PHE G 600 17.74 4.69 -34.89
N PRO G 601 16.46 4.43 -34.63
CA PRO G 601 15.83 4.95 -33.41
C PRO G 601 16.42 4.29 -32.16
N SER G 602 16.35 5.03 -31.05
CA SER G 602 16.94 4.56 -29.80
C SER G 602 16.22 3.32 -29.27
N LYS G 603 14.88 3.35 -29.31
CA LYS G 603 14.10 2.23 -28.78
C LYS G 603 14.33 0.97 -29.59
N PHE G 604 14.47 1.10 -30.91
CA PHE G 604 14.72 -0.04 -31.79
C PHE G 604 15.97 -0.79 -31.38
N CYS G 605 17.10 -0.08 -31.26
CA CYS G 605 18.33 -0.70 -30.79
C CYS G 605 18.16 -1.27 -29.39
N SER G 606 17.84 -0.38 -28.43
CA SER G 606 17.90 -0.71 -27.00
C SER G 606 16.95 -1.84 -26.61
N SER G 607 15.85 -2.03 -27.35
CA SER G 607 14.92 -3.09 -27.03
C SER G 607 15.04 -4.28 -27.97
N TYR G 608 15.01 -4.07 -29.29
CA TYR G 608 14.95 -5.19 -30.21
C TYR G 608 16.28 -5.93 -30.28
N ILE G 609 17.42 -5.22 -30.27
CA ILE G 609 18.71 -5.90 -30.43
C ILE G 609 19.04 -6.83 -29.26
N PRO G 610 18.90 -6.42 -27.98
CA PRO G 610 19.09 -7.44 -26.91
C PRO G 610 18.06 -8.54 -26.93
N PHE G 611 16.82 -8.24 -27.35
CA PHE G 611 15.77 -9.25 -27.38
C PHE G 611 16.06 -10.32 -28.43
N HIS G 612 16.58 -9.92 -29.58
CA HIS G 612 16.77 -10.84 -30.68
C HIS G 612 18.14 -11.50 -30.70
N TYR G 613 19.18 -10.82 -30.22
CA TYR G 613 20.54 -11.29 -30.34
C TYR G 613 21.13 -11.62 -28.97
N GLY G 614 22.20 -12.42 -28.98
CA GLY G 614 22.97 -12.70 -27.80
C GLY G 614 22.74 -14.06 -27.17
N GLY G 615 21.67 -14.75 -27.54
CA GLY G 615 21.38 -16.01 -26.89
C GLY G 615 20.91 -15.80 -25.46
N ASN G 616 21.16 -16.79 -24.61
CA ASN G 616 20.68 -16.73 -23.23
C ASN G 616 21.52 -15.80 -22.36
N ALA G 617 22.67 -15.33 -22.84
CA ALA G 617 23.59 -14.57 -22.00
C ALA G 617 23.09 -13.15 -21.75
N ILE G 618 22.61 -12.48 -22.79
CA ILE G 618 22.37 -11.04 -22.74
C ILE G 618 20.97 -10.77 -22.20
N LYS G 619 20.91 -10.25 -20.98
CA LYS G 619 19.67 -9.70 -20.46
C LYS G 619 19.35 -8.38 -21.15
N THR G 620 18.07 -8.17 -21.45
CA THR G 620 17.63 -6.90 -22.02
C THR G 620 17.56 -5.85 -20.92
N PRO G 621 18.26 -4.72 -21.04
CA PRO G 621 18.29 -3.74 -19.96
C PRO G 621 16.96 -3.00 -19.81
N ASP G 622 16.77 -2.46 -18.61
CA ASP G 622 15.60 -1.65 -18.30
C ASP G 622 15.83 -0.17 -18.53
N ASP G 623 17.05 0.23 -18.87
CA ASP G 623 17.39 1.64 -19.08
C ASP G 623 17.36 1.96 -20.56
N PRO G 624 16.67 3.01 -20.99
CA PRO G 624 16.63 3.33 -22.42
C PRO G 624 17.97 3.78 -22.98
N GLY G 625 18.85 4.34 -22.16
CA GLY G 625 20.17 4.71 -22.63
C GLY G 625 21.17 3.58 -22.70
N ALA G 626 20.80 2.39 -22.21
CA ALA G 626 21.64 1.21 -22.33
C ALA G 626 21.27 0.53 -23.65
N MET G 627 22.19 0.55 -24.61
CA MET G 627 21.92 0.19 -25.99
C MET G 627 22.86 -0.92 -26.43
N MET G 628 22.40 -1.71 -27.40
CA MET G 628 23.18 -2.81 -27.94
C MET G 628 23.11 -2.75 -29.45
N ILE G 629 24.26 -2.85 -30.12
CA ILE G 629 24.32 -2.85 -31.57
C ILE G 629 25.34 -3.90 -32.02
N THR G 630 25.00 -4.59 -33.11
CA THR G 630 25.78 -5.71 -33.61
C THR G 630 26.49 -5.33 -34.90
N PHE G 631 27.76 -5.73 -35.03
CA PHE G 631 28.56 -5.46 -36.21
C PHE G 631 28.95 -6.70 -37.00
N ALA G 632 29.45 -7.74 -36.34
CA ALA G 632 30.13 -8.84 -37.03
C ALA G 632 29.32 -10.13 -37.03
N LEU G 633 28.96 -10.65 -35.86
CA LEU G 633 28.30 -11.95 -35.78
C LEU G 633 27.46 -12.00 -34.50
N LYS G 634 26.94 -13.18 -34.20
CA LYS G 634 26.18 -13.40 -32.98
C LYS G 634 27.05 -13.18 -31.76
N PRO G 635 26.54 -12.52 -30.70
CA PRO G 635 27.42 -12.04 -29.63
C PRO G 635 28.04 -13.13 -28.77
N ARG G 636 27.24 -14.04 -28.22
CA ARG G 636 27.79 -15.08 -27.34
C ARG G 636 26.95 -16.35 -27.50
N GLU G 637 27.36 -17.21 -28.41
CA GLU G 637 26.80 -18.54 -28.51
C GLU G 637 27.85 -19.63 -28.64
N GLU G 638 29.00 -19.32 -29.25
CA GLU G 638 30.02 -20.32 -29.50
C GLU G 638 31.36 -19.62 -29.65
N TYR G 639 32.43 -20.41 -29.55
CA TYR G 639 33.80 -19.92 -29.68
C TYR G 639 34.32 -20.16 -31.10
N GLN G 640 33.69 -19.47 -32.05
CA GLN G 640 34.13 -19.52 -33.45
C GLN G 640 33.68 -18.27 -34.19
N PRO G 641 34.61 -17.46 -34.69
CA PRO G 641 34.21 -16.26 -35.45
C PRO G 641 33.78 -16.62 -36.87
N SER G 642 32.60 -16.14 -37.25
CA SER G 642 32.07 -16.31 -38.60
C SER G 642 32.34 -15.11 -39.50
N GLY G 643 33.01 -14.09 -39.00
CA GLY G 643 33.29 -12.90 -39.75
C GLY G 643 33.51 -11.71 -38.85
N HIS G 644 34.21 -10.71 -39.38
CA HIS G 644 34.54 -9.52 -38.64
C HIS G 644 34.82 -8.39 -39.62
N ILE G 645 35.33 -7.27 -39.11
CA ILE G 645 35.67 -6.12 -39.95
C ILE G 645 36.93 -5.44 -39.43
N PHE G 653 34.11 4.04 -36.95
CA PHE G 653 33.45 3.68 -35.71
C PHE G 653 33.24 4.90 -34.83
N TYR G 654 32.92 6.02 -35.49
CA TYR G 654 32.66 7.28 -34.80
C TYR G 654 31.23 7.25 -34.27
N ILE G 655 31.08 7.30 -32.95
CA ILE G 655 29.75 7.26 -32.35
C ILE G 655 29.15 8.65 -32.40
N SER G 656 27.92 8.75 -32.91
CA SER G 656 27.26 10.02 -33.13
C SER G 656 25.77 9.85 -32.83
N TRP G 657 25.11 10.95 -32.52
CA TRP G 657 23.70 10.87 -32.20
C TRP G 657 23.00 12.19 -32.48
N ASP G 658 21.70 12.09 -32.70
CA ASP G 658 20.79 13.23 -32.71
C ASP G 658 19.89 13.08 -31.49
N THR G 659 19.91 14.09 -30.62
CA THR G 659 19.20 14.05 -29.35
C THR G 659 18.24 15.23 -29.25
N ASP G 660 17.35 15.13 -28.26
CA ASP G 660 16.54 16.26 -27.82
C ASP G 660 16.99 16.77 -26.46
N TYR G 661 18.13 16.29 -25.96
CA TYR G 661 18.64 16.69 -24.66
C TYR G 661 19.42 18.01 -24.79
N VAL G 662 19.59 18.68 -23.64
CA VAL G 662 20.28 19.97 -23.65
C VAL G 662 21.78 19.76 -23.88
N GLY G 663 22.46 20.85 -24.22
CA GLY G 663 23.85 20.80 -24.63
C GLY G 663 24.84 21.22 -23.55
N SER G 664 25.29 22.47 -23.63
CA SER G 664 26.30 22.96 -22.70
C SER G 664 25.79 23.08 -21.26
N ILE G 665 24.47 23.13 -21.07
CA ILE G 665 23.91 23.17 -19.72
C ILE G 665 24.16 21.85 -19.01
N THR G 666 23.86 20.73 -19.68
CA THR G 666 24.13 19.40 -19.13
C THR G 666 24.61 18.51 -20.25
N THR G 667 25.82 17.97 -20.10
CA THR G 667 26.49 17.24 -21.16
C THR G 667 26.14 15.76 -21.09
N ALA G 668 26.82 14.93 -21.89
CA ALA G 668 26.56 13.50 -21.90
C ALA G 668 27.84 12.73 -22.19
N ASP G 669 28.05 11.62 -21.49
CA ASP G 669 29.21 10.77 -21.71
C ASP G 669 28.81 9.40 -22.25
N LEU G 670 29.71 8.83 -23.05
CA LEU G 670 29.49 7.53 -23.68
C LEU G 670 30.46 6.51 -23.08
N VAL G 671 29.91 5.32 -22.85
CA VAL G 671 30.59 4.18 -22.25
C VAL G 671 30.46 3.01 -23.21
N VAL G 672 31.56 2.29 -23.44
CA VAL G 672 31.54 1.14 -24.34
C VAL G 672 32.10 -0.08 -23.61
N SER G 673 31.50 -1.24 -23.88
CA SER G 673 32.02 -2.53 -23.43
C SER G 673 32.10 -3.50 -24.61
N ALA G 674 32.56 -3.00 -25.75
CA ALA G 674 32.73 -3.87 -26.92
C ALA G 674 33.88 -4.83 -26.72
N SER G 675 33.67 -6.09 -27.10
CA SER G 675 34.68 -7.12 -26.94
C SER G 675 35.49 -7.25 -28.23
N ALA G 676 36.77 -6.94 -28.15
CA ALA G 676 37.68 -7.08 -29.28
C ALA G 676 38.33 -8.46 -29.26
N ILE G 677 38.62 -8.99 -30.45
CA ILE G 677 39.26 -10.28 -30.60
C ILE G 677 40.75 -10.05 -30.75
N ASN G 678 41.53 -10.60 -29.81
CA ASN G 678 42.97 -10.39 -29.75
C ASN G 678 43.69 -11.73 -29.90
N PHE G 679 44.84 -11.69 -30.56
CA PHE G 679 45.71 -12.85 -30.71
C PHE G 679 47.00 -12.63 -29.94
N LEU G 680 47.44 -13.67 -29.23
CA LEU G 680 48.66 -13.60 -28.43
C LEU G 680 49.72 -14.50 -29.06
N LEU G 681 50.89 -13.93 -29.32
CA LEU G 681 51.99 -14.67 -29.93
C LEU G 681 53.34 -14.11 -29.50
N ASP H 1 23.82 39.25 33.96
CA ASP H 1 24.02 38.55 32.70
C ASP H 1 24.58 39.48 31.62
N ILE H 2 24.09 39.32 30.39
CA ILE H 2 24.56 40.14 29.28
C ILE H 2 23.98 41.54 29.41
N VAL H 3 24.85 42.55 29.38
CA VAL H 3 24.47 43.95 29.46
C VAL H 3 24.87 44.62 28.16
N LEU H 4 23.92 45.28 27.51
CA LEU H 4 24.16 45.98 26.26
C LEU H 4 24.29 47.47 26.56
N THR H 5 25.40 48.06 26.13
CA THR H 5 25.69 49.47 26.39
C THR H 5 25.64 50.22 25.07
N GLN H 6 24.86 51.31 25.04
CA GLN H 6 24.77 52.17 23.86
C GLN H 6 25.66 53.38 24.08
N THR H 7 26.78 53.42 23.34
CA THR H 7 27.70 54.56 23.45
C THR H 7 27.09 55.87 22.98
N PRO H 8 26.37 55.97 21.83
CA PRO H 8 25.71 57.25 21.52
C PRO H 8 24.37 57.38 22.21
N ARG H 9 24.11 58.54 22.81
CA ARG H 9 22.83 58.82 23.44
C ARG H 9 21.96 59.77 22.61
N SER H 10 22.56 60.83 22.07
CA SER H 10 21.86 61.74 21.17
C SER H 10 22.86 62.26 20.16
N LEU H 11 22.45 62.31 18.89
CA LEU H 11 23.33 62.64 17.79
C LEU H 11 23.16 64.07 17.29
N SER H 12 21.92 64.50 17.04
CA SER H 12 21.58 65.79 16.42
C SER H 12 22.29 65.93 15.07
N VAL H 13 21.93 65.05 14.15
CA VAL H 13 22.53 64.99 12.82
C VAL H 13 21.70 65.82 11.85
N SER H 14 22.39 66.43 10.88
CA SER H 14 21.70 67.21 9.86
C SER H 14 20.90 66.29 8.94
N PRO H 15 19.79 66.80 8.37
CA PRO H 15 19.03 66.00 7.40
C PRO H 15 19.85 65.67 6.16
N GLY H 16 19.67 64.45 5.66
CA GLY H 16 20.42 63.98 4.52
C GLY H 16 21.82 63.49 4.84
N GLU H 17 22.21 63.47 6.11
CA GLU H 17 23.55 63.06 6.53
C GLU H 17 23.47 61.72 7.25
N PRO H 18 24.52 60.89 7.15
CA PRO H 18 24.48 59.57 7.80
C PRO H 18 24.53 59.66 9.31
N ALA H 19 23.96 58.65 9.97
CA ALA H 19 23.91 58.56 11.41
C ALA H 19 24.39 57.18 11.84
N SER H 20 25.01 57.12 13.02
CA SER H 20 25.61 55.89 13.52
C SER H 20 25.19 55.64 14.96
N ILE H 21 24.81 54.39 15.25
CA ILE H 21 24.34 53.98 16.57
C ILE H 21 25.18 52.78 16.98
N SER H 22 25.85 52.87 18.12
CA SER H 22 26.73 51.80 18.58
C SER H 22 26.11 51.07 19.75
N CYS H 23 26.25 49.74 19.76
CA CYS H 23 25.81 48.90 20.86
C CYS H 23 26.83 47.80 21.08
N ARG H 24 27.34 47.70 22.30
CA ARG H 24 28.34 46.70 22.67
C ARG H 24 27.75 45.74 23.70
N SER H 25 28.12 44.47 23.59
CA SER H 25 27.59 43.43 24.45
C SER H 25 28.63 43.00 25.47
N SER H 26 28.17 42.30 26.52
CA SER H 26 29.07 41.82 27.56
C SER H 26 29.98 40.71 27.03
N GLN H 27 29.42 39.73 26.33
CA GLN H 27 30.20 38.75 25.61
C GLN H 27 29.58 38.55 24.23
N SER H 28 30.01 37.49 23.54
CA SER H 28 29.61 37.28 22.16
C SER H 28 28.12 36.97 22.06
N LEU H 29 27.44 37.62 21.12
CA LEU H 29 26.02 37.44 20.88
C LEU H 29 25.74 36.40 19.80
N GLU H 30 26.76 35.71 19.32
CA GLU H 30 26.65 34.82 18.17
C GLU H 30 26.41 33.39 18.62
N GLU H 31 25.42 32.74 18.01
CA GLU H 31 25.12 31.34 18.27
C GLU H 31 24.49 30.74 17.01
N TYR H 32 24.88 29.50 16.71
CA TYR H 32 24.50 28.79 15.49
C TYR H 32 24.84 29.57 14.22
N GLY H 33 25.97 30.26 14.22
CA GLY H 33 26.48 30.89 13.03
C GLY H 33 25.82 32.19 12.64
N LYS H 34 24.86 32.68 13.42
CA LYS H 34 24.19 33.94 13.15
C LYS H 34 24.18 34.79 14.41
N ASN H 35 24.31 36.10 14.22
CA ASN H 35 24.25 37.02 15.34
C ASN H 35 22.82 37.17 15.83
N TRP H 36 22.68 37.40 17.14
CA TRP H 36 21.36 37.45 17.74
C TRP H 36 21.12 38.80 18.41
N LEU H 37 21.42 39.87 17.71
CA LEU H 37 21.04 41.22 18.12
C LEU H 37 19.95 41.73 17.20
N SER H 38 18.96 42.40 17.78
CA SER H 38 17.91 43.03 17.00
C SER H 38 17.94 44.54 17.22
N TRP H 39 17.40 45.27 16.26
CA TRP H 39 17.25 46.71 16.36
C TRP H 39 15.78 47.05 16.22
N TYR H 40 15.27 47.85 17.15
CA TYR H 40 13.88 48.25 17.18
C TYR H 40 13.79 49.77 17.10
N GLN H 41 12.82 50.26 16.32
CA GLN H 41 12.59 51.68 16.14
C GLN H 41 11.22 52.04 16.72
N GLN H 42 11.18 53.10 17.53
CA GLN H 42 9.94 53.61 18.10
C GLN H 42 9.80 55.06 17.71
N LYS H 43 8.82 55.36 16.88
CA LYS H 43 8.47 56.72 16.52
C LYS H 43 7.67 57.37 17.63
N PRO H 44 7.71 58.70 17.75
CA PRO H 44 6.95 59.39 18.82
C PRO H 44 5.45 59.18 18.66
N GLY H 45 4.84 58.61 19.71
CA GLY H 45 3.43 58.33 19.72
C GLY H 45 3.04 56.97 19.16
N GLN H 46 4.00 56.16 18.73
CA GLN H 46 3.71 54.87 18.13
C GLN H 46 4.34 53.74 18.94
N SER H 47 3.78 52.54 18.75
CA SER H 47 4.29 51.35 19.40
C SER H 47 5.65 50.97 18.79
N PRO H 48 6.45 50.20 19.52
CA PRO H 48 7.73 49.71 18.95
C PRO H 48 7.50 48.82 17.74
N ARG H 49 8.50 48.85 16.85
CA ARG H 49 8.39 48.18 15.56
C ARG H 49 9.74 47.56 15.23
N LEU H 50 9.73 46.32 14.76
CA LEU H 50 10.98 45.64 14.44
C LEU H 50 11.63 46.26 13.21
N LEU H 51 12.87 46.73 13.38
CA LEU H 51 13.65 47.31 12.30
C LEU H 51 14.63 46.32 11.69
N ILE H 52 15.40 45.62 12.52
CA ILE H 52 16.41 44.68 12.06
C ILE H 52 16.39 43.45 12.96
N TYR H 53 16.35 42.27 12.35
CA TYR H 53 16.45 41.02 13.08
C TYR H 53 17.71 40.28 12.65
N GLN H 54 18.29 39.53 13.58
CA GLN H 54 19.53 38.76 13.41
C GLN H 54 20.72 39.65 13.04
N ALA H 55 20.64 40.94 13.35
CA ALA H 55 21.71 41.93 13.27
C ALA H 55 22.17 42.25 11.85
N THR H 56 21.64 41.56 10.84
CA THR H 56 22.03 41.88 9.46
C THR H 56 20.83 41.90 8.54
N ASN H 57 19.75 41.23 8.94
CA ASN H 57 18.54 41.18 8.12
C ASN H 57 17.60 42.31 8.52
N ARG H 58 16.59 42.53 7.69
CA ARG H 58 15.65 43.62 7.90
C ARG H 58 14.22 43.14 7.66
N ALA H 59 13.27 43.87 8.21
CA ALA H 59 11.87 43.58 7.98
C ALA H 59 11.46 43.99 6.56
N SER H 60 10.25 43.60 6.18
CA SER H 60 9.77 43.86 4.83
C SER H 60 9.52 45.35 4.60
N TRP H 61 9.08 46.07 5.63
CA TRP H 61 8.76 47.49 5.49
C TRP H 61 9.99 48.37 5.41
N VAL H 62 11.17 47.85 5.73
CA VAL H 62 12.37 48.65 5.89
C VAL H 62 12.87 49.17 4.54
N PRO H 63 13.00 50.48 4.38
CA PRO H 63 13.58 51.02 3.13
C PRO H 63 15.08 50.79 3.08
N GLU H 64 15.64 51.00 1.88
CA GLU H 64 17.05 50.68 1.62
C GLU H 64 17.94 51.85 2.08
N ARG H 65 17.91 52.10 3.38
CA ARG H 65 18.89 52.99 3.99
C ARG H 65 19.37 52.56 5.37
N PHE H 66 19.02 51.38 5.86
CA PHE H 66 19.41 50.93 7.18
C PHE H 66 20.45 49.81 7.03
N SER H 67 21.66 50.05 7.54
CA SER H 67 22.75 49.10 7.39
C SER H 67 22.59 47.94 8.37
N GLY H 68 23.15 46.79 7.98
CA GLY H 68 23.07 45.59 8.79
C GLY H 68 24.13 45.47 9.86
N SER H 69 24.30 46.54 10.67
CA SER H 69 25.11 46.62 11.90
C SER H 69 26.51 46.05 11.65
N GLY H 70 27.01 45.17 12.52
CA GLY H 70 28.31 44.54 12.35
C GLY H 70 28.29 43.09 12.74
N SER H 71 29.34 42.62 13.42
CA SER H 71 29.43 41.24 13.87
C SER H 71 30.26 41.16 15.14
N GLY H 72 30.08 40.05 15.86
CA GLY H 72 30.86 39.78 17.05
C GLY H 72 30.21 40.28 18.33
N THR H 73 30.88 41.21 19.01
CA THR H 73 30.36 41.80 20.24
C THR H 73 29.94 43.24 20.08
N ASP H 74 30.45 43.95 19.08
CA ASP H 74 30.13 45.35 18.83
C ASP H 74 29.34 45.45 17.53
N PHE H 75 28.26 46.23 17.56
CA PHE H 75 27.44 46.44 16.37
C PHE H 75 27.15 47.93 16.21
N THR H 76 26.95 48.34 14.96
CA THR H 76 26.72 49.75 14.67
C THR H 76 25.71 49.91 13.55
N LEU H 77 24.49 50.29 13.92
CA LEU H 77 23.47 50.66 12.96
C LEU H 77 23.87 51.95 12.25
N LYS H 78 23.70 51.98 10.92
CA LYS H 78 24.02 53.17 10.15
C LYS H 78 22.86 53.51 9.24
N ILE H 79 22.45 54.77 9.27
CA ILE H 79 21.43 55.31 8.38
C ILE H 79 22.13 56.21 7.36
N SER H 80 21.95 55.91 6.08
CA SER H 80 22.67 56.64 5.05
C SER H 80 22.17 58.07 4.90
N ARG H 81 20.85 58.25 4.83
CA ARG H 81 20.26 59.57 4.64
C ARG H 81 18.99 59.65 5.47
N VAL H 82 19.01 60.41 6.56
CA VAL H 82 17.83 60.58 7.38
C VAL H 82 16.78 61.40 6.62
N GLU H 83 15.55 60.90 6.59
CA GLU H 83 14.51 61.44 5.74
C GLU H 83 13.40 62.15 6.53
N ALA H 84 13.69 62.54 7.77
CA ALA H 84 12.83 63.23 8.73
C ALA H 84 11.66 62.37 9.22
N GLU H 85 11.50 61.15 8.71
CA GLU H 85 10.59 60.17 9.28
C GLU H 85 11.32 59.18 10.18
N ASP H 86 12.63 59.28 10.28
CA ASP H 86 13.44 58.41 11.13
C ASP H 86 13.67 59.01 12.51
N VAL H 87 13.07 60.16 12.82
CA VAL H 87 13.20 60.75 14.13
C VAL H 87 12.47 59.88 15.15
N GLY H 88 13.17 59.51 16.21
CA GLY H 88 12.57 58.61 17.19
C GLY H 88 13.56 58.04 18.17
N VAL H 89 13.34 56.81 18.63
CA VAL H 89 14.23 56.16 19.59
C VAL H 89 14.58 54.77 19.04
N TYR H 90 15.86 54.44 19.06
CA TYR H 90 16.35 53.15 18.57
C TYR H 90 16.91 52.34 19.74
N TYR H 91 16.62 51.04 19.70
CA TYR H 91 16.98 50.10 20.75
C TYR H 91 17.75 48.93 20.16
N CYS H 92 18.79 48.49 20.85
CA CYS H 92 19.45 47.23 20.55
C CYS H 92 18.99 46.18 21.57
N PHE H 93 18.51 45.05 21.06
CA PHE H 93 17.81 44.05 21.85
C PHE H 93 18.56 42.72 21.77
N GLN H 94 18.83 42.14 22.94
CA GLN H 94 19.49 40.85 23.03
C GLN H 94 18.52 39.74 22.63
N ASP H 95 19.00 38.81 21.79
CA ASP H 95 18.23 37.62 21.44
C ASP H 95 19.02 36.33 21.61
N LEU H 96 20.00 36.31 22.51
CA LEU H 96 20.73 35.07 22.76
C LEU H 96 19.88 34.08 23.55
N GLN H 97 19.53 34.45 24.78
CA GLN H 97 18.88 33.53 25.70
C GLN H 97 18.09 34.33 26.71
N PRO H 98 17.02 33.77 27.26
CA PRO H 98 16.28 34.48 28.31
C PRO H 98 17.06 34.49 29.61
N PRO H 99 16.98 35.58 30.39
CA PRO H 99 16.17 36.77 30.15
C PRO H 99 16.78 37.76 29.16
N ASN H 100 16.06 38.03 28.08
CA ASN H 100 16.51 38.97 27.07
C ASN H 100 16.48 40.38 27.62
N GLY H 101 17.30 41.25 27.02
CA GLY H 101 17.41 42.61 27.51
C GLY H 101 17.39 43.61 26.38
N PHE H 102 17.06 44.85 26.73
CA PHE H 102 17.02 45.97 25.80
C PHE H 102 18.21 46.88 26.05
N GLY H 103 18.55 47.67 25.04
CA GLY H 103 19.63 48.62 25.15
C GLY H 103 19.23 49.86 25.93
N ALA H 104 20.16 50.81 25.97
CA ALA H 104 19.90 52.05 26.68
C ALA H 104 18.82 52.88 25.99
N GLY H 105 18.84 52.92 24.66
CA GLY H 105 17.86 53.68 23.92
C GLY H 105 18.41 55.02 23.45
N THR H 106 18.68 55.13 22.14
CA THR H 106 19.29 56.33 21.59
C THR H 106 18.22 57.13 20.84
N LYS H 107 18.08 58.41 21.19
CA LYS H 107 17.07 59.27 20.60
C LYS H 107 17.68 60.05 19.44
N LEU H 108 17.12 59.87 18.26
CA LEU H 108 17.58 60.54 17.05
C LEU H 108 16.61 61.67 16.73
N GLU H 109 17.14 62.89 16.66
CA GLU H 109 16.37 64.10 16.34
C GLU H 109 17.24 65.00 15.46
N LEU H 110 16.62 65.60 14.45
CA LEU H 110 17.38 66.28 13.40
C LEU H 110 17.87 67.65 13.87
N LYS H 111 18.81 68.20 13.10
CA LYS H 111 19.34 69.52 13.37
C LYS H 111 19.87 70.17 12.09
N GLU I 1 -4.79 39.91 8.82
CA GLU I 1 -3.61 40.53 9.42
C GLU I 1 -3.56 40.24 10.92
N VAL I 2 -2.38 39.89 11.41
CA VAL I 2 -2.19 39.57 12.83
C VAL I 2 -2.33 40.86 13.64
N LYS I 3 -3.25 40.86 14.60
CA LYS I 3 -3.48 42.00 15.48
C LYS I 3 -3.42 41.56 16.93
N LEU I 4 -3.06 42.51 17.80
CA LEU I 4 -2.99 42.31 19.24
C LEU I 4 -3.71 43.46 19.93
N VAL I 5 -4.46 43.13 20.99
CA VAL I 5 -5.18 44.13 21.77
C VAL I 5 -4.89 43.89 23.25
N GLU I 6 -4.40 44.92 23.93
CA GLU I 6 -4.08 44.83 25.35
C GLU I 6 -5.21 45.45 26.16
N SER I 7 -5.50 44.85 27.33
CA SER I 7 -6.49 45.39 28.26
C SER I 7 -6.30 44.81 29.65
N GLY I 8 -6.07 45.64 30.67
CA GLY I 8 -5.92 47.07 30.52
C GLY I 8 -5.30 47.65 31.79
N GLY I 9 -4.79 48.87 31.71
CA GLY I 9 -4.18 49.49 32.86
C GLY I 9 -5.02 50.59 33.47
N GLY I 10 -4.79 50.89 34.74
CA GLY I 10 -5.56 51.92 35.41
C GLY I 10 -4.94 52.30 36.73
N LEU I 11 -5.68 53.14 37.47
CA LEU I 11 -5.21 53.64 38.75
C LEU I 11 -5.19 52.52 39.78
N VAL I 12 -3.99 52.14 40.21
CA VAL I 12 -3.78 51.03 41.14
C VAL I 12 -2.95 51.54 42.31
N GLN I 13 -3.40 51.24 43.53
CA GLN I 13 -2.66 51.60 44.72
C GLN I 13 -1.35 50.81 44.80
N PRO I 14 -0.34 51.31 45.52
CA PRO I 14 0.96 50.62 45.56
C PRO I 14 0.97 49.23 46.19
N GLY I 15 -0.16 48.73 46.68
CA GLY I 15 -0.24 47.32 47.02
C GLY I 15 -1.43 46.66 46.36
N GLY I 16 -1.17 45.76 45.41
CA GLY I 16 -2.26 45.15 44.68
C GLY I 16 -1.77 44.19 43.62
N SER I 17 -2.67 43.86 42.69
CA SER I 17 -2.40 42.85 41.68
C SER I 17 -3.21 43.18 40.43
N LEU I 18 -2.63 42.94 39.26
CA LEU I 18 -3.30 43.22 38.00
C LEU I 18 -3.24 42.02 37.07
N LYS I 19 -4.27 41.89 36.23
CA LYS I 19 -4.41 40.76 35.30
C LYS I 19 -4.62 41.35 33.91
N LEU I 20 -3.52 41.48 33.16
CA LEU I 20 -3.54 42.07 31.83
C LEU I 20 -3.80 41.00 30.79
N SER I 21 -4.85 41.19 29.99
CA SER I 21 -5.17 40.31 28.88
C SER I 21 -4.59 40.88 27.59
N CYS I 22 -4.16 39.97 26.72
CA CYS I 22 -3.67 40.32 25.39
C CYS I 22 -4.36 39.38 24.42
N VAL I 23 -5.34 39.90 23.68
CA VAL I 23 -6.13 39.10 22.76
C VAL I 23 -5.54 39.24 21.37
N GLY I 24 -5.28 38.11 20.72
CA GLY I 24 -4.65 38.09 19.41
C GLY I 24 -5.58 37.55 18.34
N SER I 25 -5.51 38.15 17.16
CA SER I 25 -6.26 37.70 15.98
C SER I 25 -5.24 37.59 14.84
N GLY I 26 -4.63 36.42 14.72
CA GLY I 26 -3.65 36.20 13.67
C GLY I 26 -3.69 34.81 13.08
N SER I 27 -4.65 34.00 13.53
CA SER I 27 -4.95 32.62 13.13
C SER I 27 -3.87 31.62 13.54
N THR I 28 -2.76 32.07 14.12
CA THR I 28 -1.75 31.17 14.66
C THR I 28 -1.30 31.61 16.06
N PHE I 29 -2.16 32.32 16.80
CA PHE I 29 -1.77 32.88 18.08
C PHE I 29 -1.45 31.80 19.11
N SER I 30 -2.08 30.62 18.98
CA SER I 30 -1.84 29.54 19.91
C SER I 30 -0.47 28.89 19.73
N SER I 31 0.15 29.04 18.55
CA SER I 31 1.47 28.49 18.27
C SER I 31 2.54 29.57 18.25
N ASP I 32 2.24 30.75 18.76
CA ASP I 32 3.13 31.89 18.68
C ASP I 32 3.54 32.32 20.08
N ALA I 33 4.84 32.46 20.29
CA ALA I 33 5.38 32.86 21.58
C ALA I 33 5.01 34.31 21.88
N VAL I 34 4.68 34.58 23.14
CA VAL I 34 4.17 35.88 23.56
C VAL I 34 5.10 36.47 24.61
N SER I 35 5.54 37.70 24.38
CA SER I 35 6.39 38.43 25.31
C SER I 35 5.63 39.61 25.88
N TRP I 36 5.96 39.96 27.12
CA TRP I 36 5.47 41.18 27.76
C TRP I 36 6.66 42.08 28.02
N VAL I 37 6.55 43.33 27.55
CA VAL I 37 7.63 44.31 27.48
C VAL I 37 7.15 45.61 28.12
N ARG I 38 8.04 46.27 28.86
CA ARG I 38 7.75 47.48 29.62
C ARG I 38 8.50 48.68 29.04
N GLN I 39 7.84 49.82 28.96
CA GLN I 39 8.50 51.10 28.68
C GLN I 39 8.13 52.07 29.79
N ALA I 40 9.07 52.34 30.69
CA ALA I 40 8.81 53.32 31.74
C ALA I 40 8.91 54.73 31.18
N PRO I 41 8.13 55.67 31.71
CA PRO I 41 8.28 57.07 31.29
C PRO I 41 9.65 57.61 31.71
N GLY I 42 10.28 58.34 30.79
CA GLY I 42 11.63 58.80 31.01
C GLY I 42 12.67 57.71 30.99
N LYS I 43 12.38 56.58 30.34
CA LYS I 43 13.26 55.43 30.34
C LYS I 43 13.00 54.65 29.06
N GLY I 44 14.01 53.87 28.63
CA GLY I 44 13.86 53.04 27.45
C GLY I 44 13.03 51.79 27.72
N LEU I 45 12.92 50.97 26.68
CA LEU I 45 12.17 49.73 26.78
C LEU I 45 12.86 48.76 27.76
N GLU I 46 12.05 47.95 28.42
CA GLU I 46 12.53 46.94 29.36
C GLU I 46 11.76 45.65 29.16
N TRP I 47 12.46 44.58 28.81
CA TRP I 47 11.83 43.28 28.66
C TRP I 47 11.42 42.74 30.02
N LEU I 48 10.21 42.16 30.10
CA LEU I 48 9.70 41.65 31.36
C LEU I 48 9.55 40.13 31.36
N ALA I 49 8.81 39.56 30.42
CA ALA I 49 8.51 38.14 30.51
C ALA I 49 8.27 37.57 29.11
N GLY I 50 8.30 36.24 29.03
CA GLY I 50 8.03 35.56 27.79
C GLY I 50 7.49 34.17 28.03
N ILE I 51 6.68 33.69 27.09
CA ILE I 51 6.07 32.38 27.17
C ILE I 51 6.01 31.75 25.78
N ASP I 52 6.16 30.44 25.73
CA ASP I 52 6.18 29.70 24.48
C ASP I 52 4.76 29.48 23.97
N GLY I 53 4.68 28.90 22.76
CA GLY I 53 3.42 28.47 22.20
C GLY I 53 3.21 26.97 22.40
N ASP I 54 2.07 26.49 21.89
CA ASP I 54 1.76 25.08 21.99
C ASP I 54 2.63 24.26 21.04
N GLY I 55 3.06 23.09 21.49
CA GLY I 55 3.97 22.26 20.75
C GLY I 55 5.37 22.31 21.32
N GLY I 56 5.74 21.29 22.09
CA GLY I 56 7.04 21.26 22.73
C GLY I 56 6.98 21.47 24.22
N GLY I 57 6.12 22.37 24.67
CA GLY I 57 5.98 22.63 26.09
C GLY I 57 5.30 23.97 26.32
N GLY I 58 5.34 24.39 27.59
CA GLY I 58 4.72 25.63 28.00
C GLY I 58 5.60 26.42 28.94
N SER I 59 6.91 26.38 28.72
CA SER I 59 7.87 26.99 29.63
C SER I 59 7.75 28.51 29.62
N THR I 60 7.95 29.12 30.79
CA THR I 60 7.88 30.55 30.98
C THR I 60 9.25 31.07 31.40
N TYR I 61 9.62 32.23 30.87
CA TYR I 61 10.92 32.84 31.14
C TYR I 61 10.70 34.26 31.64
N TYR I 62 11.55 34.69 32.58
CA TYR I 62 11.24 35.86 33.38
C TYR I 62 12.47 36.74 33.50
N ALA I 63 12.24 38.05 33.58
CA ALA I 63 13.32 38.97 33.92
C ALA I 63 13.64 38.86 35.40
N ASP I 64 14.92 39.03 35.75
CA ASP I 64 15.35 38.86 37.13
C ASP I 64 14.84 39.96 38.04
N SER I 65 14.46 41.12 37.49
CA SER I 65 13.93 42.19 38.31
C SER I 65 12.54 41.86 38.84
N VAL I 66 11.73 41.18 38.02
CA VAL I 66 10.34 40.88 38.37
C VAL I 66 10.08 39.39 38.48
N LYS I 67 11.12 38.58 38.63
CA LYS I 67 10.93 37.14 38.78
C LYS I 67 10.32 36.82 40.13
N GLY I 68 9.29 35.98 40.12
CA GLY I 68 8.52 35.66 41.32
C GLY I 68 7.37 36.61 41.56
N ARG I 69 7.58 37.90 41.29
CA ARG I 69 6.50 38.88 41.42
C ARG I 69 5.48 38.72 40.31
N PHE I 70 5.91 38.30 39.14
CA PHE I 70 5.05 38.23 37.96
C PHE I 70 4.64 36.79 37.68
N THR I 71 3.51 36.64 36.99
CA THR I 71 3.01 35.32 36.62
C THR I 71 2.42 35.41 35.21
N ILE I 72 3.09 34.83 34.23
CA ILE I 72 2.59 34.86 32.86
C ILE I 72 1.84 33.57 32.58
N SER I 73 0.82 33.67 31.71
CA SER I 73 0.00 32.51 31.37
C SER I 73 -0.58 32.74 29.98
N ARG I 74 -1.25 31.72 29.46
CA ARG I 74 -1.98 31.87 28.21
C ARG I 74 -3.16 30.91 28.18
N ASP I 75 -4.27 31.37 27.61
CA ASP I 75 -5.45 30.55 27.36
C ASP I 75 -5.72 30.62 25.86
N ASN I 76 -5.40 29.54 25.16
CA ASN I 76 -5.50 29.53 23.70
C ASN I 76 -6.92 29.32 23.20
N SER I 77 -7.86 28.94 24.07
CA SER I 77 -9.25 28.77 23.64
C SER I 77 -9.86 30.09 23.23
N GLN I 78 -9.56 31.17 23.94
CA GLN I 78 -10.00 32.52 23.57
C GLN I 78 -8.90 33.32 22.90
N LYS I 79 -7.76 32.69 22.59
CA LYS I 79 -6.59 33.34 21.98
C LYS I 79 -6.10 34.52 22.82
N THR I 80 -5.93 34.27 24.12
CA THR I 80 -5.53 35.32 25.05
C THR I 80 -4.25 34.93 25.77
N ALA I 81 -3.45 35.94 26.09
CA ALA I 81 -2.30 35.81 26.98
C ALA I 81 -2.53 36.67 28.21
N TYR I 82 -1.96 36.25 29.34
CA TYR I 82 -2.27 36.86 30.61
C TYR I 82 -0.98 37.22 31.34
N LEU I 83 -0.96 38.40 31.96
CA LEU I 83 0.15 38.84 32.79
C LEU I 83 -0.39 39.23 34.16
N GLN I 84 0.07 38.54 35.20
CA GLN I 84 -0.35 38.81 36.56
C GLN I 84 0.77 39.53 37.30
N MET I 85 0.51 40.76 37.74
CA MET I 85 1.44 41.49 38.58
C MET I 85 0.97 41.41 40.03
N ASN I 86 1.86 40.94 40.91
CA ASN I 86 1.57 40.80 42.33
C ASN I 86 2.52 41.69 43.12
N SER I 87 1.94 42.47 44.04
CA SER I 87 2.67 43.37 44.94
C SER I 87 3.56 44.35 44.16
N LEU I 88 3.00 44.94 43.12
CA LEU I 88 3.75 45.89 42.30
C LEU I 88 4.02 47.17 43.06
N ARG I 89 5.21 47.73 42.87
CA ARG I 89 5.66 48.90 43.60
C ARG I 89 5.42 50.17 42.78
N THR I 90 5.94 51.29 43.27
CA THR I 90 5.62 52.59 42.69
C THR I 90 6.35 52.84 41.37
N ASP I 91 7.42 52.10 41.11
CA ASP I 91 8.16 52.27 39.86
C ASP I 91 7.61 51.43 38.72
N ASP I 92 6.50 50.70 38.96
CA ASP I 92 5.91 49.84 37.94
C ASP I 92 4.98 50.58 37.00
N THR I 93 4.76 51.88 37.21
CA THR I 93 3.97 52.67 36.26
C THR I 93 4.74 52.83 34.94
N ALA I 94 4.13 52.38 33.85
CA ALA I 94 4.79 52.26 32.56
C ALA I 94 3.75 51.92 31.50
N ARG I 95 4.19 51.95 30.25
CA ARG I 95 3.38 51.47 29.13
C ARG I 95 3.78 50.03 28.86
N TYR I 96 2.81 49.13 28.89
CA TYR I 96 3.04 47.70 28.77
C TYR I 96 2.54 47.23 27.41
N TYR I 97 3.38 46.46 26.72
CA TYR I 97 3.05 45.90 25.42
C TYR I 97 3.14 44.39 25.49
N CYS I 98 2.26 43.71 24.75
CA CYS I 98 2.41 42.31 24.44
C CYS I 98 2.87 42.20 22.99
N ALA I 99 3.92 41.43 22.77
CA ALA I 99 4.50 41.22 21.46
C ALA I 99 4.38 39.75 21.10
N GLU I 100 4.08 39.47 19.85
CA GLU I 100 3.79 38.12 19.40
C GLU I 100 4.85 37.72 18.37
N CYS I 101 5.85 36.97 18.82
CA CYS I 101 6.81 36.38 17.90
C CYS I 101 6.07 35.37 17.02
N PRO I 102 6.27 35.38 15.70
CA PRO I 102 5.60 34.42 14.81
C PRO I 102 6.28 33.05 14.80
N MET I 103 6.69 32.59 15.98
CA MET I 103 7.55 31.44 16.18
C MET I 103 7.13 30.75 17.47
N VAL I 104 7.36 29.44 17.55
CA VAL I 104 6.78 28.63 18.62
C VAL I 104 7.52 28.85 19.93
N LEU I 105 8.79 28.47 19.98
CA LEU I 105 9.56 28.57 21.21
C LEU I 105 10.06 29.99 21.42
N LEU I 106 10.01 30.45 22.66
CA LEU I 106 10.56 31.75 23.02
C LEU I 106 11.96 31.55 23.60
N ALA I 107 12.91 31.36 22.69
CA ALA I 107 14.32 31.30 23.03
C ALA I 107 15.10 32.41 22.35
N LYS I 108 14.97 32.54 21.03
CA LYS I 108 15.66 33.56 20.25
C LYS I 108 14.69 34.23 19.29
N CYS I 109 13.44 34.40 19.71
CA CYS I 109 12.44 34.90 18.78
C CYS I 109 12.55 36.41 18.62
N SER I 110 12.09 36.88 17.46
CA SER I 110 12.03 38.30 17.13
C SER I 110 10.59 38.79 17.28
N MET I 111 10.42 39.86 18.07
CA MET I 111 9.09 40.36 18.39
C MET I 111 8.57 41.16 17.20
N GLU I 112 7.86 40.47 16.31
CA GLU I 112 7.40 41.09 15.08
C GLU I 112 6.12 41.90 15.29
N PHE I 113 5.06 41.24 15.73
CA PHE I 113 3.75 41.86 15.85
C PHE I 113 3.58 42.43 17.26
N TRP I 114 3.14 43.68 17.33
CA TRP I 114 2.92 44.39 18.59
C TRP I 114 1.47 44.87 18.66
N GLY I 115 1.12 45.45 19.80
CA GLY I 115 -0.16 46.10 19.97
C GLY I 115 0.02 47.52 20.46
N PRO I 116 -1.09 48.24 20.63
CA PRO I 116 -1.00 49.61 21.16
C PRO I 116 -0.50 49.69 22.59
N GLY I 117 -0.66 48.63 23.39
CA GLY I 117 -0.25 48.63 24.76
C GLY I 117 -1.22 49.38 25.66
N VAL I 118 -1.05 49.19 26.97
CA VAL I 118 -1.86 49.91 27.95
C VAL I 118 -0.94 50.57 28.97
N GLU I 119 -1.33 51.76 29.43
CA GLU I 119 -0.55 52.51 30.39
C GLU I 119 -1.03 52.18 31.79
N VAL I 120 -0.16 51.56 32.60
CA VAL I 120 -0.47 51.20 33.97
C VAL I 120 0.17 52.24 34.88
N VAL I 121 -0.67 52.92 35.66
CA VAL I 121 -0.21 53.93 36.61
C VAL I 121 -0.38 53.36 38.02
N VAL I 122 0.64 53.55 38.85
CA VAL I 122 0.65 53.04 40.22
C VAL I 122 0.63 54.24 41.15
N SER I 123 -0.48 54.40 41.89
CA SER I 123 -0.63 55.51 42.81
C SER I 123 -1.62 55.17 43.92
#